data_3OWA
#
_entry.id   3OWA
#
_cell.length_a   75.613
_cell.length_b   98.028
_cell.length_c   107.743
_cell.angle_alpha   92.80
_cell.angle_beta   106.63
_cell.angle_gamma   105.30
#
_symmetry.space_group_name_H-M   'P 1'
#
loop_
_entity.id
_entity.type
_entity.pdbx_description
1 polymer 'Acyl-CoA dehydrogenase'
2 non-polymer 'FLAVIN-ADENINE DINUCLEOTIDE'
3 non-polymer 'PENTAETHYLENE GLYCOL'
4 non-polymer DI(HYDROXYETHYL)ETHER
5 non-polymer GLYCEROL
6 non-polymer 'SULFATE ION'
7 water water
#
_entity_poly.entity_id   1
_entity_poly.type   'polypeptide(L)'
_entity_poly.pdbx_seq_one_letter_code
;SNA(MSE)EKTVGNAVKGGSFLVDEITIDQVFTPEDFSSEHK(MSE)IAKTTEDFIVNEVLPELEYLEQHEFDRSVRLLK
EAGELGLLGADVPEEYGGIGLDKVSSALIAEKFSRAGGFAITHGAHVGIGSLPIVLFGNEEQKKKYLPLLATGEKLAAYA
LTEPGSGSDALGAKTTARLNAEGTHYVLNGEKQWITNSAFADVFIVYAKIDGEHFSAFIVEKDYAGVSTSPEEKK(MSE)
GIKCSSTRTLILEDALVPKENLLGEIGKGHIIAFNILNIGRYKLGVGTVGSAKRAVEISAQYANQRQQFKQPIARFPLIQ
EKLAN(MSE)AAKTYAAESSVYRTVGLFESR(MSE)STLSEEEVKDGKAVAASIAEYAIECSLNKVFGSEVLDYTVDEGV
QIHGGYGF(MSE)AEYEIER(MSE)YRDSRINRIFEGTNEINRLIVPGTFLRKA(MSE)KGELPLLQKAQKLQEEL
(MSE)(MSE)(MSE)(MSE)PEEVGDEPLALQKYLVNNAKKIGL(MSE)VAGLAAQKYGKALDKEQEILVNIADIVSNLY
A(MSE)ESAVLRTEKAIKTTGLEKNKQKVLYTEVFCQEAFNEIEAHAKETLIAVENGD(MSE)LR(MSE)(MSE)LSSLR
KLTRHTPLNVIPKKREIAAKILEDERYTV
;
_entity_poly.pdbx_strand_id   A,B,C,D
#
# COMPACT_ATOMS: atom_id res chain seq x y z
N ALA A 11 -8.50 31.29 -34.98
CA ALA A 11 -7.37 31.50 -34.02
C ALA A 11 -5.99 31.44 -34.71
N VAL A 12 -4.93 31.63 -33.91
CA VAL A 12 -3.54 31.71 -34.39
C VAL A 12 -2.89 30.31 -34.34
N LYS A 13 -2.20 29.91 -35.41
CA LYS A 13 -1.60 28.57 -35.43
C LYS A 13 -0.34 28.48 -34.59
N GLY A 14 -0.09 27.28 -34.05
CA GLY A 14 1.13 27.01 -33.31
C GLY A 14 2.36 27.20 -34.18
N GLY A 15 3.32 27.96 -33.67
CA GLY A 15 4.57 28.22 -34.37
C GLY A 15 4.51 29.32 -35.43
N SER A 16 3.32 29.89 -35.64
CA SER A 16 3.16 30.90 -36.68
C SER A 16 3.81 32.24 -36.34
N PHE A 17 4.03 32.49 -35.05
CA PHE A 17 4.75 33.70 -34.63
C PHE A 17 6.08 33.86 -35.37
N LEU A 18 6.66 32.75 -35.84
CA LEU A 18 7.94 32.79 -36.48
C LEU A 18 7.91 33.40 -37.89
N VAL A 19 6.72 33.45 -38.47
CA VAL A 19 6.55 33.67 -39.91
C VAL A 19 5.48 34.74 -40.22
N ASP A 20 4.64 35.06 -39.24
CA ASP A 20 3.54 36.00 -39.46
C ASP A 20 3.67 37.18 -38.51
N GLU A 21 3.10 38.29 -38.91
CA GLU A 21 3.21 39.53 -38.15
C GLU A 21 2.08 39.55 -37.12
N ILE A 22 2.31 38.92 -35.96
CA ILE A 22 1.27 38.82 -34.93
C ILE A 22 0.91 40.20 -34.36
N THR A 23 -0.37 40.37 -34.07
CA THR A 23 -0.95 41.66 -33.73
C THR A 23 -1.36 41.69 -32.25
N ILE A 24 -1.42 42.88 -31.64
CA ILE A 24 -1.81 43.01 -30.22
C ILE A 24 -3.13 42.33 -29.88
N ASP A 25 -4.05 42.31 -30.84
CA ASP A 25 -5.34 41.63 -30.69
C ASP A 25 -5.21 40.11 -30.65
N GLN A 26 -4.09 39.57 -31.13
CA GLN A 26 -3.89 38.12 -31.14
C GLN A 26 -3.06 37.60 -29.96
N VAL A 27 -2.82 38.45 -28.97
CA VAL A 27 -2.14 37.98 -27.75
C VAL A 27 -2.95 38.24 -26.50
N PHE A 28 -2.92 37.27 -25.60
CA PHE A 28 -3.47 37.41 -24.26
C PHE A 28 -2.36 37.87 -23.30
N THR A 29 -2.66 38.84 -22.43
CA THR A 29 -1.68 39.37 -21.49
C THR A 29 -2.27 39.43 -20.07
N PRO A 30 -1.43 39.56 -19.03
CA PRO A 30 -2.01 39.71 -17.70
C PRO A 30 -2.98 40.90 -17.57
N GLU A 31 -2.86 41.92 -18.44
CA GLU A 31 -3.78 43.08 -18.39
C GLU A 31 -5.20 42.69 -18.82
N ASP A 32 -5.31 41.55 -19.49
CA ASP A 32 -6.58 40.98 -19.90
C ASP A 32 -7.28 40.11 -18.83
N PHE A 33 -6.68 39.94 -17.64
CA PHE A 33 -7.31 39.18 -16.57
C PHE A 33 -8.66 39.81 -16.22
N SER A 34 -9.68 39.00 -15.98
CA SER A 34 -10.97 39.49 -15.47
C SER A 34 -10.92 39.64 -13.94
N SER A 35 -11.95 40.24 -13.34
CA SER A 35 -12.09 40.25 -11.88
C SER A 35 -12.16 38.83 -11.27
N GLU A 36 -12.76 37.88 -12.01
CA GLU A 36 -12.78 36.47 -11.62
C GLU A 36 -11.37 35.85 -11.48
N HIS A 37 -10.53 36.11 -12.48
CA HIS A 37 -9.15 35.64 -12.48
C HIS A 37 -8.42 36.20 -11.29
N LYS A 38 -8.60 37.50 -11.05
CA LYS A 38 -7.93 38.20 -9.96
C LYS A 38 -8.39 37.70 -8.60
N ILE A 40 -9.61 34.61 -7.96
CA ILE A 40 -9.14 33.26 -7.74
C ILE A 40 -7.66 33.35 -7.35
N ALA A 41 -6.93 34.29 -7.96
CA ALA A 41 -5.52 34.47 -7.62
C ALA A 41 -5.37 34.89 -6.15
N LYS A 42 -6.22 35.82 -5.69
CA LYS A 42 -6.20 36.24 -4.30
C LYS A 42 -6.63 35.13 -3.29
N THR A 43 -7.62 34.33 -3.65
CA THR A 43 -8.06 33.17 -2.85
C THR A 43 -6.93 32.18 -2.66
N THR A 44 -6.25 31.88 -3.75
CA THR A 44 -5.13 30.95 -3.68
C THR A 44 -4.02 31.53 -2.82
N GLU A 45 -3.61 32.76 -3.11
CA GLU A 45 -2.58 33.45 -2.34
C GLU A 45 -2.86 33.46 -0.84
N ASP A 46 -4.09 33.79 -0.45
CA ASP A 46 -4.47 33.79 0.97
C ASP A 46 -4.38 32.39 1.59
N PHE A 47 -4.88 31.39 0.88
CA PHE A 47 -4.70 30.01 1.31
C PHE A 47 -3.21 29.71 1.58
N ILE A 48 -2.35 29.94 0.59
CA ILE A 48 -0.91 29.64 0.71
C ILE A 48 -0.24 30.41 1.88
N VAL A 49 -0.51 31.72 1.97
CA VAL A 49 0.11 32.56 2.98
C VAL A 49 -0.46 32.25 4.38
N ASN A 50 -1.78 32.24 4.51
CA ASN A 50 -2.41 31.98 5.79
C ASN A 50 -2.29 30.52 6.28
N GLU A 51 -2.44 29.53 5.40
CA GLU A 51 -2.52 28.11 5.87
C GLU A 51 -1.27 27.30 5.63
N VAL A 52 -0.64 27.48 4.49
CA VAL A 52 0.48 26.63 4.12
C VAL A 52 1.82 27.05 4.71
N LEU A 53 2.13 28.35 4.60
CA LEU A 53 3.45 28.82 5.02
C LEU A 53 3.81 28.58 6.48
N PRO A 54 2.82 28.73 7.38
CA PRO A 54 3.13 28.44 8.76
C PRO A 54 3.55 26.98 8.98
N GLU A 55 3.25 26.07 8.05
CA GLU A 55 3.61 24.64 8.20
C GLU A 55 4.78 24.24 7.32
N LEU A 56 5.23 25.14 6.47
CA LEU A 56 6.18 24.72 5.42
C LEU A 56 7.44 24.06 6.01
N GLU A 57 7.90 24.58 7.15
N GLU A 57 7.90 24.55 7.14
CA GLU A 57 9.06 24.06 7.84
CA GLU A 57 9.11 24.03 7.78
C GLU A 57 8.90 22.58 8.20
C GLU A 57 8.92 22.57 8.23
N TYR A 58 7.69 22.20 8.61
CA TYR A 58 7.40 20.79 8.98
C TYR A 58 7.21 19.93 7.74
N LEU A 59 6.61 20.51 6.71
CA LEU A 59 6.58 19.78 5.43
C LEU A 59 7.98 19.43 4.96
N GLU A 60 8.94 20.37 5.08
CA GLU A 60 10.30 20.10 4.55
C GLU A 60 10.92 18.99 5.35
N GLN A 61 10.37 18.74 6.54
CA GLN A 61 10.88 17.61 7.36
C GLN A 61 10.09 16.36 7.10
N HIS A 62 9.31 16.34 6.02
CA HIS A 62 8.58 15.12 5.59
C HIS A 62 7.48 14.76 6.55
N GLU A 63 6.86 15.77 7.14
CA GLU A 63 5.68 15.49 7.90
C GLU A 63 4.48 15.46 6.95
N PHE A 64 4.31 14.33 6.25
CA PHE A 64 3.38 14.28 5.11
C PHE A 64 1.89 14.28 5.51
N ASP A 65 1.58 13.90 6.75
CA ASP A 65 0.27 14.05 7.27
C ASP A 65 -0.23 15.49 7.09
N ARG A 66 0.67 16.45 7.24
CA ARG A 66 0.30 17.89 7.12
C ARG A 66 0.05 18.24 5.67
N SER A 67 0.87 17.71 4.75
CA SER A 67 0.63 17.93 3.31
C SER A 67 -0.74 17.45 2.94
N VAL A 68 -1.07 16.23 3.39
CA VAL A 68 -2.39 15.65 3.08
C VAL A 68 -3.51 16.53 3.63
N ARG A 69 -3.38 16.92 4.88
CA ARG A 69 -4.43 17.76 5.46
C ARG A 69 -4.57 19.06 4.66
N LEU A 70 -3.44 19.69 4.34
CA LEU A 70 -3.46 20.93 3.56
C LEU A 70 -4.02 20.76 2.17
N LEU A 71 -3.68 19.65 1.52
CA LEU A 71 -4.26 19.35 0.22
C LEU A 71 -5.78 19.28 0.27
N LYS A 72 -6.33 18.61 1.29
CA LYS A 72 -7.77 18.48 1.43
C LYS A 72 -8.41 19.82 1.78
N GLU A 73 -7.72 20.66 2.53
CA GLU A 73 -8.24 22.02 2.77
C GLU A 73 -8.28 22.79 1.45
N ALA A 74 -7.20 22.71 0.66
CA ALA A 74 -7.19 23.23 -0.71
C ALA A 74 -8.33 22.67 -1.56
N GLY A 75 -8.58 21.36 -1.43
CA GLY A 75 -9.69 20.70 -2.12
C GLY A 75 -11.05 21.33 -1.81
N GLU A 76 -11.26 21.69 -0.55
CA GLU A 76 -12.50 22.33 -0.11
C GLU A 76 -12.67 23.71 -0.69
N LEU A 77 -11.57 24.32 -1.13
CA LEU A 77 -11.70 25.66 -1.71
C LEU A 77 -11.86 25.60 -3.24
N GLY A 78 -11.93 24.38 -3.78
CA GLY A 78 -12.01 24.21 -5.23
C GLY A 78 -10.66 24.26 -5.95
N LEU A 79 -9.57 24.44 -5.21
CA LEU A 79 -8.21 24.51 -5.81
C LEU A 79 -7.62 23.20 -6.37
N LEU A 80 -8.26 22.06 -6.12
CA LEU A 80 -7.82 20.83 -6.73
C LEU A 80 -8.68 20.40 -7.91
N GLY A 81 -9.75 21.12 -8.17
CA GLY A 81 -10.69 20.72 -9.20
C GLY A 81 -10.96 21.75 -10.29
N ALA A 82 -10.07 22.75 -10.43
CA ALA A 82 -10.25 23.82 -11.42
C ALA A 82 -10.26 23.32 -12.87
N ASP A 83 -9.44 22.30 -13.16
CA ASP A 83 -9.33 21.74 -14.51
C ASP A 83 -10.22 20.51 -14.69
N VAL A 84 -11.04 20.20 -13.70
CA VAL A 84 -11.99 19.08 -13.82
C VAL A 84 -13.39 19.63 -14.10
N PRO A 85 -14.04 19.16 -15.19
CA PRO A 85 -15.42 19.61 -15.49
C PRO A 85 -16.38 19.38 -14.31
N GLU A 86 -17.35 20.28 -14.22
CA GLU A 86 -18.43 20.20 -13.23
C GLU A 86 -19.20 18.87 -13.23
N GLU A 87 -19.40 18.28 -14.41
CA GLU A 87 -20.17 17.03 -14.48
C GLU A 87 -19.43 15.84 -13.89
N TYR A 88 -18.13 16.01 -13.64
CA TYR A 88 -17.36 14.97 -12.99
C TYR A 88 -16.94 15.39 -11.60
N GLY A 89 -17.60 16.40 -11.06
CA GLY A 89 -17.37 16.82 -9.69
C GLY A 89 -16.33 17.91 -9.55
N GLY A 90 -15.94 18.52 -10.66
CA GLY A 90 -14.95 19.59 -10.65
C GLY A 90 -15.63 20.94 -10.60
N ILE A 91 -14.85 22.01 -10.60
CA ILE A 91 -15.47 23.34 -10.69
C ILE A 91 -15.28 23.98 -12.07
N GLY A 92 -14.67 23.23 -12.97
CA GLY A 92 -14.53 23.64 -14.37
C GLY A 92 -14.15 25.08 -14.68
N LEU A 93 -13.05 25.58 -14.12
CA LEU A 93 -12.58 26.94 -14.45
C LEU A 93 -11.86 26.95 -15.81
N ASP A 94 -11.66 28.14 -16.37
CA ASP A 94 -10.88 28.28 -17.61
C ASP A 94 -9.36 28.10 -17.35
N LYS A 95 -8.58 28.03 -18.43
CA LYS A 95 -7.16 27.74 -18.30
C LYS A 95 -6.35 28.89 -17.65
N VAL A 96 -6.84 30.11 -17.78
CA VAL A 96 -6.21 31.25 -17.14
C VAL A 96 -6.27 31.13 -15.63
N SER A 97 -7.45 30.77 -15.12
CA SER A 97 -7.66 30.52 -13.71
C SER A 97 -6.73 29.44 -13.15
N SER A 98 -6.64 28.31 -13.81
CA SER A 98 -5.74 27.27 -13.28
C SER A 98 -4.23 27.59 -13.46
N ALA A 99 -3.90 28.49 -14.40
CA ALA A 99 -2.52 29.01 -14.48
C ALA A 99 -2.26 29.91 -13.28
N LEU A 100 -3.22 30.76 -12.95
CA LEU A 100 -3.05 31.66 -11.83
C LEU A 100 -2.96 30.89 -10.52
N ILE A 101 -3.69 29.77 -10.41
CA ILE A 101 -3.57 28.95 -9.23
C ILE A 101 -2.13 28.39 -9.09
N ALA A 102 -1.56 27.89 -10.20
CA ALA A 102 -0.17 27.40 -10.17
C ALA A 102 0.84 28.50 -9.86
N GLU A 103 0.62 29.69 -10.42
CA GLU A 103 1.50 30.80 -10.19
C GLU A 103 1.56 31.11 -8.69
N LYS A 104 0.42 31.17 -8.04
CA LYS A 104 0.37 31.49 -6.61
C LYS A 104 0.85 30.33 -5.72
N PHE A 105 0.61 29.09 -6.15
CA PHE A 105 1.18 27.93 -5.42
C PHE A 105 2.71 27.93 -5.31
N SER A 106 3.39 28.47 -6.33
CA SER A 106 4.87 28.57 -6.29
C SER A 106 5.45 29.21 -5.01
N ARG A 107 4.68 30.06 -4.34
CA ARG A 107 5.10 30.64 -3.07
C ARG A 107 5.46 29.55 -2.03
N ALA A 108 4.87 28.34 -2.17
CA ALA A 108 4.98 27.35 -1.14
C ALA A 108 6.07 26.33 -1.45
N GLY A 109 7.05 26.72 -2.27
CA GLY A 109 8.17 25.81 -2.58
C GLY A 109 7.70 24.47 -3.09
N GLY A 110 8.24 23.40 -2.51
CA GLY A 110 7.95 22.06 -2.96
C GLY A 110 6.49 21.66 -2.84
N PHE A 111 5.72 22.30 -1.96
CA PHE A 111 4.31 22.02 -1.95
C PHE A 111 3.64 22.36 -3.29
N ALA A 112 4.22 23.25 -4.09
CA ALA A 112 3.65 23.60 -5.41
C ALA A 112 3.83 22.39 -6.32
N ILE A 113 4.91 21.66 -6.08
CA ILE A 113 5.19 20.47 -6.86
C ILE A 113 4.20 19.40 -6.52
N THR A 114 3.93 19.24 -5.22
CA THR A 114 2.91 18.31 -4.74
C THR A 114 1.57 18.60 -5.37
N HIS A 115 1.15 19.86 -5.28
CA HIS A 115 -0.12 20.24 -5.82
C HIS A 115 -0.15 20.04 -7.35
N GLY A 116 0.87 20.52 -8.05
CA GLY A 116 0.96 20.42 -9.53
C GLY A 116 0.93 19.00 -10.04
N ALA A 117 1.62 18.08 -9.35
CA ALA A 117 1.61 16.67 -9.73
C ALA A 117 0.19 16.09 -9.51
N HIS A 118 -0.50 16.55 -8.47
CA HIS A 118 -1.85 16.07 -8.31
C HIS A 118 -2.80 16.58 -9.39
N VAL A 119 -2.85 17.90 -9.63
CA VAL A 119 -3.82 18.46 -10.55
C VAL A 119 -3.38 18.35 -12.02
N GLY A 120 -2.12 18.10 -12.28
CA GLY A 120 -1.62 18.16 -13.65
C GLY A 120 -1.36 16.73 -14.12
N ILE A 121 -0.12 16.31 -14.08
CA ILE A 121 0.26 15.04 -14.69
C ILE A 121 -0.51 13.86 -14.04
N GLY A 122 -0.90 13.98 -12.77
CA GLY A 122 -1.60 12.90 -12.09
C GLY A 122 -3.08 12.77 -12.46
N SER A 123 -3.81 13.88 -12.51
CA SER A 123 -5.26 13.84 -12.73
C SER A 123 -5.63 13.97 -14.20
N LEU A 124 -4.93 14.84 -14.92
CA LEU A 124 -5.26 15.15 -16.32
C LEU A 124 -5.25 13.95 -17.27
N PRO A 125 -4.43 12.93 -17.03
CA PRO A 125 -4.60 11.78 -17.95
C PRO A 125 -6.00 11.18 -17.93
N ILE A 126 -6.67 11.24 -16.79
CA ILE A 126 -8.05 10.73 -16.66
C ILE A 126 -9.02 11.76 -17.24
N VAL A 127 -8.81 13.03 -16.91
CA VAL A 127 -9.61 14.11 -17.50
C VAL A 127 -9.60 14.07 -19.04
N LEU A 128 -8.43 13.92 -19.62
CA LEU A 128 -8.27 14.04 -21.07
C LEU A 128 -8.45 12.74 -21.81
N PHE A 129 -8.08 11.61 -21.20
CA PHE A 129 -8.09 10.35 -21.91
C PHE A 129 -8.88 9.24 -21.26
N GLY A 130 -9.52 9.54 -20.13
CA GLY A 130 -10.35 8.52 -19.46
C GLY A 130 -11.65 8.29 -20.23
N ASN A 131 -12.18 7.06 -20.18
CA ASN A 131 -13.51 6.81 -20.72
C ASN A 131 -14.52 7.24 -19.68
N GLU A 132 -15.81 7.22 -20.06
CA GLU A 132 -16.87 7.77 -19.23
C GLU A 132 -16.87 7.14 -17.86
N GLU A 133 -16.68 5.83 -17.81
CA GLU A 133 -16.71 5.08 -16.56
C GLU A 133 -15.52 5.46 -15.66
N GLN A 134 -14.34 5.56 -16.23
CA GLN A 134 -13.14 6.01 -15.50
C GLN A 134 -13.30 7.42 -14.95
N LYS A 135 -13.84 8.34 -15.76
CA LYS A 135 -14.04 9.69 -15.27
C LYS A 135 -15.03 9.78 -14.12
N LYS A 136 -16.18 9.11 -14.23
CA LYS A 136 -17.18 9.22 -13.18
C LYS A 136 -16.74 8.56 -11.90
N LYS A 137 -15.95 7.50 -12.04
CA LYS A 137 -15.31 6.88 -10.90
C LYS A 137 -14.26 7.78 -10.23
N TYR A 138 -13.22 8.19 -10.96
CA TYR A 138 -12.02 8.75 -10.31
C TYR A 138 -12.10 10.26 -10.07
N LEU A 139 -12.64 11.00 -11.02
CA LEU A 139 -12.57 12.47 -10.98
C LEU A 139 -13.23 13.17 -9.78
N PRO A 140 -14.47 12.75 -9.38
CA PRO A 140 -15.12 13.42 -8.25
C PRO A 140 -14.26 13.40 -7.01
N LEU A 141 -13.48 12.34 -6.84
CA LEU A 141 -12.66 12.16 -5.68
C LEU A 141 -11.33 12.93 -5.81
N LEU A 142 -10.74 12.90 -7.01
CA LEU A 142 -9.51 13.63 -7.27
C LEU A 142 -9.76 15.14 -7.20
N ALA A 143 -10.93 15.56 -7.66
CA ALA A 143 -11.26 16.99 -7.69
C ALA A 143 -11.33 17.62 -6.30
N THR A 144 -11.65 16.83 -5.29
CA THR A 144 -11.75 17.38 -3.92
C THR A 144 -10.53 17.03 -3.08
N GLY A 145 -9.68 16.17 -3.62
CA GLY A 145 -8.51 15.75 -2.86
C GLY A 145 -8.83 14.59 -1.96
N GLU A 146 -10.05 14.08 -2.03
CA GLU A 146 -10.43 12.85 -1.30
C GLU A 146 -9.53 11.67 -1.70
N LYS A 147 -9.23 11.58 -2.98
N LYS A 147 -9.18 11.61 -2.98
CA LYS A 147 -8.12 10.78 -3.47
CA LYS A 147 -8.10 10.77 -3.45
C LYS A 147 -7.05 11.78 -3.93
C LYS A 147 -7.07 11.63 -4.16
N LEU A 148 -5.80 11.34 -3.92
CA LEU A 148 -4.67 12.11 -4.45
C LEU A 148 -3.97 11.32 -5.52
N ALA A 149 -3.49 12.01 -6.53
CA ALA A 149 -2.89 11.34 -7.71
C ALA A 149 -1.35 11.54 -7.87
N ALA A 150 -0.75 10.64 -8.63
CA ALA A 150 0.66 10.72 -9.00
C ALA A 150 0.78 10.17 -10.41
N TYR A 151 1.90 10.46 -11.05
CA TYR A 151 2.15 10.07 -12.43
C TYR A 151 3.45 9.28 -12.48
N ALA A 152 3.43 8.08 -13.04
CA ALA A 152 4.57 7.16 -12.90
C ALA A 152 5.03 6.68 -14.30
N LEU A 153 5.95 7.44 -14.89
CA LEU A 153 6.49 7.15 -16.21
C LEU A 153 7.98 6.74 -16.15
N THR A 154 8.79 7.58 -15.51
CA THR A 154 10.22 7.37 -15.41
C THR A 154 10.64 6.06 -14.75
N GLU A 155 11.72 5.46 -15.26
CA GLU A 155 12.32 4.29 -14.64
C GLU A 155 13.83 4.49 -14.42
N PRO A 156 14.48 3.59 -13.65
CA PRO A 156 15.94 3.79 -13.48
C PRO A 156 16.66 3.82 -14.83
N GLY A 157 16.19 3.00 -15.79
CA GLY A 157 16.87 2.86 -17.09
C GLY A 157 16.25 3.75 -18.16
N SER A 158 15.24 4.53 -17.80
CA SER A 158 14.56 5.34 -18.82
C SER A 158 14.04 6.66 -18.27
N GLY A 159 14.76 7.74 -18.56
CA GLY A 159 14.34 9.06 -18.15
C GLY A 159 13.98 9.90 -19.35
N SER A 160 14.98 10.45 -20.04
CA SER A 160 14.69 11.23 -21.25
C SER A 160 14.08 10.32 -22.31
N ASP A 161 14.59 9.10 -22.42
CA ASP A 161 14.04 8.06 -23.30
C ASP A 161 12.90 7.30 -22.60
N ALA A 162 11.79 7.98 -22.44
CA ALA A 162 10.73 7.54 -21.57
C ALA A 162 9.97 6.33 -22.15
N LEU A 163 10.05 6.11 -23.47
CA LEU A 163 9.39 4.96 -24.10
C LEU A 163 10.23 3.69 -23.99
N GLY A 164 11.46 3.82 -23.47
CA GLY A 164 12.28 2.67 -23.13
C GLY A 164 11.88 1.98 -21.81
N ALA A 165 10.72 2.33 -21.24
CA ALA A 165 10.23 1.67 -20.02
C ALA A 165 10.34 0.15 -20.11
N LYS A 166 10.80 -0.47 -19.04
CA LYS A 166 10.94 -1.94 -18.96
C LYS A 166 9.84 -2.61 -18.07
N THR A 167 9.05 -1.83 -17.35
CA THR A 167 7.86 -2.39 -16.67
C THR A 167 6.93 -3.11 -17.66
N THR A 168 6.57 -4.35 -17.34
CA THR A 168 5.70 -5.17 -18.16
C THR A 168 4.30 -5.34 -17.58
N ALA A 169 3.36 -5.68 -18.45
CA ALA A 169 2.00 -5.94 -18.09
C ALA A 169 1.49 -7.13 -18.92
N ARG A 170 0.90 -8.10 -18.24
CA ARG A 170 0.43 -9.30 -18.89
C ARG A 170 -0.91 -9.70 -18.34
N LEU A 171 -1.89 -9.89 -19.20
N LEU A 171 -1.85 -9.93 -19.23
CA LEU A 171 -3.22 -10.33 -18.84
CA LEU A 171 -3.17 -10.45 -18.87
C LEU A 171 -3.15 -11.70 -18.18
C LEU A 171 -3.01 -11.71 -18.08
N ASN A 172 -3.78 -11.82 -17.00
CA ASN A 172 -3.78 -13.08 -16.24
C ASN A 172 -4.58 -14.17 -16.99
N ALA A 173 -4.45 -15.43 -16.54
CA ALA A 173 -5.21 -16.58 -17.10
C ALA A 173 -6.71 -16.28 -17.29
N GLU A 174 -7.33 -15.67 -16.27
CA GLU A 174 -8.77 -15.36 -16.31
C GLU A 174 -9.15 -14.25 -17.29
N GLY A 175 -8.18 -13.44 -17.71
CA GLY A 175 -8.44 -12.31 -18.62
C GLY A 175 -9.10 -11.14 -17.90
N THR A 176 -9.00 -11.12 -16.58
CA THR A 176 -9.69 -10.10 -15.80
C THR A 176 -8.78 -8.94 -15.34
N HIS A 177 -7.49 -9.21 -15.19
CA HIS A 177 -6.52 -8.25 -14.63
C HIS A 177 -5.22 -8.29 -15.38
N TYR A 178 -4.60 -7.13 -15.56
CA TYR A 178 -3.20 -7.05 -15.98
C TYR A 178 -2.33 -7.25 -14.77
N VAL A 179 -1.27 -8.02 -14.96
CA VAL A 179 -0.25 -8.33 -13.94
C VAL A 179 0.99 -7.48 -14.26
N LEU A 180 1.27 -6.49 -13.41
CA LEU A 180 2.37 -5.54 -13.71
C LEU A 180 3.64 -5.83 -12.89
N ASN A 181 4.78 -5.78 -13.56
CA ASN A 181 6.06 -5.96 -12.89
C ASN A 181 7.07 -4.94 -13.32
N GLY A 182 7.68 -4.30 -12.34
CA GLY A 182 8.75 -3.32 -12.59
C GLY A 182 8.82 -2.26 -11.50
N GLU A 183 9.60 -1.21 -11.76
CA GLU A 183 9.82 -0.15 -10.78
C GLU A 183 9.81 1.17 -11.50
N LYS A 184 9.09 2.11 -10.95
CA LYS A 184 9.02 3.44 -11.53
C LYS A 184 9.77 4.34 -10.58
N GLN A 185 10.61 5.21 -11.11
CA GLN A 185 11.52 5.98 -10.28
C GLN A 185 11.14 7.46 -10.11
N TRP A 186 11.30 7.99 -8.91
CA TRP A 186 11.16 9.44 -8.62
C TRP A 186 9.71 9.91 -8.76
N ILE A 187 8.78 9.16 -8.17
CA ILE A 187 7.37 9.44 -8.38
C ILE A 187 6.91 10.41 -7.32
N THR A 188 6.63 11.63 -7.73
CA THR A 188 6.16 12.66 -6.83
C THR A 188 4.83 12.25 -6.21
N ASN A 189 4.63 12.55 -4.91
CA ASN A 189 3.39 12.24 -4.19
C ASN A 189 3.27 10.78 -3.74
N SER A 190 4.30 9.99 -3.95
CA SER A 190 4.22 8.54 -3.64
C SER A 190 3.89 8.18 -2.23
N ALA A 191 4.27 8.99 -1.26
CA ALA A 191 3.96 8.69 0.15
C ALA A 191 2.47 8.69 0.48
N PHE A 192 1.69 9.46 -0.26
CA PHE A 192 0.31 9.57 0.07
C PHE A 192 -0.64 9.48 -1.15
N ALA A 193 -0.14 9.22 -2.37
CA ALA A 193 -1.04 9.12 -3.51
C ALA A 193 -1.90 7.85 -3.39
N ASP A 194 -3.15 7.97 -3.78
CA ASP A 194 -4.09 6.84 -3.83
C ASP A 194 -4.11 6.23 -5.20
N VAL A 195 -3.79 7.05 -6.20
CA VAL A 195 -3.94 6.65 -7.58
C VAL A 195 -2.69 7.00 -8.35
N PHE A 196 -2.19 6.05 -9.13
CA PHE A 196 -0.96 6.29 -9.95
C PHE A 196 -1.26 5.99 -11.43
N ILE A 197 -0.93 6.92 -12.30
CA ILE A 197 -1.01 6.69 -13.74
C ILE A 197 0.30 6.03 -14.12
N VAL A 198 0.28 4.74 -14.39
CA VAL A 198 1.51 3.98 -14.60
C VAL A 198 1.65 3.55 -16.08
N TYR A 199 2.84 3.68 -16.65
CA TYR A 199 3.06 3.23 -18.02
C TYR A 199 3.83 1.94 -17.99
N ALA A 200 3.42 0.98 -18.83
CA ALA A 200 4.04 -0.35 -18.84
C ALA A 200 3.85 -0.93 -20.24
N LYS A 201 4.66 -1.91 -20.62
CA LYS A 201 4.52 -2.52 -21.94
C LYS A 201 3.77 -3.85 -21.84
N ILE A 202 2.56 -3.89 -22.42
CA ILE A 202 1.76 -5.13 -22.48
C ILE A 202 2.51 -6.19 -23.26
N ASP A 203 2.69 -7.37 -22.67
CA ASP A 203 3.56 -8.44 -23.19
C ASP A 203 4.98 -7.98 -23.49
N GLY A 204 5.39 -6.90 -22.84
CA GLY A 204 6.73 -6.37 -23.02
C GLY A 204 6.92 -5.74 -24.38
N GLU A 205 5.80 -5.39 -25.03
CA GLU A 205 5.82 -4.92 -26.40
C GLU A 205 5.08 -3.59 -26.57
N HIS A 206 3.86 -3.50 -26.04
CA HIS A 206 2.94 -2.42 -26.37
C HIS A 206 2.82 -1.41 -25.21
N PHE A 207 3.43 -0.25 -25.42
CA PHE A 207 3.58 0.79 -24.42
C PHE A 207 2.21 1.39 -24.14
N SER A 208 1.75 1.26 -22.89
CA SER A 208 0.36 1.55 -22.53
C SER A 208 0.23 2.20 -21.13
N ALA A 209 -0.85 2.94 -20.88
CA ALA A 209 -1.03 3.58 -19.58
C ALA A 209 -2.10 2.87 -18.79
N PHE A 210 -1.98 2.88 -17.46
CA PHE A 210 -2.91 2.17 -16.56
C PHE A 210 -3.22 3.02 -15.36
N ILE A 211 -4.47 2.98 -14.91
CA ILE A 211 -4.81 3.60 -13.62
C ILE A 211 -4.60 2.54 -12.55
N VAL A 212 -3.67 2.82 -11.63
CA VAL A 212 -3.27 1.83 -10.66
C VAL A 212 -3.53 2.44 -9.29
N GLU A 213 -4.39 1.79 -8.51
CA GLU A 213 -4.62 2.20 -7.13
C GLU A 213 -3.54 1.67 -6.19
N LYS A 214 -3.14 2.52 -5.24
N LYS A 214 -3.13 2.50 -5.24
CA LYS A 214 -2.16 2.14 -4.21
CA LYS A 214 -2.12 2.08 -4.26
C LYS A 214 -2.55 0.84 -3.50
C LYS A 214 -2.53 0.82 -3.49
N ASP A 215 -3.84 0.67 -3.25
CA ASP A 215 -4.35 -0.51 -2.53
C ASP A 215 -4.46 -1.81 -3.35
N TYR A 216 -4.14 -1.77 -4.64
CA TYR A 216 -4.14 -3.02 -5.44
C TYR A 216 -3.03 -3.94 -4.91
N ALA A 217 -3.26 -5.24 -5.01
CA ALA A 217 -2.29 -6.23 -4.61
C ALA A 217 -0.99 -6.01 -5.38
N GLY A 218 0.14 -6.14 -4.69
CA GLY A 218 1.48 -6.18 -5.30
C GLY A 218 2.06 -4.77 -5.51
N VAL A 219 1.42 -3.74 -4.93
CA VAL A 219 1.90 -2.36 -5.07
C VAL A 219 2.56 -1.87 -3.78
N SER A 220 3.77 -1.32 -3.88
CA SER A 220 4.46 -0.73 -2.70
C SER A 220 5.40 0.37 -3.11
N THR A 221 6.06 0.96 -2.13
CA THR A 221 7.01 2.04 -2.41
C THR A 221 8.33 1.87 -1.65
N SER A 222 9.38 2.49 -2.17
CA SER A 222 10.68 2.51 -1.47
C SER A 222 10.65 3.62 -0.42
N PRO A 223 11.71 3.73 0.38
CA PRO A 223 11.87 4.88 1.23
C PRO A 223 11.95 6.21 0.41
N GLU A 224 11.66 7.33 1.06
CA GLU A 224 11.88 8.66 0.45
C GLU A 224 13.29 8.87 -0.09
N GLU A 225 13.42 9.54 -1.22
CA GLU A 225 14.73 10.00 -1.69
C GLU A 225 15.24 11.15 -0.84
N LYS A 226 16.56 11.27 -0.75
N LYS A 226 16.56 11.27 -0.73
CA LYS A 226 17.23 12.44 -0.14
CA LYS A 226 17.18 12.46 -0.12
C LYS A 226 17.59 13.41 -1.24
C LYS A 226 17.58 13.40 -1.22
N LYS A 227 17.00 14.60 -1.24
CA LYS A 227 17.08 15.44 -2.41
C LYS A 227 17.77 16.75 -2.09
N GLY A 229 16.71 19.78 -3.09
CA GLY A 229 15.70 20.81 -2.86
C GLY A 229 14.31 20.22 -3.00
N ILE A 230 13.29 21.09 -3.09
CA ILE A 230 11.87 20.65 -2.98
C ILE A 230 11.71 19.50 -1.98
N LYS A 231 12.36 19.65 -0.86
CA LYS A 231 12.39 18.59 0.15
C LYS A 231 11.03 18.21 0.71
N CYS A 232 10.07 19.12 0.70
CA CYS A 232 8.78 18.74 1.19
C CYS A 232 7.92 18.01 0.14
N SER A 233 8.38 17.84 -1.10
CA SER A 233 7.67 16.97 -2.03
C SER A 233 8.05 15.49 -1.80
N SER A 234 7.07 14.60 -1.67
CA SER A 234 7.36 13.18 -1.48
C SER A 234 7.89 12.59 -2.79
N THR A 235 8.97 11.79 -2.74
CA THR A 235 9.56 11.29 -3.95
C THR A 235 10.07 9.88 -3.67
N ARG A 236 9.44 8.84 -4.24
CA ARG A 236 9.83 7.46 -3.96
C ARG A 236 9.79 6.64 -5.21
N THR A 237 10.31 5.42 -5.14
CA THR A 237 10.16 4.51 -6.24
C THR A 237 8.84 3.76 -6.03
N LEU A 238 8.06 3.58 -7.07
CA LEU A 238 6.86 2.72 -7.03
C LEU A 238 7.23 1.31 -7.42
N ILE A 239 6.99 0.35 -6.53
CA ILE A 239 7.46 -1.04 -6.79
C ILE A 239 6.24 -1.91 -7.17
N LEU A 240 6.30 -2.54 -8.34
CA LEU A 240 5.22 -3.35 -8.84
C LEU A 240 5.67 -4.81 -8.91
N GLU A 241 5.13 -5.63 -8.02
CA GLU A 241 5.50 -7.05 -7.90
C GLU A 241 4.22 -7.88 -8.08
N ASP A 242 3.98 -8.31 -9.32
CA ASP A 242 2.70 -8.88 -9.71
C ASP A 242 1.54 -7.99 -9.22
N ALA A 243 1.66 -6.68 -9.47
CA ALA A 243 0.60 -5.71 -9.15
C ALA A 243 -0.61 -6.04 -10.03
N LEU A 244 -1.80 -6.09 -9.44
CA LEU A 244 -3.00 -6.59 -10.15
C LEU A 244 -3.88 -5.44 -10.47
N VAL A 245 -4.06 -5.19 -11.75
CA VAL A 245 -4.79 -4.02 -12.20
C VAL A 245 -5.98 -4.47 -13.05
N PRO A 246 -7.22 -4.12 -12.66
CA PRO A 246 -8.38 -4.54 -13.45
C PRO A 246 -8.22 -4.16 -14.91
N LYS A 247 -8.66 -5.04 -15.81
N LYS A 247 -8.66 -5.05 -15.79
CA LYS A 247 -8.54 -4.81 -17.25
CA LYS A 247 -8.58 -4.86 -17.23
C LYS A 247 -9.16 -3.48 -17.67
C LYS A 247 -9.17 -3.50 -17.66
N GLU A 248 -10.23 -3.07 -16.99
CA GLU A 248 -10.93 -1.84 -17.32
C GLU A 248 -10.18 -0.57 -16.85
N ASN A 249 -9.06 -0.76 -16.13
CA ASN A 249 -8.20 0.36 -15.76
C ASN A 249 -7.16 0.70 -16.79
N LEU A 250 -7.11 -0.05 -17.89
CA LEU A 250 -6.32 0.39 -19.03
C LEU A 250 -6.78 1.81 -19.48
N LEU A 251 -5.83 2.73 -19.61
CA LEU A 251 -6.13 4.11 -19.99
C LEU A 251 -5.78 4.33 -21.47
N GLY A 252 -6.77 4.65 -22.30
CA GLY A 252 -6.52 4.83 -23.73
C GLY A 252 -6.39 3.47 -24.41
N GLU A 253 -5.65 3.40 -25.50
CA GLU A 253 -5.61 2.17 -26.29
C GLU A 253 -4.30 1.46 -26.06
N ILE A 254 -4.35 0.12 -26.16
CA ILE A 254 -3.15 -0.72 -26.08
C ILE A 254 -2.08 -0.27 -27.08
N GLY A 255 -0.86 -0.05 -26.58
CA GLY A 255 0.25 0.32 -27.44
C GLY A 255 0.26 1.79 -27.83
N LYS A 256 -0.70 2.58 -27.35
CA LYS A 256 -0.75 3.99 -27.69
C LYS A 256 -0.53 4.87 -26.45
N GLY A 257 0.27 4.35 -25.51
CA GLY A 257 0.62 5.10 -24.30
C GLY A 257 1.37 6.39 -24.64
N HIS A 258 2.11 6.40 -25.76
CA HIS A 258 2.89 7.59 -26.18
C HIS A 258 2.03 8.82 -26.46
N ILE A 259 0.82 8.58 -26.95
CA ILE A 259 -0.10 9.67 -27.22
C ILE A 259 -0.49 10.41 -25.91
N ILE A 260 -0.73 9.64 -24.86
CA ILE A 260 -1.01 10.24 -23.54
C ILE A 260 0.23 10.98 -23.00
N ALA A 261 1.40 10.31 -23.07
CA ALA A 261 2.61 10.84 -22.48
C ALA A 261 3.01 12.15 -23.15
N PHE A 262 2.87 12.20 -24.48
CA PHE A 262 3.25 13.37 -25.24
C PHE A 262 2.30 14.54 -24.94
N ASN A 263 1.00 14.25 -24.87
CA ASN A 263 0.04 15.30 -24.62
C ASN A 263 0.15 15.86 -23.20
N ILE A 264 0.34 14.98 -22.23
CA ILE A 264 0.50 15.39 -20.85
C ILE A 264 1.76 16.28 -20.65
N LEU A 265 2.82 15.91 -21.35
CA LEU A 265 4.09 16.62 -21.32
C LEU A 265 3.92 18.10 -21.68
N ASN A 266 3.12 18.38 -22.71
CA ASN A 266 2.90 19.76 -23.15
C ASN A 266 2.30 20.59 -22.04
N ILE A 267 1.36 20.01 -21.33
CA ILE A 267 0.66 20.70 -20.26
C ILE A 267 1.62 20.92 -19.10
N GLY A 268 2.37 19.88 -18.76
CA GLY A 268 3.41 19.94 -17.71
C GLY A 268 4.45 21.03 -17.93
N ARG A 269 4.85 21.16 -19.19
CA ARG A 269 5.75 22.17 -19.66
C ARG A 269 5.27 23.58 -19.42
N TYR A 270 4.09 23.93 -19.93
CA TYR A 270 3.68 25.31 -19.71
C TYR A 270 3.30 25.58 -18.24
N LYS A 271 2.78 24.58 -17.56
CA LYS A 271 2.44 24.74 -16.16
C LYS A 271 3.68 25.02 -15.31
N LEU A 272 4.77 24.31 -15.60
N LEU A 272 4.77 24.30 -15.60
CA LEU A 272 6.04 24.59 -14.95
CA LEU A 272 6.05 24.56 -14.99
C LEU A 272 6.52 26.00 -15.28
C LEU A 272 6.51 25.99 -15.28
N GLY A 273 6.36 26.42 -16.54
CA GLY A 273 6.62 27.80 -16.94
C GLY A 273 5.89 28.80 -16.05
N VAL A 274 4.59 28.62 -15.89
CA VAL A 274 3.81 29.50 -15.02
C VAL A 274 4.40 29.48 -13.60
N GLY A 275 4.68 28.28 -13.08
CA GLY A 275 5.24 28.14 -11.74
C GLY A 275 6.56 28.91 -11.58
N THR A 276 7.47 28.77 -12.55
CA THR A 276 8.78 29.43 -12.40
C THR A 276 8.59 30.96 -12.44
N VAL A 277 7.54 31.40 -13.11
CA VAL A 277 7.29 32.83 -13.22
C VAL A 277 6.85 33.35 -11.87
N GLY A 278 6.02 32.60 -11.16
CA GLY A 278 5.61 32.98 -9.79
C GLY A 278 6.81 33.04 -8.86
N SER A 279 7.71 32.06 -8.96
CA SER A 279 8.88 32.08 -8.13
C SER A 279 9.83 33.21 -8.46
N ALA A 280 9.98 33.54 -9.74
CA ALA A 280 10.87 34.62 -10.09
C ALA A 280 10.35 35.94 -9.55
N LYS A 281 9.03 36.12 -9.56
CA LYS A 281 8.45 37.32 -8.98
C LYS A 281 8.68 37.39 -7.49
N ARG A 282 8.60 36.25 -6.81
CA ARG A 282 8.84 36.24 -5.38
C ARG A 282 10.32 36.56 -5.06
N ALA A 283 11.23 36.02 -5.87
CA ALA A 283 12.64 36.30 -5.69
C ALA A 283 12.92 37.80 -5.87
N VAL A 284 12.30 38.42 -6.87
CA VAL A 284 12.47 39.86 -7.05
C VAL A 284 12.03 40.59 -5.79
N GLU A 285 10.86 40.21 -5.29
CA GLU A 285 10.26 40.85 -4.14
C GLU A 285 11.11 40.77 -2.87
N ILE A 286 11.54 39.56 -2.51
CA ILE A 286 12.35 39.42 -1.31
C ILE A 286 13.74 40.03 -1.43
N SER A 287 14.28 40.07 -2.64
CA SER A 287 15.55 40.70 -2.89
C SER A 287 15.43 42.21 -2.80
N ALA A 288 14.32 42.78 -3.26
CA ALA A 288 14.13 44.23 -3.23
C ALA A 288 13.90 44.64 -1.79
N GLN A 289 13.12 43.86 -1.05
CA GLN A 289 12.91 44.17 0.37
C GLN A 289 14.24 44.08 1.14
N TYR A 290 15.03 43.04 0.86
CA TYR A 290 16.33 42.89 1.53
C TYR A 290 17.28 44.04 1.22
N ALA A 291 17.37 44.43 -0.04
CA ALA A 291 18.24 45.54 -0.47
C ALA A 291 17.90 46.87 0.21
N ASN A 292 16.62 47.15 0.40
CA ASN A 292 16.19 48.35 1.15
C ASN A 292 16.54 48.32 2.65
N GLN A 293 16.67 47.14 3.25
N GLN A 293 16.69 47.11 3.20
CA GLN A 293 16.91 47.09 4.71
CA GLN A 293 16.83 46.90 4.65
C GLN A 293 18.37 46.90 5.08
C GLN A 293 18.30 46.81 5.08
N ARG A 294 19.10 46.13 4.26
CA ARG A 294 20.50 45.84 4.57
C ARG A 294 21.37 47.06 4.31
N GLN A 295 22.06 47.56 5.34
CA GLN A 295 23.02 48.64 5.15
C GLN A 295 24.45 48.11 5.22
N GLN A 296 25.28 48.59 4.30
CA GLN A 296 26.74 48.49 4.39
C GLN A 296 27.29 49.85 3.93
N PHE A 297 28.43 50.24 4.49
CA PHE A 297 29.04 51.55 4.15
C PHE A 297 28.02 52.66 4.43
N LYS A 298 27.27 52.48 5.51
CA LYS A 298 26.28 53.43 6.03
C LYS A 298 25.16 53.87 5.06
N GLN A 299 24.81 53.00 4.11
CA GLN A 299 23.59 53.20 3.32
C GLN A 299 22.95 51.86 2.94
N PRO A 300 21.66 51.88 2.62
CA PRO A 300 21.01 50.67 2.09
C PRO A 300 21.74 50.21 0.83
N ILE A 301 21.97 48.91 0.71
CA ILE A 301 22.73 48.42 -0.44
C ILE A 301 21.89 48.65 -1.68
N ALA A 302 20.62 48.95 -1.44
CA ALA A 302 19.74 49.41 -2.51
C ALA A 302 20.32 50.65 -3.27
N ARG A 303 21.17 51.43 -2.60
N ARG A 303 21.16 51.44 -2.60
CA ARG A 303 21.75 52.65 -3.20
CA ARG A 303 21.74 52.66 -3.20
C ARG A 303 22.90 52.32 -4.15
C ARG A 303 22.85 52.30 -4.20
N PHE A 304 23.36 51.08 -4.12
CA PHE A 304 24.48 50.69 -5.01
C PHE A 304 24.05 50.31 -6.42
N PRO A 305 24.60 50.98 -7.44
CA PRO A 305 24.24 50.67 -8.81
C PRO A 305 24.35 49.19 -9.16
N LEU A 306 25.35 48.47 -8.65
CA LEU A 306 25.46 47.03 -8.99
C LEU A 306 24.29 46.22 -8.46
N ILE A 307 23.79 46.56 -7.27
CA ILE A 307 22.59 45.96 -6.71
C ILE A 307 21.36 46.33 -7.56
N GLN A 308 21.28 47.60 -7.94
CA GLN A 308 20.19 48.08 -8.79
C GLN A 308 20.21 47.34 -10.14
N GLU A 309 21.39 47.18 -10.71
CA GLU A 309 21.52 46.48 -11.97
C GLU A 309 21.02 45.01 -11.87
N LYS A 310 21.40 44.29 -10.82
CA LYS A 310 20.92 42.91 -10.64
C LYS A 310 19.39 42.89 -10.57
N LEU A 311 18.80 43.77 -9.77
CA LEU A 311 17.34 43.84 -9.68
C LEU A 311 16.65 44.12 -11.01
N ALA A 312 17.21 45.02 -11.81
CA ALA A 312 16.63 45.35 -13.11
C ALA A 312 16.72 44.20 -14.12
N ASN A 313 17.82 43.45 -14.11
CA ASN A 313 17.96 42.31 -14.98
C ASN A 313 16.94 41.26 -14.58
N ALA A 315 14.09 41.65 -12.99
CA ALA A 315 12.72 42.10 -13.27
C ALA A 315 12.40 42.10 -14.76
N ALA A 316 13.38 42.46 -15.61
CA ALA A 316 13.16 42.51 -17.04
C ALA A 316 13.00 41.12 -17.65
N LYS A 317 13.86 40.19 -17.27
CA LYS A 317 13.65 38.77 -17.61
C LYS A 317 12.32 38.23 -17.13
N THR A 318 11.93 38.56 -15.90
CA THR A 318 10.65 38.06 -15.36
C THR A 318 9.47 38.63 -16.17
N TYR A 319 9.56 39.89 -16.57
CA TYR A 319 8.52 40.51 -17.42
C TYR A 319 8.46 39.72 -18.72
N ALA A 320 9.61 39.44 -19.33
CA ALA A 320 9.55 38.71 -20.60
C ALA A 320 9.00 37.30 -20.40
N ALA A 321 9.36 36.63 -19.30
CA ALA A 321 8.84 35.29 -19.01
C ALA A 321 7.33 35.29 -18.75
N GLU A 322 6.89 36.23 -17.90
CA GLU A 322 5.48 36.33 -17.58
C GLU A 322 4.67 36.62 -18.85
N SER A 323 5.15 37.55 -19.69
CA SER A 323 4.46 37.87 -20.94
C SER A 323 4.35 36.66 -21.86
N SER A 324 5.44 35.94 -22.06
CA SER A 324 5.40 34.85 -23.02
C SER A 324 4.61 33.62 -22.51
N VAL A 325 4.63 33.38 -21.20
CA VAL A 325 3.88 32.26 -20.61
C VAL A 325 2.35 32.48 -20.72
N TYR A 326 1.87 33.66 -20.34
CA TYR A 326 0.44 33.94 -20.40
C TYR A 326 -0.09 34.09 -21.82
N ARG A 327 0.79 34.47 -22.73
CA ARG A 327 0.52 34.42 -24.15
C ARG A 327 0.16 33.00 -24.53
N THR A 328 0.99 32.02 -24.14
CA THR A 328 0.71 30.64 -24.46
C THR A 328 -0.60 30.15 -23.83
N VAL A 329 -0.82 30.50 -22.55
CA VAL A 329 -2.05 30.14 -21.85
C VAL A 329 -3.25 30.72 -22.62
N GLY A 330 -3.12 31.99 -23.03
CA GLY A 330 -4.10 32.63 -23.91
C GLY A 330 -4.37 31.93 -25.23
N LEU A 331 -3.35 31.37 -25.88
CA LEU A 331 -3.55 30.62 -27.14
C LEU A 331 -4.40 29.37 -26.91
N PHE A 332 -4.08 28.67 -25.83
CA PHE A 332 -4.84 27.50 -25.39
C PHE A 332 -6.32 27.91 -25.16
N GLU A 333 -6.55 28.97 -24.39
CA GLU A 333 -7.92 29.45 -24.09
C GLU A 333 -8.71 29.84 -25.33
N SER A 334 -8.06 30.44 -26.32
CA SER A 334 -8.79 30.87 -27.50
C SER A 334 -9.04 29.70 -28.47
N ARG A 335 -8.27 28.62 -28.31
CA ARG A 335 -8.53 27.42 -29.08
C ARG A 335 -9.68 26.64 -28.42
N SER A 337 -12.14 28.11 -26.88
CA SER A 337 -13.35 28.88 -27.22
C SER A 337 -14.19 28.25 -28.33
N THR A 338 -13.53 27.57 -29.26
CA THR A 338 -14.18 26.93 -30.40
C THR A 338 -15.05 25.74 -29.99
N LEU A 339 -14.69 25.12 -28.88
CA LEU A 339 -15.24 23.84 -28.48
C LEU A 339 -16.63 23.88 -27.83
N SER A 340 -17.54 23.06 -28.36
CA SER A 340 -18.84 22.79 -27.73
C SER A 340 -18.64 22.07 -26.39
N GLU A 341 -19.71 22.00 -25.60
CA GLU A 341 -19.67 21.40 -24.26
C GLU A 341 -19.46 19.88 -24.31
N GLU A 342 -19.91 19.24 -25.40
CA GLU A 342 -19.66 17.82 -25.64
C GLU A 342 -18.17 17.53 -25.90
N GLU A 343 -17.51 18.43 -26.65
CA GLU A 343 -16.07 18.28 -26.97
C GLU A 343 -15.17 18.45 -25.73
N VAL A 344 -15.42 19.48 -24.94
CA VAL A 344 -14.70 19.73 -23.69
C VAL A 344 -14.87 18.54 -22.74
N LYS A 345 -16.10 18.06 -22.62
CA LYS A 345 -16.42 16.90 -21.78
C LYS A 345 -15.61 15.66 -22.15
N ASP A 346 -15.51 15.38 -23.45
CA ASP A 346 -14.74 14.24 -23.93
C ASP A 346 -13.24 14.38 -23.65
N GLY A 347 -12.67 15.56 -23.88
CA GLY A 347 -11.27 15.81 -23.48
C GLY A 347 -10.23 15.64 -24.58
N LYS A 348 -10.54 14.82 -25.59
CA LYS A 348 -9.65 14.69 -26.73
C LYS A 348 -9.41 16.07 -27.41
N ALA A 349 -10.46 16.86 -27.55
CA ALA A 349 -10.32 18.18 -28.16
C ALA A 349 -9.58 19.19 -27.26
N VAL A 350 -9.71 19.08 -25.94
CA VAL A 350 -8.94 19.91 -25.00
C VAL A 350 -7.45 19.60 -25.19
N ALA A 351 -7.10 18.33 -25.19
CA ALA A 351 -5.70 17.91 -25.43
C ALA A 351 -5.12 18.47 -26.75
N ALA A 352 -5.89 18.37 -27.85
CA ALA A 352 -5.46 18.92 -29.13
C ALA A 352 -5.36 20.44 -29.12
N SER A 353 -6.19 21.11 -28.32
CA SER A 353 -6.17 22.58 -28.22
C SER A 353 -4.87 23.10 -27.64
N ILE A 354 -4.19 22.27 -26.84
CA ILE A 354 -2.87 22.65 -26.34
C ILE A 354 -1.74 22.04 -27.15
N ALA A 355 -1.91 20.80 -27.61
CA ALA A 355 -0.88 20.15 -28.43
C ALA A 355 -0.53 21.03 -29.65
N GLU A 356 -1.51 21.80 -30.13
CA GLU A 356 -1.32 22.77 -31.24
C GLU A 356 -0.14 23.69 -30.92
N TYR A 357 0.00 24.00 -29.63
CA TYR A 357 1.04 24.92 -29.18
C TYR A 357 2.20 24.25 -28.46
N ALA A 358 2.55 23.04 -28.89
CA ALA A 358 3.68 22.30 -28.27
C ALA A 358 4.96 23.12 -28.32
N ILE A 359 5.18 23.88 -29.40
CA ILE A 359 6.40 24.68 -29.51
C ILE A 359 6.47 25.75 -28.42
N GLU A 360 5.44 26.57 -28.33
CA GLU A 360 5.32 27.58 -27.30
C GLU A 360 5.46 26.99 -25.87
N CYS A 361 4.89 25.80 -25.64
CA CYS A 361 5.00 25.14 -24.30
C CYS A 361 6.44 24.81 -23.95
N SER A 362 7.18 24.25 -24.90
N SER A 362 7.16 24.27 -24.93
CA SER A 362 8.59 23.91 -24.69
CA SER A 362 8.56 23.90 -24.78
C SER A 362 9.43 25.16 -24.48
C SER A 362 9.42 25.13 -24.51
N LEU A 363 9.18 26.20 -25.28
CA LEU A 363 9.86 27.48 -25.07
C LEU A 363 9.63 28.06 -23.67
N ASN A 364 8.40 28.04 -23.21
CA ASN A 364 8.04 28.57 -21.89
C ASN A 364 8.76 27.81 -20.81
N LYS A 365 8.79 26.49 -20.96
CA LYS A 365 9.42 25.68 -19.96
C LYS A 365 10.92 25.99 -19.82
N VAL A 366 11.63 26.04 -20.95
CA VAL A 366 13.05 26.31 -20.93
C VAL A 366 13.29 27.74 -20.52
N PHE A 367 12.52 28.67 -21.09
CA PHE A 367 12.80 30.08 -20.82
C PHE A 367 12.48 30.40 -19.37
N GLY A 368 11.33 29.92 -18.88
CA GLY A 368 10.94 30.17 -17.47
C GLY A 368 11.91 29.56 -16.47
N SER A 369 12.30 28.30 -16.70
CA SER A 369 13.19 27.67 -15.74
C SER A 369 14.56 28.39 -15.70
N GLU A 370 15.05 28.86 -16.85
CA GLU A 370 16.33 29.60 -16.91
C GLU A 370 16.27 31.01 -16.35
N VAL A 371 15.17 31.69 -16.56
CA VAL A 371 15.00 32.98 -15.93
C VAL A 371 14.94 32.82 -14.40
N LEU A 372 14.23 31.79 -13.90
CA LEU A 372 14.14 31.59 -12.45
C LEU A 372 15.55 31.22 -11.94
N ASP A 373 16.25 30.36 -12.68
CA ASP A 373 17.62 29.99 -12.27
C ASP A 373 18.49 31.27 -12.03
N TYR A 374 18.42 32.21 -12.96
CA TYR A 374 19.17 33.45 -12.86
C TYR A 374 18.66 34.30 -11.69
N THR A 375 17.35 34.43 -11.54
CA THR A 375 16.82 35.28 -10.47
C THR A 375 17.13 34.75 -9.07
N VAL A 376 17.10 33.43 -8.84
CA VAL A 376 17.40 32.97 -7.48
C VAL A 376 18.90 33.07 -7.25
N ASP A 377 19.69 32.95 -8.30
CA ASP A 377 21.10 33.07 -8.13
C ASP A 377 21.48 34.55 -7.79
N GLU A 378 20.83 35.53 -8.43
CA GLU A 378 21.20 36.89 -8.09
C GLU A 378 20.57 37.24 -6.76
N GLY A 379 19.47 36.57 -6.43
CA GLY A 379 18.81 36.85 -5.14
C GLY A 379 19.68 36.38 -4.00
N VAL A 380 20.30 35.22 -4.16
CA VAL A 380 21.25 34.83 -3.20
C VAL A 380 22.42 35.81 -3.09
N GLN A 381 23.00 36.24 -4.23
CA GLN A 381 24.14 37.14 -4.23
C GLN A 381 23.78 38.48 -3.55
N ILE A 382 22.60 38.98 -3.83
CA ILE A 382 22.14 40.21 -3.15
C ILE A 382 22.09 40.06 -1.61
N HIS A 383 21.73 38.87 -1.13
CA HIS A 383 21.67 38.58 0.31
C HIS A 383 23.07 38.31 0.90
N GLY A 384 24.06 38.06 0.05
CA GLY A 384 25.37 37.73 0.57
C GLY A 384 25.37 36.40 1.31
N GLY A 385 26.14 36.32 2.40
CA GLY A 385 26.23 35.11 3.23
C GLY A 385 24.86 34.67 3.77
N TYR A 386 23.92 35.61 3.95
CA TYR A 386 22.57 35.21 4.40
C TYR A 386 21.86 34.33 3.36
N GLY A 387 22.22 34.52 2.08
CA GLY A 387 21.63 33.74 1.02
C GLY A 387 22.02 32.27 1.11
N PHE A 388 23.03 31.97 1.93
CA PHE A 388 23.59 30.61 2.02
C PHE A 388 23.09 29.97 3.32
N ALA A 390 20.10 28.46 5.81
CA ALA A 390 18.76 27.80 5.68
C ALA A 390 17.65 28.65 6.32
N GLU A 391 18.03 29.54 7.22
CA GLU A 391 17.05 30.45 7.82
C GLU A 391 16.41 31.43 6.78
N TYR A 392 17.02 31.56 5.61
CA TYR A 392 16.49 32.56 4.64
C TYR A 392 15.72 31.89 3.51
N GLU A 393 14.59 32.49 3.14
CA GLU A 393 13.71 31.99 2.09
C GLU A 393 14.47 31.84 0.75
N ILE A 394 15.36 32.77 0.44
CA ILE A 394 16.06 32.68 -0.88
C ILE A 394 16.95 31.45 -0.96
N GLU A 395 17.43 30.98 0.18
CA GLU A 395 18.30 29.82 0.19
C GLU A 395 17.53 28.54 -0.26
N ARG A 396 16.31 28.40 0.24
CA ARG A 396 15.43 27.28 -0.20
C ARG A 396 15.02 27.39 -1.66
N TYR A 398 16.71 28.85 -4.05
CA TYR A 398 17.89 28.51 -4.83
C TYR A 398 17.98 27.01 -5.05
N ARG A 399 17.83 26.24 -3.96
CA ARG A 399 17.89 24.74 -4.06
C ARG A 399 16.69 24.16 -4.81
N ASP A 400 15.49 24.71 -4.62
CA ASP A 400 14.31 24.15 -5.26
C ASP A 400 14.39 24.35 -6.77
N SER A 401 14.99 25.46 -7.22
CA SER A 401 14.93 25.87 -8.61
C SER A 401 15.63 24.85 -9.50
N ARG A 402 16.68 24.24 -8.97
CA ARG A 402 17.66 23.54 -9.87
C ARG A 402 17.00 22.39 -10.69
N ILE A 403 15.98 21.78 -10.10
CA ILE A 403 15.34 20.60 -10.71
C ILE A 403 14.46 21.04 -11.88
N ASN A 404 14.06 22.31 -11.93
CA ASN A 404 13.12 22.68 -12.96
C ASN A 404 13.76 22.57 -14.34
N ARG A 405 15.09 22.62 -14.42
CA ARG A 405 15.75 22.52 -15.75
C ARG A 405 15.88 21.09 -16.20
N ILE A 406 15.37 20.19 -15.36
CA ILE A 406 15.50 18.76 -15.60
C ILE A 406 14.13 18.13 -15.80
N PHE A 407 13.17 18.42 -14.93
N PHE A 407 13.15 18.63 -15.01
CA PHE A 407 11.92 17.71 -15.11
CA PHE A 407 11.73 18.28 -15.09
C PHE A 407 10.94 18.41 -16.08
C PHE A 407 11.10 18.44 -16.43
N GLU A 408 10.09 17.60 -16.70
CA GLU A 408 9.23 17.90 -17.89
C GLU A 408 10.06 17.93 -19.16
N GLY A 409 11.04 17.01 -19.22
CA GLY A 409 11.98 17.03 -20.35
C GLY A 409 13.13 17.94 -19.95
N THR A 410 14.37 17.46 -20.00
CA THR A 410 15.51 18.31 -19.64
C THR A 410 15.48 19.47 -20.62
N ASN A 411 16.05 20.62 -20.24
CA ASN A 411 16.08 21.71 -21.20
C ASN A 411 16.81 21.35 -22.50
N GLU A 412 17.74 20.40 -22.45
CA GLU A 412 18.41 19.98 -23.71
C GLU A 412 17.37 19.34 -24.64
N ILE A 413 16.57 18.42 -24.10
CA ILE A 413 15.63 17.69 -24.94
C ILE A 413 14.57 18.67 -25.47
N ASN A 414 14.06 19.53 -24.58
CA ASN A 414 13.13 20.59 -24.96
C ASN A 414 13.66 21.51 -26.05
N ARG A 415 14.95 21.80 -26.05
CA ARG A 415 15.59 22.58 -27.10
C ARG A 415 15.70 21.80 -28.40
N LEU A 416 16.14 20.55 -28.31
CA LEU A 416 16.36 19.73 -29.48
C LEU A 416 15.10 19.46 -30.30
N ILE A 417 13.95 19.45 -29.65
CA ILE A 417 12.73 19.13 -30.37
C ILE A 417 12.12 20.33 -31.08
N VAL A 418 12.47 21.54 -30.67
CA VAL A 418 11.91 22.74 -31.29
C VAL A 418 12.13 22.85 -32.85
N PRO A 419 13.38 22.77 -33.33
CA PRO A 419 13.51 22.91 -34.79
C PRO A 419 12.77 21.84 -35.59
N GLY A 420 12.81 20.59 -35.14
CA GLY A 420 12.14 19.47 -35.83
C GLY A 420 10.64 19.61 -35.86
N THR A 421 10.06 20.08 -34.75
CA THR A 421 8.65 20.44 -34.69
C THR A 421 8.26 21.49 -35.75
N PHE A 422 9.08 22.53 -35.91
CA PHE A 422 8.87 23.49 -37.00
C PHE A 422 8.88 22.82 -38.37
N LEU A 423 9.88 21.97 -38.60
CA LEU A 423 10.04 21.29 -39.90
C LEU A 423 8.90 20.29 -40.18
N ARG A 424 8.42 19.62 -39.14
CA ARG A 424 7.31 18.68 -39.27
C ARG A 424 6.02 19.42 -39.60
N LYS A 425 5.85 20.63 -39.06
CA LYS A 425 4.70 21.44 -39.38
C LYS A 425 4.76 21.99 -40.82
N ALA A 426 5.98 22.20 -41.33
CA ALA A 426 6.19 22.61 -42.72
C ALA A 426 5.84 21.47 -43.70
N LYS A 428 3.65 18.85 -43.03
CA LYS A 428 2.20 18.63 -42.97
C LYS A 428 1.38 19.81 -43.53
N GLY A 429 2.05 20.88 -43.96
CA GLY A 429 1.38 22.02 -44.58
C GLY A 429 0.73 23.02 -43.66
N GLU A 430 0.96 22.88 -42.35
CA GLU A 430 0.43 23.82 -41.34
C GLU A 430 1.14 25.16 -41.34
N LEU A 431 2.43 25.16 -41.69
CA LEU A 431 3.22 26.37 -41.74
C LEU A 431 3.89 26.52 -43.10
N PRO A 432 3.72 27.70 -43.71
CA PRO A 432 4.28 27.98 -45.04
C PRO A 432 5.77 28.32 -44.99
N LEU A 433 6.56 27.40 -44.42
CA LEU A 433 7.99 27.65 -44.15
C LEU A 433 8.88 27.75 -45.41
N LEU A 434 8.71 26.82 -46.35
CA LEU A 434 9.46 26.86 -47.62
C LEU A 434 9.13 28.14 -48.39
N GLN A 435 7.82 28.39 -48.55
CA GLN A 435 7.29 29.55 -49.27
C GLN A 435 7.67 30.89 -48.62
N LYS A 436 8.02 30.84 -47.33
CA LYS A 436 8.42 32.03 -46.58
C LYS A 436 9.95 32.22 -46.55
N ALA A 437 10.65 31.08 -46.63
CA ALA A 437 12.12 31.05 -46.70
C ALA A 437 12.63 31.57 -48.04
N GLN A 438 11.82 31.43 -49.09
CA GLN A 438 12.20 31.87 -50.43
C GLN A 438 11.89 33.34 -50.67
N LYS A 439 10.86 33.85 -50.00
CA LYS A 439 10.56 35.28 -50.00
C LYS A 439 11.74 36.09 -49.41
N LEU A 440 12.31 35.58 -48.31
CA LEU A 440 13.43 36.24 -47.61
C LEU A 440 14.73 36.21 -48.43
N GLN A 441 14.99 35.11 -49.13
CA GLN A 441 16.15 35.01 -50.03
C GLN A 441 16.18 36.12 -51.08
N GLU A 442 15.01 36.54 -51.56
CA GLU A 442 14.89 37.69 -52.49
C GLU A 442 15.10 39.04 -51.81
N GLU A 443 14.42 39.26 -50.69
CA GLU A 443 14.48 40.55 -49.99
C GLU A 443 15.87 40.90 -49.47
N LEU A 444 16.68 39.86 -49.24
CA LEU A 444 18.09 40.01 -48.84
C LEU A 444 18.93 40.58 -49.96
N GLU A 451 14.59 54.30 -42.36
CA GLU A 451 15.30 53.92 -41.13
C GLU A 451 14.42 53.03 -40.24
N VAL A 452 14.07 53.52 -39.05
CA VAL A 452 13.33 52.74 -38.04
C VAL A 452 11.83 53.11 -37.94
N GLY A 453 11.53 54.37 -37.61
CA GLY A 453 10.14 54.78 -37.38
C GLY A 453 10.02 55.67 -36.15
N ASP A 454 8.80 56.17 -35.90
CA ASP A 454 8.58 57.22 -34.89
C ASP A 454 7.78 56.80 -33.64
N GLU A 455 6.92 55.80 -33.79
CA GLU A 455 6.06 55.33 -32.68
C GLU A 455 6.86 54.81 -31.48
N PRO A 456 6.25 54.82 -30.27
CA PRO A 456 6.89 54.12 -29.15
C PRO A 456 7.15 52.66 -29.53
N LEU A 457 8.28 52.08 -29.12
CA LEU A 457 8.59 50.68 -29.43
C LEU A 457 9.01 50.42 -30.89
N ALA A 458 9.19 51.49 -31.67
CA ALA A 458 9.60 51.37 -33.07
C ALA A 458 10.83 50.47 -33.24
N LEU A 459 11.87 50.75 -32.47
CA LEU A 459 13.10 49.98 -32.55
C LEU A 459 12.88 48.50 -32.17
N GLN A 460 12.10 48.25 -31.14
CA GLN A 460 11.91 46.88 -30.64
C GLN A 460 11.08 46.04 -31.62
N LYS A 461 10.07 46.67 -32.24
CA LYS A 461 9.31 46.03 -33.30
C LYS A 461 10.19 45.68 -34.48
N TYR A 462 11.15 46.56 -34.77
CA TYR A 462 12.09 46.34 -35.84
C TYR A 462 13.00 45.14 -35.54
N LEU A 463 13.52 45.04 -34.32
CA LEU A 463 14.36 43.91 -33.96
C LEU A 463 13.60 42.58 -33.96
N VAL A 464 12.35 42.62 -33.51
CA VAL A 464 11.52 41.43 -33.49
C VAL A 464 11.34 40.88 -34.92
N ASN A 465 10.98 41.77 -35.85
CA ASN A 465 10.87 41.42 -37.27
C ASN A 465 12.17 40.84 -37.85
N ASN A 466 13.28 41.49 -37.56
CA ASN A 466 14.57 41.00 -38.08
C ASN A 466 15.02 39.69 -37.44
N ALA A 467 14.64 39.50 -36.18
CA ALA A 467 14.94 38.24 -35.46
C ALA A 467 14.25 37.07 -36.15
N LYS A 468 13.02 37.29 -36.60
CA LYS A 468 12.27 36.26 -37.32
C LYS A 468 12.98 35.84 -38.60
N LYS A 469 13.41 36.83 -39.37
CA LYS A 469 14.19 36.62 -40.59
C LYS A 469 15.50 35.87 -40.33
N ILE A 470 16.21 36.25 -39.25
CA ILE A 470 17.48 35.60 -38.90
C ILE A 470 17.23 34.12 -38.54
N GLY A 471 16.22 33.85 -37.72
CA GLY A 471 15.87 32.47 -37.38
C GLY A 471 15.55 31.62 -38.60
N LEU A 472 14.70 32.17 -39.47
N LEU A 472 14.70 32.18 -39.47
CA LEU A 472 14.34 31.51 -40.72
CA LEU A 472 14.32 31.50 -40.71
C LEU A 472 15.55 31.26 -41.60
C LEU A 472 15.53 31.27 -41.62
N VAL A 474 18.78 31.05 -40.84
CA VAL A 474 19.72 30.14 -40.23
C VAL A 474 19.15 28.72 -40.24
N ALA A 475 17.88 28.60 -39.85
CA ALA A 475 17.22 27.29 -39.85
C ALA A 475 17.15 26.74 -41.29
N GLY A 476 16.81 27.61 -42.24
CA GLY A 476 16.74 27.18 -43.64
C GLY A 476 18.10 26.69 -44.14
N LEU A 477 19.14 27.45 -43.82
CA LEU A 477 20.47 27.12 -44.28
C LEU A 477 20.99 25.82 -43.72
N ALA A 478 20.71 25.58 -42.44
CA ALA A 478 21.13 24.36 -41.75
C ALA A 478 20.39 23.13 -42.30
N ALA A 479 19.09 23.28 -42.55
CA ALA A 479 18.29 22.18 -43.10
C ALA A 479 18.73 21.85 -44.52
N GLN A 480 18.87 22.88 -45.36
CA GLN A 480 19.37 22.66 -46.72
C GLN A 480 20.78 22.04 -46.75
N LYS A 481 21.56 22.29 -45.71
CA LYS A 481 22.93 21.75 -45.63
C LYS A 481 23.00 20.28 -45.19
N TYR A 482 22.29 19.91 -44.13
CA TYR A 482 22.41 18.54 -43.58
C TYR A 482 21.28 17.64 -43.98
N GLY A 483 20.17 18.25 -44.41
CA GLY A 483 18.98 17.51 -44.82
C GLY A 483 18.27 16.79 -43.71
N LYS A 484 17.96 15.51 -43.96
CA LYS A 484 17.34 14.64 -42.98
C LYS A 484 18.30 14.28 -41.85
N ALA A 485 19.59 14.57 -42.02
CA ALA A 485 20.57 14.21 -41.00
C ALA A 485 20.87 15.38 -40.05
N LEU A 486 20.07 16.44 -40.15
CA LEU A 486 20.18 17.59 -39.28
C LEU A 486 19.99 17.23 -37.80
N ASP A 487 19.27 16.13 -37.55
CA ASP A 487 19.00 15.63 -36.20
C ASP A 487 20.24 15.28 -35.42
N LYS A 488 21.32 14.90 -36.10
CA LYS A 488 22.60 14.62 -35.43
C LYS A 488 23.43 15.85 -35.08
N GLU A 489 23.14 16.99 -35.70
CA GLU A 489 23.88 18.23 -35.46
C GLU A 489 23.30 18.99 -34.26
N GLN A 490 23.48 18.44 -33.08
CA GLN A 490 22.77 18.95 -31.88
C GLN A 490 23.11 20.39 -31.50
N GLU A 491 24.38 20.76 -31.62
CA GLU A 491 24.83 22.12 -31.27
C GLU A 491 24.10 23.18 -32.08
N ILE A 492 23.96 22.92 -33.38
CA ILE A 492 23.22 23.79 -34.30
C ILE A 492 21.73 23.86 -33.95
N LEU A 493 21.12 22.69 -33.68
CA LEU A 493 19.69 22.62 -33.31
C LEU A 493 19.40 23.49 -32.09
N VAL A 494 20.30 23.46 -31.12
CA VAL A 494 20.13 24.21 -29.90
C VAL A 494 20.28 25.74 -30.14
N ASN A 495 21.17 26.13 -31.06
CA ASN A 495 21.27 27.54 -31.48
C ASN A 495 19.97 28.06 -32.09
N ILE A 496 19.36 27.24 -32.93
CA ILE A 496 18.12 27.59 -33.60
C ILE A 496 17.03 27.68 -32.54
N ALA A 497 16.97 26.69 -31.67
CA ALA A 497 16.00 26.68 -30.55
C ALA A 497 16.16 27.90 -29.66
N ASP A 498 17.39 28.31 -29.40
CA ASP A 498 17.66 29.50 -28.57
C ASP A 498 17.24 30.79 -29.29
N ILE A 499 17.49 30.84 -30.61
CA ILE A 499 16.98 31.95 -31.39
C ILE A 499 15.45 32.06 -31.30
N VAL A 500 14.77 30.93 -31.51
CA VAL A 500 13.32 30.95 -31.53
C VAL A 500 12.81 31.34 -30.13
N SER A 501 13.47 30.82 -29.09
CA SER A 501 13.04 31.11 -27.74
C SER A 501 13.18 32.62 -27.43
N ASN A 502 14.34 33.19 -27.75
CA ASN A 502 14.55 34.61 -27.54
C ASN A 502 13.56 35.45 -28.33
N LEU A 503 13.32 35.05 -29.57
CA LEU A 503 12.32 35.73 -30.40
C LEU A 503 10.89 35.77 -29.80
N TYR A 504 10.44 34.61 -29.34
CA TYR A 504 9.12 34.49 -28.68
C TYR A 504 9.00 35.35 -27.43
N ALA A 505 10.02 35.35 -26.60
CA ALA A 505 10.01 36.21 -25.42
C ALA A 505 10.02 37.72 -25.79
N GLU A 507 9.03 39.17 -28.69
CA GLU A 507 7.73 39.54 -29.29
C GLU A 507 6.62 39.64 -28.25
N SER A 508 6.60 38.70 -27.30
CA SER A 508 5.60 38.70 -26.22
C SER A 508 5.71 39.97 -25.38
N ALA A 509 6.94 40.35 -25.03
CA ALA A 509 7.19 41.58 -24.31
C ALA A 509 6.76 42.82 -25.14
N VAL A 510 7.13 42.84 -26.42
CA VAL A 510 6.79 43.98 -27.30
C VAL A 510 5.28 44.17 -27.41
N LEU A 511 4.59 43.06 -27.73
CA LEU A 511 3.16 43.11 -28.00
C LEU A 511 2.39 43.43 -26.75
N ARG A 512 2.82 42.88 -25.62
CA ARG A 512 2.15 43.19 -24.35
C ARG A 512 2.29 44.67 -24.00
N THR A 513 3.48 45.22 -24.21
CA THR A 513 3.73 46.63 -23.92
C THR A 513 2.92 47.51 -24.92
N GLU A 514 2.95 47.13 -26.19
CA GLU A 514 2.20 47.82 -27.24
C GLU A 514 0.71 47.84 -26.91
N LYS A 515 0.18 46.68 -26.53
CA LYS A 515 -1.22 46.60 -26.11
C LYS A 515 -1.54 47.52 -24.92
N ALA A 516 -0.65 47.53 -23.92
CA ALA A 516 -0.83 48.37 -22.74
C ALA A 516 -0.89 49.85 -23.11
N ILE A 517 0.01 50.26 -23.98
CA ILE A 517 0.09 51.64 -24.43
C ILE A 517 -1.25 52.04 -25.05
N LYS A 518 -1.73 51.22 -25.98
CA LYS A 518 -2.97 51.47 -26.69
C LYS A 518 -4.17 51.37 -25.78
N THR A 519 -3.97 50.77 -24.62
CA THR A 519 -5.04 50.60 -23.65
C THR A 519 -5.07 51.67 -22.54
N THR A 520 -3.90 52.00 -22.01
CA THR A 520 -3.80 52.85 -20.80
C THR A 520 -2.79 54.03 -20.94
N GLY A 521 -2.17 54.16 -22.12
CA GLY A 521 -1.28 55.30 -22.39
C GLY A 521 0.20 55.04 -22.20
N LEU A 522 1.03 56.02 -22.58
CA LEU A 522 2.47 55.91 -22.51
C LEU A 522 2.95 56.13 -21.09
N GLU A 523 2.43 57.19 -20.48
CA GLU A 523 2.84 57.64 -19.16
C GLU A 523 2.66 56.59 -18.08
N LYS A 524 1.57 55.84 -18.16
CA LYS A 524 1.32 54.81 -17.15
C LYS A 524 2.09 53.50 -17.42
N ASN A 525 2.59 53.32 -18.64
CA ASN A 525 3.29 52.08 -19.01
C ASN A 525 4.79 52.20 -19.20
N LYS A 526 5.38 53.17 -18.48
CA LYS A 526 6.80 53.47 -18.53
C LYS A 526 7.69 52.27 -18.15
N GLN A 527 7.33 51.59 -17.08
CA GLN A 527 8.06 50.40 -16.60
C GLN A 527 8.05 49.29 -17.66
N LYS A 528 6.91 49.01 -18.27
CA LYS A 528 6.90 48.02 -19.35
C LYS A 528 7.80 48.39 -20.52
N VAL A 529 7.79 49.68 -20.90
CA VAL A 529 8.59 50.13 -22.03
C VAL A 529 10.07 49.88 -21.74
N LEU A 530 10.48 50.24 -20.52
CA LEU A 530 11.84 50.05 -20.04
C LEU A 530 12.27 48.57 -20.04
N TYR A 531 11.45 47.70 -19.48
CA TYR A 531 11.74 46.25 -19.47
C TYR A 531 11.95 45.81 -20.89
N THR A 532 11.06 46.26 -21.77
CA THR A 532 11.05 45.87 -23.18
C THR A 532 12.29 46.30 -23.95
N GLU A 533 12.69 47.58 -23.80
CA GLU A 533 13.90 48.10 -24.45
C GLU A 533 15.16 47.33 -24.05
N VAL A 534 15.27 47.13 -22.74
CA VAL A 534 16.43 46.53 -22.14
C VAL A 534 16.49 45.02 -22.48
N PHE A 535 15.36 44.32 -22.35
CA PHE A 535 15.37 42.89 -22.63
C PHE A 535 15.63 42.64 -24.14
N CYS A 536 14.95 43.41 -24.98
CA CYS A 536 15.10 43.25 -26.43
C CYS A 536 16.52 43.45 -26.92
N GLN A 537 17.17 44.50 -26.43
CA GLN A 537 18.53 44.77 -26.80
C GLN A 537 19.43 43.57 -26.49
N GLU A 538 19.35 43.07 -25.26
CA GLU A 538 20.20 41.94 -24.86
C GLU A 538 19.84 40.60 -25.49
N ALA A 539 18.55 40.31 -25.62
CA ALA A 539 18.10 39.07 -26.27
C ALA A 539 18.45 39.07 -27.76
N PHE A 540 18.34 40.23 -28.40
CA PHE A 540 18.72 40.37 -29.82
C PHE A 540 20.21 40.18 -30.05
N ASN A 541 21.03 40.76 -29.15
CA ASN A 541 22.46 40.44 -29.07
C ASN A 541 22.76 38.94 -29.00
N GLU A 542 22.10 38.21 -28.10
CA GLU A 542 22.24 36.74 -28.08
C GLU A 542 21.84 36.06 -29.40
N ILE A 543 20.72 36.49 -29.97
CA ILE A 543 20.27 35.96 -31.28
C ILE A 543 21.35 36.08 -32.33
N GLU A 544 21.94 37.27 -32.41
CA GLU A 544 23.03 37.54 -33.34
C GLU A 544 24.20 36.60 -33.14
N ALA A 545 24.61 36.40 -31.90
CA ALA A 545 25.72 35.47 -31.61
C ALA A 545 25.38 34.01 -31.94
N HIS A 546 24.15 33.59 -31.65
CA HIS A 546 23.71 32.22 -32.01
C HIS A 546 23.71 32.01 -33.52
N ALA A 547 23.29 33.04 -34.26
CA ALA A 547 23.25 32.96 -35.72
C ALA A 547 24.65 32.87 -36.31
N LYS A 548 25.56 33.74 -35.84
CA LYS A 548 26.95 33.72 -36.28
C LYS A 548 27.59 32.35 -36.09
N GLU A 549 27.44 31.77 -34.90
CA GLU A 549 28.00 30.44 -34.61
C GLU A 549 27.45 29.38 -35.55
N THR A 550 26.14 29.46 -35.81
CA THR A 550 25.51 28.51 -36.73
C THR A 550 25.98 28.72 -38.18
N LEU A 551 26.10 29.97 -38.64
CA LEU A 551 26.56 30.25 -40.03
C LEU A 551 27.99 29.74 -40.25
N ILE A 552 28.87 29.98 -39.28
CA ILE A 552 30.23 29.51 -39.33
C ILE A 552 30.35 27.99 -39.32
N ALA A 553 29.41 27.30 -38.68
CA ALA A 553 29.44 25.85 -38.61
C ALA A 553 28.86 25.24 -39.89
N VAL A 554 28.14 26.05 -40.64
CA VAL A 554 27.34 25.53 -41.75
C VAL A 554 27.92 25.87 -43.12
N GLU A 555 28.72 26.94 -43.20
CA GLU A 555 29.29 27.39 -44.46
C GLU A 555 30.73 27.87 -44.29
N ASN A 556 31.43 28.08 -45.41
CA ASN A 556 32.81 28.61 -45.38
C ASN A 556 33.22 29.47 -46.58
N GLY A 557 34.38 30.13 -46.45
CA GLY A 557 34.94 30.97 -47.50
C GLY A 557 34.03 32.11 -47.95
N ASP A 558 33.91 32.25 -49.26
CA ASP A 558 33.15 33.33 -49.92
C ASP A 558 31.64 33.27 -49.60
N LEU A 560 30.29 31.94 -47.01
CA LEU A 560 30.14 32.32 -45.61
C LEU A 560 30.22 33.82 -45.40
N ARG A 561 31.05 34.51 -46.20
CA ARG A 561 31.13 35.97 -46.04
C ARG A 561 29.85 36.65 -46.55
N LEU A 564 27.23 36.14 -43.70
CA LEU A 564 27.57 37.05 -42.61
C LEU A 564 27.27 38.54 -42.88
N SER A 565 27.43 39.00 -44.13
CA SER A 565 26.99 40.34 -44.52
C SER A 565 25.47 40.47 -44.53
N SER A 566 24.78 39.41 -44.94
CA SER A 566 23.31 39.38 -44.84
C SER A 566 22.86 39.50 -43.37
N LEU A 567 23.60 38.85 -42.47
CA LEU A 567 23.31 38.89 -41.04
C LEU A 567 23.59 40.28 -40.46
N ARG A 568 24.71 40.88 -40.87
CA ARG A 568 25.06 42.25 -40.50
C ARG A 568 23.99 43.26 -40.94
N LYS A 569 23.48 43.07 -42.15
CA LYS A 569 22.36 43.87 -42.67
C LYS A 569 21.08 43.69 -41.83
N LEU A 570 20.85 42.47 -41.34
CA LEU A 570 19.66 42.19 -40.55
C LEU A 570 19.83 42.67 -39.13
N THR A 571 21.06 42.94 -38.74
CA THR A 571 21.36 43.13 -37.35
C THR A 571 21.76 44.57 -36.98
N ARG A 572 22.04 45.37 -38.00
CA ARG A 572 22.41 46.78 -37.83
C ARG A 572 21.29 47.63 -37.22
N HIS A 573 21.63 48.40 -36.19
CA HIS A 573 20.70 49.36 -35.59
C HIS A 573 21.44 50.27 -34.65
N THR A 574 20.78 51.31 -34.16
CA THR A 574 21.42 52.18 -33.18
C THR A 574 21.18 51.64 -31.79
N PRO A 575 22.22 51.09 -31.15
CA PRO A 575 22.05 50.50 -29.85
C PRO A 575 21.67 51.56 -28.81
N LEU A 576 20.95 51.14 -27.77
CA LEU A 576 20.57 51.99 -26.64
C LEU A 576 21.58 51.93 -25.54
N ASN A 577 21.58 52.95 -24.71
CA ASN A 577 22.32 52.96 -23.44
C ASN A 577 21.41 52.42 -22.32
N VAL A 578 21.68 51.17 -21.91
CA VAL A 578 20.73 50.51 -21.01
C VAL A 578 21.04 50.80 -19.53
N ILE A 579 22.22 51.36 -19.29
CA ILE A 579 22.69 51.54 -17.92
C ILE A 579 21.74 52.46 -17.14
N PRO A 580 21.43 53.67 -17.67
CA PRO A 580 20.45 54.51 -16.97
C PRO A 580 19.02 53.93 -16.95
N LYS A 581 18.66 53.16 -17.98
CA LYS A 581 17.38 52.51 -18.03
C LYS A 581 17.23 51.46 -16.91
N LYS A 582 18.31 50.73 -16.64
CA LYS A 582 18.26 49.69 -15.60
C LYS A 582 18.16 50.37 -14.24
N ARG A 583 18.80 51.53 -14.09
CA ARG A 583 18.69 52.29 -12.84
C ARG A 583 17.29 52.79 -12.66
N GLU A 584 16.66 53.19 -13.76
CA GLU A 584 15.27 53.63 -13.70
C GLU A 584 14.33 52.45 -13.36
N ILE A 585 14.52 51.31 -14.01
CA ILE A 585 13.73 50.11 -13.67
C ILE A 585 13.85 49.83 -12.17
N ALA A 586 15.09 49.82 -11.67
CA ALA A 586 15.36 49.44 -10.28
C ALA A 586 14.72 50.40 -9.29
N ALA A 587 14.74 51.69 -9.61
CA ALA A 587 14.16 52.68 -8.74
C ALA A 587 12.71 52.29 -8.42
N LYS A 588 11.94 51.92 -9.44
CA LYS A 588 10.52 51.60 -9.21
C LYS A 588 10.31 50.25 -8.47
N ILE A 589 11.16 49.27 -8.77
CA ILE A 589 11.14 47.99 -8.06
C ILE A 589 11.41 48.23 -6.57
N LEU A 590 12.43 49.03 -6.27
CA LEU A 590 12.80 49.33 -4.89
C LEU A 590 11.76 50.22 -4.19
N GLU A 591 11.07 51.04 -4.96
CA GLU A 591 9.99 51.87 -4.43
C GLU A 591 8.77 51.02 -4.00
N ASP A 592 8.36 50.11 -4.87
CA ASP A 592 7.22 49.19 -4.60
C ASP A 592 7.61 47.98 -3.76
N GLU A 593 8.90 47.70 -3.65
CA GLU A 593 9.43 46.47 -2.99
C GLU A 593 8.77 45.18 -3.50
N ARG A 594 8.61 45.12 -4.81
N ARG A 594 8.58 45.12 -4.81
CA ARG A 594 8.11 43.93 -5.49
CA ARG A 594 8.05 43.95 -5.49
C ARG A 594 8.28 44.13 -6.99
C ARG A 594 8.25 44.13 -6.99
N TYR A 595 8.09 43.04 -7.73
CA TYR A 595 8.05 43.08 -9.16
C TYR A 595 6.78 43.83 -9.55
N THR A 596 6.91 44.75 -10.48
CA THR A 596 5.81 45.64 -10.82
C THR A 596 5.85 45.91 -12.30
N VAL A 597 4.72 46.36 -12.84
CA VAL A 597 4.53 46.38 -14.28
C VAL A 597 3.82 47.63 -14.81
N ALA B 11 61.77 40.64 -11.32
CA ALA B 11 60.35 40.24 -11.06
C ALA B 11 59.34 41.14 -11.82
N VAL B 12 58.44 40.48 -12.56
CA VAL B 12 57.33 41.14 -13.27
C VAL B 12 56.43 41.89 -12.29
N LYS B 13 56.09 43.13 -12.58
CA LYS B 13 55.31 43.92 -11.64
C LYS B 13 53.83 43.56 -11.68
N GLY B 14 53.15 43.69 -10.53
CA GLY B 14 51.69 43.48 -10.44
C GLY B 14 50.86 44.34 -11.40
N GLY B 15 50.03 43.69 -12.21
CA GLY B 15 49.24 44.40 -13.21
C GLY B 15 49.95 44.72 -14.53
N SER B 16 51.26 44.48 -14.60
CA SER B 16 52.03 44.85 -15.80
C SER B 16 51.59 44.05 -17.04
N PHE B 17 50.88 42.94 -16.81
CA PHE B 17 50.35 42.16 -17.94
C PHE B 17 49.44 43.00 -18.86
N LEU B 18 48.80 44.03 -18.31
CA LEU B 18 47.91 44.88 -19.10
C LEU B 18 48.64 45.77 -20.12
N VAL B 19 49.82 46.26 -19.72
CA VAL B 19 50.58 47.21 -20.51
C VAL B 19 51.85 46.62 -21.15
N ASP B 20 52.30 45.45 -20.72
CA ASP B 20 53.54 44.89 -21.27
C ASP B 20 53.34 43.57 -21.98
N GLU B 21 54.25 43.25 -22.89
CA GLU B 21 54.20 41.96 -23.55
C GLU B 21 54.92 40.92 -22.68
N ILE B 22 54.16 40.10 -21.97
CA ILE B 22 54.71 39.06 -21.12
C ILE B 22 55.16 37.88 -21.99
N THR B 23 56.32 37.31 -21.66
CA THR B 23 56.86 36.18 -22.43
C THR B 23 56.70 34.87 -21.68
N ILE B 24 56.83 33.76 -22.40
CA ILE B 24 56.75 32.43 -21.80
C ILE B 24 57.72 32.20 -20.64
N ASP B 25 58.87 32.90 -20.69
CA ASP B 25 59.89 32.86 -19.63
C ASP B 25 59.41 33.56 -18.35
N GLN B 26 58.44 34.47 -18.46
CA GLN B 26 57.95 35.24 -17.31
C GLN B 26 56.67 34.67 -16.69
N VAL B 27 56.29 33.45 -17.09
CA VAL B 27 55.12 32.81 -16.52
C VAL B 27 55.47 31.45 -15.96
N PHE B 28 54.87 31.14 -14.83
CA PHE B 28 54.99 29.81 -14.25
C PHE B 28 53.72 29.00 -14.61
N THR B 29 53.91 27.74 -14.97
CA THR B 29 52.79 26.86 -15.35
C THR B 29 52.91 25.52 -14.62
N PRO B 30 51.80 24.74 -14.58
CA PRO B 30 51.94 23.40 -14.00
C PRO B 30 52.99 22.56 -14.68
N GLU B 31 53.29 22.80 -15.96
CA GLU B 31 54.39 22.05 -16.60
C GLU B 31 55.74 22.38 -15.95
N ASP B 32 55.79 23.45 -15.18
CA ASP B 32 56.98 23.79 -14.41
C ASP B 32 57.05 23.13 -13.03
N PHE B 33 56.08 22.31 -12.64
CA PHE B 33 56.13 21.68 -11.30
C PHE B 33 57.36 20.80 -11.20
N SER B 34 58.08 20.87 -10.08
CA SER B 34 59.23 19.98 -9.78
C SER B 34 58.72 18.63 -9.26
N SER B 35 59.63 17.67 -9.10
CA SER B 35 59.26 16.38 -8.52
C SER B 35 58.77 16.50 -7.08
N GLU B 36 59.38 17.39 -6.30
CA GLU B 36 58.90 17.63 -4.92
C GLU B 36 57.46 18.17 -4.93
N HIS B 37 57.15 19.07 -5.86
CA HIS B 37 55.78 19.64 -5.97
C HIS B 37 54.80 18.52 -6.20
N LYS B 38 55.07 17.70 -7.22
CA LYS B 38 54.24 16.54 -7.54
C LYS B 38 54.09 15.56 -6.39
N ILE B 40 54.35 16.12 -3.08
CA ILE B 40 53.50 16.72 -2.06
C ILE B 40 52.02 16.68 -2.50
N ALA B 41 51.76 16.96 -3.76
CA ALA B 41 50.41 16.77 -4.29
C ALA B 41 49.89 15.32 -4.05
N LYS B 42 50.73 14.34 -4.38
CA LYS B 42 50.34 12.92 -4.29
C LYS B 42 50.09 12.50 -2.85
N THR B 43 50.96 12.93 -1.94
CA THR B 43 50.82 12.72 -0.51
C THR B 43 49.50 13.26 0.03
N THR B 44 49.16 14.48 -0.35
CA THR B 44 47.91 15.09 0.11
C THR B 44 46.71 14.30 -0.42
N GLU B 45 46.72 14.01 -1.71
CA GLU B 45 45.64 13.27 -2.34
C GLU B 45 45.45 11.89 -1.68
N ASP B 46 46.54 11.18 -1.36
CA ASP B 46 46.44 9.90 -0.66
C ASP B 46 45.78 10.05 0.70
N PHE B 47 46.12 11.11 1.40
CA PHE B 47 45.52 11.36 2.70
C PHE B 47 44.01 11.61 2.56
N ILE B 48 43.62 12.51 1.66
CA ILE B 48 42.22 12.78 1.38
C ILE B 48 41.42 11.52 1.01
N VAL B 49 41.88 10.84 -0.03
CA VAL B 49 41.17 9.71 -0.56
C VAL B 49 41.12 8.58 0.49
N ASN B 50 42.26 8.21 1.06
CA ASN B 50 42.30 7.07 1.98
C ASN B 50 41.79 7.35 3.40
N GLU B 51 41.97 8.57 3.90
CA GLU B 51 41.63 8.86 5.30
C GLU B 51 40.37 9.72 5.46
N VAL B 52 40.21 10.73 4.62
CA VAL B 52 39.12 11.70 4.83
C VAL B 52 37.78 11.25 4.20
N LEU B 53 37.83 10.84 2.94
CA LEU B 53 36.59 10.51 2.21
C LEU B 53 35.74 9.38 2.84
N PRO B 54 36.37 8.33 3.41
CA PRO B 54 35.52 7.34 4.09
C PRO B 54 34.73 7.91 5.32
N GLU B 55 35.10 9.09 5.83
CA GLU B 55 34.39 9.66 6.98
C GLU B 55 33.54 10.90 6.62
N LEU B 56 33.57 11.28 5.34
CA LEU B 56 32.99 12.56 4.94
C LEU B 56 31.49 12.68 5.21
N GLU B 57 30.74 11.60 5.01
CA GLU B 57 29.30 11.61 5.32
C GLU B 57 28.99 11.96 6.78
N TYR B 58 29.88 11.55 7.70
CA TYR B 58 29.74 11.83 9.12
C TYR B 58 30.17 13.26 9.46
N LEU B 59 31.17 13.77 8.75
CA LEU B 59 31.57 15.16 8.93
C LEU B 59 30.38 16.05 8.53
N GLU B 60 29.69 15.70 7.44
CA GLU B 60 28.52 16.50 6.96
C GLU B 60 27.41 16.55 7.99
N GLN B 61 27.37 15.54 8.88
CA GLN B 61 26.43 15.48 9.99
C GLN B 61 26.97 16.12 11.25
N HIS B 62 28.08 16.84 11.11
CA HIS B 62 28.63 17.60 12.21
C HIS B 62 29.26 16.73 13.31
N GLU B 63 29.75 15.56 12.96
CA GLU B 63 30.62 14.83 13.89
C GLU B 63 32.04 15.42 13.90
N PHE B 64 32.19 16.55 14.61
CA PHE B 64 33.44 17.32 14.62
C PHE B 64 34.61 16.64 15.32
N ASP B 65 34.30 15.72 16.23
N ASP B 65 34.30 15.73 16.23
CA ASP B 65 35.30 14.86 16.80
CA ASP B 65 35.31 14.86 16.80
C ASP B 65 36.15 14.24 15.68
C ASP B 65 36.15 14.23 15.68
N ARG B 66 35.48 13.75 14.63
CA ARG B 66 36.21 13.20 13.45
C ARG B 66 37.05 14.26 12.70
N SER B 67 36.51 15.45 12.50
CA SER B 67 37.26 16.57 11.91
C SER B 67 38.54 16.85 12.65
N VAL B 68 38.45 16.96 13.98
CA VAL B 68 39.59 17.31 14.79
C VAL B 68 40.68 16.21 14.65
N ARG B 69 40.28 14.96 14.77
CA ARG B 69 41.20 13.83 14.65
C ARG B 69 41.88 13.83 13.26
N LEU B 70 41.09 14.06 12.23
CA LEU B 70 41.62 14.09 10.86
C LEU B 70 42.60 15.24 10.66
N LEU B 71 42.29 16.41 11.21
CA LEU B 71 43.21 17.55 11.17
C LEU B 71 44.55 17.29 11.84
N LYS B 72 44.49 16.69 13.03
CA LYS B 72 45.70 16.33 13.77
C LYS B 72 46.50 15.28 13.02
N GLU B 73 45.83 14.41 12.29
CA GLU B 73 46.51 13.42 11.45
C GLU B 73 47.15 14.07 10.22
N ALA B 74 46.45 15.02 9.60
CA ALA B 74 47.05 15.86 8.56
C ALA B 74 48.30 16.57 9.12
N GLY B 75 48.17 17.08 10.35
CA GLY B 75 49.28 17.77 11.03
C GLY B 75 50.54 16.91 11.17
N GLU B 76 50.36 15.62 11.45
CA GLU B 76 51.47 14.66 11.56
C GLU B 76 52.14 14.37 10.23
N LEU B 77 51.44 14.64 9.12
CA LEU B 77 52.05 14.51 7.82
C LEU B 77 52.65 15.83 7.38
N GLY B 78 52.56 16.85 8.23
CA GLY B 78 53.06 18.20 7.90
C GLY B 78 52.16 19.06 7.01
N LEU B 79 50.91 18.62 6.80
CA LEU B 79 49.97 19.34 5.90
C LEU B 79 49.39 20.60 6.52
N LEU B 80 49.61 20.83 7.81
CA LEU B 80 49.17 22.06 8.48
C LEU B 80 50.26 23.11 8.71
N GLY B 81 51.49 22.79 8.33
CA GLY B 81 52.64 23.67 8.61
C GLY B 81 53.45 24.03 7.38
N ALA B 82 52.86 23.83 6.19
CA ALA B 82 53.57 24.15 4.95
C ALA B 82 53.98 25.61 4.85
N ASP B 83 53.10 26.52 5.25
CA ASP B 83 53.40 27.94 5.20
C ASP B 83 54.09 28.50 6.47
N VAL B 84 54.42 27.62 7.42
CA VAL B 84 55.06 28.06 8.65
C VAL B 84 56.54 27.76 8.60
N PRO B 85 57.39 28.78 8.89
CA PRO B 85 58.83 28.61 8.91
C PRO B 85 59.31 27.47 9.82
N GLU B 86 60.37 26.79 9.36
CA GLU B 86 60.99 25.74 10.16
C GLU B 86 61.37 26.28 11.53
N GLU B 87 61.71 27.56 11.60
CA GLU B 87 62.16 28.19 12.83
C GLU B 87 61.07 28.22 13.89
N TYR B 88 59.81 28.08 13.46
CA TYR B 88 58.69 28.14 14.40
C TYR B 88 57.91 26.85 14.39
N GLY B 89 58.57 25.76 14.01
CA GLY B 89 57.98 24.43 14.08
C GLY B 89 57.16 23.97 12.90
N GLY B 90 57.22 24.68 11.77
CA GLY B 90 56.55 24.25 10.53
C GLY B 90 57.50 23.54 9.60
N ILE B 91 57.08 23.29 8.38
CA ILE B 91 57.99 22.61 7.46
C ILE B 91 58.52 23.54 6.37
N GLY B 92 57.99 24.75 6.30
CA GLY B 92 58.52 25.80 5.44
C GLY B 92 58.69 25.46 3.96
N LEU B 93 57.63 24.97 3.30
CA LEU B 93 57.70 24.69 1.85
C LEU B 93 57.45 25.96 1.02
N ASP B 94 57.69 25.88 -0.29
CA ASP B 94 57.45 27.02 -1.15
C ASP B 94 55.94 27.19 -1.44
N LYS B 95 55.58 28.33 -2.05
CA LYS B 95 54.17 28.65 -2.28
C LYS B 95 53.48 27.71 -3.24
N VAL B 96 54.21 27.14 -4.19
CA VAL B 96 53.67 26.16 -5.13
C VAL B 96 53.19 24.88 -4.40
N SER B 97 54.02 24.35 -3.50
CA SER B 97 53.62 23.26 -2.62
C SER B 97 52.35 23.53 -1.84
N SER B 98 52.28 24.68 -1.19
CA SER B 98 51.11 24.92 -0.40
C SER B 98 49.87 25.17 -1.28
N ALA B 99 50.06 25.69 -2.49
CA ALA B 99 48.90 25.78 -3.41
C ALA B 99 48.39 24.38 -3.79
N LEU B 100 49.32 23.48 -4.09
CA LEU B 100 48.98 22.11 -4.44
C LEU B 100 48.28 21.39 -3.31
N ILE B 101 48.73 21.60 -2.07
CA ILE B 101 48.00 21.04 -0.94
C ILE B 101 46.54 21.52 -0.97
N ALA B 102 46.34 22.83 -1.12
CA ALA B 102 44.97 23.39 -1.23
C ALA B 102 44.16 22.78 -2.40
N GLU B 103 44.81 22.55 -3.54
CA GLU B 103 44.12 22.03 -4.71
C GLU B 103 43.61 20.64 -4.40
N LYS B 104 44.43 19.82 -3.76
CA LYS B 104 44.03 18.44 -3.46
C LYS B 104 43.02 18.36 -2.33
N PHE B 105 43.09 19.28 -1.39
CA PHE B 105 42.10 19.31 -0.29
C PHE B 105 40.67 19.56 -0.79
N SER B 106 40.56 20.19 -1.94
CA SER B 106 39.22 20.52 -2.49
C SER B 106 38.35 19.27 -2.73
N ARG B 107 38.97 18.10 -2.96
CA ARG B 107 38.24 16.86 -3.12
C ARG B 107 37.37 16.49 -1.89
N ALA B 108 37.68 17.04 -0.72
CA ALA B 108 36.99 16.69 0.50
C ALA B 108 35.96 17.75 0.88
N GLY B 109 35.48 18.52 -0.08
CA GLY B 109 34.27 19.39 0.19
C GLY B 109 34.54 20.40 1.31
N GLY B 110 33.61 20.52 2.25
CA GLY B 110 33.76 21.51 3.32
C GLY B 110 35.01 21.31 4.20
N PHE B 111 35.58 20.11 4.22
CA PHE B 111 36.79 19.89 5.02
C PHE B 111 37.98 20.67 4.42
N ALA B 112 37.90 21.05 3.14
CA ALA B 112 38.93 21.90 2.56
C ALA B 112 38.81 23.33 3.13
N ILE B 113 37.60 23.73 3.48
CA ILE B 113 37.39 25.03 4.08
C ILE B 113 37.90 24.97 5.53
N THR B 114 37.62 23.87 6.22
CA THR B 114 38.17 23.68 7.58
C THR B 114 39.70 23.80 7.55
N HIS B 115 40.30 23.05 6.65
CA HIS B 115 41.76 23.01 6.56
C HIS B 115 42.29 24.37 6.16
N GLY B 116 41.66 24.96 5.13
CA GLY B 116 42.04 26.28 4.67
C GLY B 116 41.95 27.41 5.69
N ALA B 117 40.91 27.40 6.51
CA ALA B 117 40.75 28.42 7.54
C ALA B 117 41.83 28.25 8.59
N HIS B 118 42.21 27.01 8.88
CA HIS B 118 43.31 26.82 9.81
C HIS B 118 44.67 27.32 9.25
N VAL B 119 45.08 26.85 8.07
CA VAL B 119 46.41 27.19 7.54
C VAL B 119 46.51 28.59 6.93
N GLY B 120 45.35 29.19 6.66
CA GLY B 120 45.32 30.43 5.89
C GLY B 120 44.95 31.56 6.81
N ILE B 121 43.69 31.97 6.76
CA ILE B 121 43.25 33.10 7.53
C ILE B 121 43.42 32.95 9.04
N GLY B 122 43.35 31.71 9.54
CA GLY B 122 43.58 31.45 10.93
C GLY B 122 45.04 31.57 11.41
N SER B 123 45.98 30.96 10.69
CA SER B 123 47.37 30.99 11.13
C SER B 123 48.22 32.12 10.57
N LEU B 124 47.96 32.53 9.34
CA LEU B 124 48.83 33.49 8.67
C LEU B 124 48.95 34.88 9.33
N PRO B 125 47.89 35.36 9.99
CA PRO B 125 48.08 36.63 10.67
C PRO B 125 49.23 36.62 11.67
N ILE B 126 49.49 35.47 12.30
CA ILE B 126 50.57 35.37 13.29
C ILE B 126 51.86 35.16 12.53
N VAL B 127 51.85 34.26 11.54
CA VAL B 127 53.02 34.05 10.70
C VAL B 127 53.55 35.36 10.11
N LEU B 128 52.64 36.20 9.65
CA LEU B 128 53.02 37.37 8.88
C LEU B 128 53.20 38.64 9.69
N PHE B 129 52.45 38.76 10.78
CA PHE B 129 52.38 40.01 11.53
C PHE B 129 52.58 39.82 13.02
N GLY B 130 52.85 38.60 13.44
CA GLY B 130 53.20 38.34 14.83
C GLY B 130 54.59 38.90 15.19
N ASN B 131 54.77 39.31 16.44
CA ASN B 131 56.12 39.56 16.93
C ASN B 131 56.78 38.23 17.31
N GLU B 132 58.07 38.27 17.64
CA GLU B 132 58.85 37.05 17.89
C GLU B 132 58.26 36.20 19.01
N GLU B 133 57.71 36.86 20.03
CA GLU B 133 57.15 36.15 21.17
C GLU B 133 55.82 35.49 20.81
N GLN B 134 54.99 36.21 20.07
CA GLN B 134 53.75 35.64 19.55
C GLN B 134 54.00 34.44 18.66
N LYS B 135 54.95 34.56 17.72
CA LYS B 135 55.28 33.44 16.83
C LYS B 135 55.80 32.22 17.57
N LYS B 136 56.77 32.43 18.46
CA LYS B 136 57.35 31.33 19.24
C LYS B 136 56.33 30.62 20.13
N LYS B 137 55.35 31.36 20.62
CA LYS B 137 54.32 30.78 21.46
C LYS B 137 53.24 30.01 20.66
N TYR B 138 52.72 30.60 19.59
CA TYR B 138 51.55 30.02 18.90
C TYR B 138 51.90 29.11 17.74
N LEU B 139 52.84 29.54 16.90
CA LEU B 139 53.12 28.82 15.66
C LEU B 139 53.50 27.33 15.79
N PRO B 140 54.37 26.94 16.76
CA PRO B 140 54.72 25.52 16.85
C PRO B 140 53.51 24.58 17.05
N LEU B 141 52.49 25.07 17.73
CA LEU B 141 51.30 24.30 18.01
C LEU B 141 50.28 24.33 16.84
N LEU B 142 50.06 25.51 16.27
CA LEU B 142 49.29 25.67 15.04
C LEU B 142 49.87 24.84 13.87
N ALA B 143 51.19 24.86 13.72
CA ALA B 143 51.85 24.18 12.59
C ALA B 143 51.63 22.67 12.55
N THR B 144 51.44 22.05 13.72
CA THR B 144 51.17 20.61 13.82
C THR B 144 49.70 20.26 14.07
N GLY B 145 48.88 21.28 14.28
CA GLY B 145 47.47 21.07 14.59
C GLY B 145 47.18 20.68 16.03
N GLU B 146 48.19 20.73 16.88
CA GLU B 146 48.00 20.50 18.33
C GLU B 146 47.08 21.59 18.85
N LYS B 147 47.18 22.78 18.25
CA LYS B 147 46.17 23.80 18.39
C LYS B 147 45.59 24.16 17.00
N LEU B 148 44.30 24.48 16.95
CA LEU B 148 43.63 24.80 15.69
C LEU B 148 43.15 26.26 15.70
N ALA B 149 43.15 26.89 14.54
CA ALA B 149 42.87 28.32 14.48
C ALA B 149 41.61 28.70 13.68
N ALA B 150 41.14 29.93 13.90
CA ALA B 150 39.97 30.48 13.23
C ALA B 150 40.22 31.99 13.15
N TYR B 151 39.47 32.67 12.29
CA TYR B 151 39.71 34.08 11.97
C TYR B 151 38.37 34.74 12.10
N ALA B 152 38.28 35.81 12.89
CA ALA B 152 36.98 36.38 13.22
C ALA B 152 36.96 37.88 12.93
N LEU B 153 36.42 38.24 11.78
CA LEU B 153 36.38 39.62 11.32
C LEU B 153 34.92 40.06 11.15
N THR B 154 34.15 39.24 10.46
CA THR B 154 32.79 39.56 10.08
C THR B 154 31.88 39.72 11.31
N GLU B 155 30.89 40.61 11.21
CA GLU B 155 29.87 40.73 12.24
C GLU B 155 28.49 40.83 11.58
N PRO B 156 27.40 40.73 12.36
CA PRO B 156 26.06 40.90 11.76
C PRO B 156 25.92 42.19 10.95
N GLY B 157 26.39 43.32 11.50
CA GLY B 157 26.35 44.63 10.80
C GLY B 157 27.47 44.91 9.81
N SER B 158 28.46 44.01 9.66
CA SER B 158 29.61 44.32 8.80
C SER B 158 30.24 43.12 8.11
N GLY B 159 29.97 43.03 6.81
CA GLY B 159 30.45 41.91 6.01
C GLY B 159 31.43 42.46 5.00
N SER B 160 30.93 42.93 3.86
CA SER B 160 31.79 43.62 2.88
C SER B 160 32.46 44.83 3.51
N ASP B 161 31.69 45.58 4.32
CA ASP B 161 32.24 46.74 5.02
C ASP B 161 32.86 46.28 6.33
N ALA B 162 33.96 45.53 6.23
CA ALA B 162 34.55 44.86 7.39
C ALA B 162 35.15 45.82 8.43
N LEU B 163 35.53 47.02 7.99
CA LEU B 163 36.07 48.01 8.93
C LEU B 163 34.96 48.66 9.74
N GLY B 164 33.71 48.32 9.43
CA GLY B 164 32.58 48.81 10.20
C GLY B 164 32.32 47.99 11.47
N ALA B 165 33.23 47.07 11.82
CA ALA B 165 33.09 46.23 13.03
C ALA B 165 32.70 47.04 14.26
N LYS B 166 31.77 46.50 15.03
CA LYS B 166 31.28 47.15 16.22
C LYS B 166 31.83 46.53 17.49
N THR B 167 32.54 45.40 17.37
CA THR B 167 33.13 44.83 18.58
C THR B 167 34.12 45.88 19.16
N THR B 168 34.02 46.14 20.47
CA THR B 168 34.89 47.14 21.15
C THR B 168 35.95 46.45 21.99
N ALA B 169 37.06 47.15 22.21
CA ALA B 169 38.11 46.71 23.11
C ALA B 169 38.49 47.89 24.02
N ARG B 170 38.61 47.58 25.32
CA ARG B 170 38.84 48.60 26.33
C ARG B 170 39.96 48.09 27.24
N LEU B 171 41.06 48.82 27.31
CA LEU B 171 42.15 48.44 28.20
C LEU B 171 41.65 48.59 29.63
N ASN B 172 41.72 47.52 30.43
CA ASN B 172 41.15 47.53 31.78
C ASN B 172 41.91 48.47 32.73
N ALA B 173 41.28 48.76 33.87
CA ALA B 173 41.84 49.66 34.90
C ALA B 173 43.30 49.38 35.23
N GLU B 174 43.63 48.10 35.44
CA GLU B 174 45.01 47.65 35.74
C GLU B 174 45.96 47.80 34.55
N GLY B 175 45.42 47.87 33.33
CA GLY B 175 46.27 48.07 32.14
C GLY B 175 47.00 46.83 31.66
N THR B 176 46.54 45.67 32.14
CA THR B 176 47.11 44.38 31.75
C THR B 176 46.28 43.62 30.68
N HIS B 177 44.99 43.90 30.58
CA HIS B 177 44.09 43.19 29.64
C HIS B 177 43.15 44.13 28.88
N TYR B 178 42.92 43.83 27.60
CA TYR B 178 41.82 44.45 26.88
C TYR B 178 40.57 43.67 27.21
N VAL B 179 39.47 44.39 27.32
CA VAL B 179 38.15 43.83 27.57
C VAL B 179 37.36 43.96 26.25
N LEU B 180 37.00 42.82 25.68
CA LEU B 180 36.30 42.79 24.37
C LEU B 180 34.81 42.47 24.48
N ASN B 181 34.00 43.26 23.77
CA ASN B 181 32.54 43.05 23.73
C ASN B 181 32.04 43.14 22.32
N GLY B 182 31.35 42.08 21.91
CA GLY B 182 30.64 42.07 20.65
C GLY B 182 30.43 40.63 20.17
N GLU B 183 29.98 40.51 18.94
CA GLU B 183 29.77 39.20 18.31
C GLU B 183 30.35 39.23 16.92
N LYS B 184 31.06 38.16 16.60
CA LYS B 184 31.64 37.92 15.29
C LYS B 184 30.83 36.79 14.63
N GLN B 185 30.46 36.97 13.37
CA GLN B 185 29.51 36.08 12.72
C GLN B 185 30.11 35.15 11.69
N TRP B 186 29.65 33.90 11.65
CA TRP B 186 30.03 32.95 10.61
C TRP B 186 31.50 32.54 10.69
N ILE B 187 31.95 32.17 11.88
CA ILE B 187 33.36 31.96 12.11
C ILE B 187 33.69 30.47 11.87
N THR B 188 34.35 30.21 10.77
CA THR B 188 34.76 28.87 10.41
C THR B 188 35.68 28.26 11.46
N ASN B 189 35.42 26.99 11.78
CA ASN B 189 36.21 26.19 12.73
C ASN B 189 35.83 26.48 14.20
N SER B 190 34.84 27.33 14.41
CA SER B 190 34.46 27.72 15.79
C SER B 190 34.24 26.56 16.78
N ALA B 191 33.66 25.45 16.32
CA ALA B 191 33.38 24.37 17.27
C ALA B 191 34.65 23.84 17.95
N PHE B 192 35.79 23.93 17.29
CA PHE B 192 37.00 23.30 17.82
C PHE B 192 38.26 24.19 17.81
N ALA B 193 38.15 25.44 17.39
CA ALA B 193 39.33 26.30 17.34
C ALA B 193 39.79 26.65 18.75
N ASP B 194 41.11 26.56 18.96
CA ASP B 194 41.76 26.98 20.20
C ASP B 194 42.11 28.48 20.16
N VAL B 195 42.41 29.00 18.98
CA VAL B 195 42.91 30.35 18.82
C VAL B 195 42.04 31.05 17.78
N PHE B 196 41.64 32.28 18.07
CA PHE B 196 40.83 33.09 17.16
C PHE B 196 41.57 34.43 16.97
N ILE B 197 41.77 34.83 15.73
CA ILE B 197 42.24 36.18 15.39
C ILE B 197 40.99 37.08 15.34
N VAL B 198 40.89 38.05 16.23
CA VAL B 198 39.65 38.79 16.38
C VAL B 198 39.95 40.24 16.13
N TYR B 199 39.05 40.91 15.40
CA TYR B 199 39.19 42.33 15.15
C TYR B 199 38.17 43.07 16.00
N ALA B 200 38.62 44.17 16.60
CA ALA B 200 37.78 44.98 17.46
C ALA B 200 38.32 46.40 17.48
N LYS B 201 37.47 47.38 17.80
CA LYS B 201 37.89 48.77 17.81
C LYS B 201 38.20 49.20 19.25
N ILE B 202 39.47 49.49 19.52
CA ILE B 202 39.88 49.98 20.86
C ILE B 202 39.19 51.32 21.13
N ASP B 203 38.46 51.38 22.25
CA ASP B 203 37.65 52.53 22.64
C ASP B 203 36.60 52.89 21.58
N GLY B 204 36.14 51.87 20.86
CA GLY B 204 35.20 52.05 19.77
C GLY B 204 35.72 52.89 18.61
N GLU B 205 37.04 53.07 18.51
CA GLU B 205 37.66 53.89 17.43
C GLU B 205 38.78 53.20 16.64
N HIS B 206 39.73 52.56 17.33
CA HIS B 206 40.94 52.10 16.66
C HIS B 206 40.90 50.61 16.28
N PHE B 207 40.57 50.40 15.02
CA PHE B 207 40.34 49.06 14.47
C PHE B 207 41.63 48.25 14.61
N SER B 208 41.59 47.20 15.44
CA SER B 208 42.80 46.46 15.80
C SER B 208 42.57 44.95 15.78
N ALA B 209 43.64 44.18 15.65
CA ALA B 209 43.57 42.71 15.72
C ALA B 209 44.09 42.16 17.06
N PHE B 210 43.58 40.99 17.47
CA PHE B 210 43.91 40.36 18.76
C PHE B 210 44.02 38.84 18.60
N ILE B 211 45.00 38.24 19.25
CA ILE B 211 45.03 36.80 19.37
C ILE B 211 44.18 36.42 20.59
N VAL B 212 43.11 35.66 20.36
CA VAL B 212 42.17 35.31 21.42
C VAL B 212 42.08 33.79 21.62
N GLU B 213 42.42 33.32 22.82
CA GLU B 213 42.33 31.88 23.10
C GLU B 213 40.92 31.53 23.55
N LYS B 214 40.48 30.32 23.17
CA LYS B 214 39.10 29.83 23.47
C LYS B 214 38.79 29.81 24.97
N ASP B 215 39.82 29.55 25.77
CA ASP B 215 39.64 29.43 27.22
C ASP B 215 39.63 30.74 27.99
N TYR B 216 40.00 31.85 27.34
CA TYR B 216 39.99 33.14 28.00
C TYR B 216 38.61 33.41 28.57
N ALA B 217 38.57 34.14 29.68
CA ALA B 217 37.30 34.48 30.30
C ALA B 217 36.45 35.28 29.31
N GLY B 218 35.15 34.98 29.24
CA GLY B 218 34.19 35.78 28.45
C GLY B 218 34.10 35.39 26.97
N VAL B 219 34.76 34.30 26.57
CA VAL B 219 34.72 33.81 25.20
C VAL B 219 33.83 32.56 25.10
N SER B 220 32.85 32.59 24.19
CA SER B 220 32.01 31.41 23.89
C SER B 220 31.51 31.46 22.45
N THR B 221 30.82 30.41 22.04
CA THR B 221 30.27 30.32 20.69
C THR B 221 28.80 29.92 20.72
N SER B 222 28.08 30.29 19.66
CA SER B 222 26.67 29.99 19.46
C SER B 222 26.57 28.53 19.01
N PRO B 223 25.35 27.98 18.86
CA PRO B 223 25.23 26.69 18.17
C PRO B 223 25.61 26.87 16.69
N GLU B 224 25.80 25.75 16.01
CA GLU B 224 26.10 25.70 14.58
C GLU B 224 25.02 26.37 13.71
N GLU B 225 25.42 27.05 12.67
CA GLU B 225 24.53 27.50 11.61
C GLU B 225 24.05 26.31 10.79
N LYS B 226 22.88 26.46 10.21
CA LYS B 226 22.28 25.53 9.27
C LYS B 226 22.53 26.13 7.92
N LYS B 227 23.33 25.46 7.09
CA LYS B 227 23.88 26.10 5.90
C LYS B 227 23.45 25.37 4.63
N GLY B 229 25.42 24.61 2.10
CA GLY B 229 26.48 23.71 1.67
C GLY B 229 27.68 23.76 2.59
N ILE B 230 28.78 23.14 2.17
CA ILE B 230 29.95 22.90 3.06
C ILE B 230 29.47 22.62 4.47
N LYS B 231 28.58 21.65 4.58
CA LYS B 231 27.93 21.38 5.87
C LYS B 231 28.89 20.84 6.90
N CYS B 232 29.93 20.14 6.43
CA CYS B 232 30.92 19.63 7.40
C CYS B 232 31.85 20.70 7.95
N SER B 233 31.84 21.90 7.40
CA SER B 233 32.55 23.02 8.04
C SER B 233 31.80 23.62 9.25
N SER B 234 32.43 23.65 10.42
CA SER B 234 31.82 24.32 11.57
C SER B 234 31.71 25.83 11.37
N THR B 235 30.55 26.42 11.69
CA THR B 235 30.32 27.84 11.48
C THR B 235 29.45 28.29 12.63
N ARG B 236 29.98 29.13 13.52
CA ARG B 236 29.17 29.65 14.66
C ARG B 236 29.45 31.13 14.82
N THR B 237 28.63 31.81 15.64
CA THR B 237 28.95 33.11 16.13
C THR B 237 29.95 33.03 17.29
N LEU B 238 31.00 33.86 17.24
CA LEU B 238 31.90 34.04 18.39
C LEU B 238 31.35 35.15 19.29
N ILE B 239 31.11 34.80 20.55
CA ILE B 239 30.46 35.70 21.49
C ILE B 239 31.48 36.19 22.52
N LEU B 240 31.69 37.51 22.52
CA LEU B 240 32.66 38.15 23.44
C LEU B 240 31.92 39.01 24.44
N GLU B 241 31.89 38.55 25.68
CA GLU B 241 31.20 39.27 26.76
C GLU B 241 32.23 39.56 27.85
N ASP B 242 32.72 40.80 27.88
CA ASP B 242 33.89 41.13 28.69
C ASP B 242 35.03 40.09 28.52
N ALA B 243 35.33 39.74 27.27
CA ALA B 243 36.41 38.79 26.98
C ALA B 243 37.74 39.40 27.35
N LEU B 244 38.54 38.65 28.10
CA LEU B 244 39.80 39.14 28.69
C LEU B 244 41.01 38.71 27.91
N VAL B 245 41.61 39.67 27.22
CA VAL B 245 42.70 39.36 26.31
C VAL B 245 43.96 40.08 26.81
N PRO B 246 45.06 39.33 27.06
CA PRO B 246 46.28 39.99 27.53
C PRO B 246 46.74 41.07 26.55
N LYS B 247 47.23 42.18 27.11
CA LYS B 247 47.78 43.31 26.34
C LYS B 247 48.75 42.84 25.26
N GLU B 248 49.57 41.86 25.60
CA GLU B 248 50.58 41.40 24.65
C GLU B 248 49.99 40.55 23.50
N ASN B 249 48.69 40.27 23.55
CA ASN B 249 48.04 39.57 22.45
C ASN B 249 47.52 40.47 21.34
N LEU B 250 47.70 41.78 21.49
CA LEU B 250 47.45 42.69 20.38
C LEU B 250 48.34 42.28 19.18
N LEU B 251 47.74 42.11 18.02
CA LEU B 251 48.47 41.69 16.84
C LEU B 251 48.65 42.91 15.96
N GLY B 252 49.89 43.22 15.64
CA GLY B 252 50.21 44.44 14.89
C GLY B 252 50.06 45.67 15.77
N GLU B 253 49.61 46.77 15.19
CA GLU B 253 49.63 48.06 15.90
C GLU B 253 48.22 48.56 16.12
N ILE B 254 48.07 49.40 17.15
CA ILE B 254 46.78 49.98 17.49
C ILE B 254 46.26 50.79 16.31
N GLY B 255 45.06 50.41 15.82
CA GLY B 255 44.37 51.16 14.77
C GLY B 255 44.86 50.83 13.38
N LYS B 256 45.79 49.90 13.30
CA LYS B 256 46.33 49.47 12.04
C LYS B 256 45.86 48.03 11.70
N GLY B 257 44.68 47.67 12.20
CA GLY B 257 44.14 46.32 11.92
C GLY B 257 43.92 46.09 10.42
N HIS B 258 43.61 47.17 9.68
CA HIS B 258 43.33 47.11 8.23
C HIS B 258 44.48 46.56 7.42
N ILE B 259 45.70 46.84 7.85
CA ILE B 259 46.89 46.33 7.17
C ILE B 259 46.89 44.79 7.14
N ILE B 260 46.56 44.21 8.29
CA ILE B 260 46.47 42.76 8.43
C ILE B 260 45.33 42.19 7.55
N ALA B 261 44.15 42.79 7.69
CA ALA B 261 42.96 42.32 7.01
C ALA B 261 43.07 42.35 5.48
N PHE B 262 43.61 43.46 4.95
CA PHE B 262 43.88 43.59 3.53
C PHE B 262 44.89 42.59 3.02
N ASN B 263 45.96 42.38 3.77
CA ASN B 263 47.00 41.43 3.35
C ASN B 263 46.58 39.97 3.37
N ILE B 264 45.84 39.64 4.41
CA ILE B 264 45.25 38.31 4.56
C ILE B 264 44.22 38.03 3.43
N LEU B 265 43.41 39.04 3.10
CA LEU B 265 42.47 38.92 2.01
C LEU B 265 43.17 38.50 0.69
N ASN B 266 44.34 39.08 0.40
CA ASN B 266 45.01 38.72 -0.87
C ASN B 266 45.31 37.24 -0.95
N ILE B 267 45.74 36.70 0.19
CA ILE B 267 46.10 35.30 0.27
C ILE B 267 44.87 34.41 0.20
N GLY B 268 43.84 34.78 0.95
CA GLY B 268 42.56 34.10 0.92
C GLY B 268 41.99 34.00 -0.50
N ARG B 269 42.16 35.07 -1.25
CA ARG B 269 41.69 35.17 -2.61
C ARG B 269 42.37 34.19 -3.53
N TYR B 270 43.70 34.18 -3.59
CA TYR B 270 44.29 33.27 -4.59
C TYR B 270 44.19 31.81 -4.15
N LYS B 271 44.15 31.58 -2.85
CA LYS B 271 44.05 30.24 -2.33
C LYS B 271 42.67 29.66 -2.64
N LEU B 272 41.64 30.48 -2.52
CA LEU B 272 40.31 30.04 -2.93
C LEU B 272 40.29 29.78 -4.45
N GLY B 273 40.97 30.64 -5.21
CA GLY B 273 41.18 30.41 -6.66
C GLY B 273 41.75 29.01 -6.90
N VAL B 274 42.83 28.69 -6.20
CA VAL B 274 43.40 27.36 -6.29
C VAL B 274 42.40 26.24 -5.93
N GLY B 275 41.65 26.42 -4.84
CA GLY B 275 40.66 25.45 -4.38
C GLY B 275 39.62 25.23 -5.45
N THR B 276 39.17 26.30 -6.09
CA THR B 276 38.05 26.14 -7.04
C THR B 276 38.54 25.43 -8.31
N VAL B 277 39.83 25.57 -8.62
CA VAL B 277 40.38 24.84 -9.76
C VAL B 277 40.39 23.36 -9.47
N GLY B 278 40.76 22.97 -8.25
CA GLY B 278 40.76 21.54 -7.89
C GLY B 278 39.35 20.97 -7.98
N SER B 279 38.37 21.74 -7.49
CA SER B 279 36.98 21.30 -7.59
C SER B 279 36.48 21.19 -9.02
N ALA B 280 36.83 22.16 -9.88
CA ALA B 280 36.37 22.09 -11.26
C ALA B 280 36.93 20.86 -11.98
N LYS B 281 38.19 20.55 -11.73
CA LYS B 281 38.76 19.34 -12.33
C LYS B 281 37.99 18.10 -11.88
N ARG B 282 37.58 18.08 -10.60
CA ARG B 282 36.89 16.91 -10.07
C ARG B 282 35.51 16.81 -10.73
N ALA B 283 34.81 17.94 -10.92
CA ALA B 283 33.52 17.93 -11.58
C ALA B 283 33.63 17.42 -13.02
N VAL B 284 34.71 17.83 -13.71
CA VAL B 284 34.91 17.34 -15.07
C VAL B 284 35.07 15.83 -15.03
N GLU B 285 35.86 15.33 -14.08
CA GLU B 285 36.18 13.90 -14.05
C GLU B 285 34.91 13.07 -13.79
N ILE B 286 34.13 13.44 -12.76
CA ILE B 286 32.98 12.63 -12.44
C ILE B 286 31.89 12.75 -13.49
N SER B 287 31.83 13.88 -14.20
CA SER B 287 30.85 14.06 -15.25
C SER B 287 31.20 13.25 -16.49
N ALA B 288 32.49 13.13 -16.79
CA ALA B 288 32.93 12.36 -17.94
C ALA B 288 32.75 10.86 -17.67
N GLN B 289 33.01 10.46 -16.43
CA GLN B 289 32.81 9.05 -16.03
C GLN B 289 31.33 8.70 -16.11
N TYR B 290 30.48 9.60 -15.60
CA TYR B 290 29.03 9.37 -15.68
C TYR B 290 28.52 9.30 -17.13
N ALA B 291 28.97 10.24 -17.96
CA ALA B 291 28.58 10.30 -19.37
C ALA B 291 28.90 9.01 -20.12
N ASN B 292 30.04 8.40 -19.82
CA ASN B 292 30.41 7.11 -20.40
C ASN B 292 29.60 5.93 -19.92
N GLN B 293 29.06 5.99 -18.71
N GLN B 293 29.06 6.06 -18.71
CA GLN B 293 28.35 4.82 -18.17
CA GLN B 293 28.37 4.99 -17.98
C GLN B 293 26.85 4.92 -18.37
C GLN B 293 26.90 4.95 -18.35
N ARG B 294 26.29 6.14 -18.36
CA ARG B 294 24.85 6.29 -18.49
C ARG B 294 24.37 6.14 -19.93
N GLN B 295 23.48 5.16 -20.17
CA GLN B 295 22.87 5.02 -21.48
C GLN B 295 21.42 5.54 -21.53
N GLN B 296 21.10 6.21 -22.65
CA GLN B 296 19.75 6.58 -23.00
C GLN B 296 19.66 6.45 -24.51
N PHE B 297 18.47 6.13 -25.01
CA PHE B 297 18.29 5.85 -26.45
C PHE B 297 19.31 4.83 -26.97
N LYS B 298 19.62 3.83 -26.13
CA LYS B 298 20.52 2.73 -26.49
C LYS B 298 22.00 3.06 -26.73
N GLN B 299 22.47 4.16 -26.16
CA GLN B 299 23.89 4.49 -26.26
C GLN B 299 24.32 5.32 -25.03
N PRO B 300 25.63 5.31 -24.71
CA PRO B 300 26.15 6.19 -23.68
C PRO B 300 25.85 7.63 -24.08
N ILE B 301 25.37 8.42 -23.13
CA ILE B 301 25.11 9.82 -23.40
C ILE B 301 26.37 10.57 -23.78
N ALA B 302 27.52 10.00 -23.44
CA ALA B 302 28.76 10.53 -24.00
C ALA B 302 28.75 10.70 -25.54
N ARG B 303 27.92 9.94 -26.25
N ARG B 303 27.94 9.92 -26.25
CA ARG B 303 27.87 9.98 -27.73
CA ARG B 303 27.88 9.98 -27.72
C ARG B 303 26.98 11.10 -28.26
C ARG B 303 27.13 11.20 -28.23
N PHE B 304 26.37 11.85 -27.36
CA PHE B 304 25.55 12.96 -27.77
C PHE B 304 26.34 14.27 -27.85
N PRO B 305 26.37 14.91 -29.03
CA PRO B 305 27.10 16.18 -29.15
C PRO B 305 26.81 17.22 -28.06
N LEU B 306 25.59 17.32 -27.58
CA LEU B 306 25.32 18.35 -26.57
C LEU B 306 26.05 18.06 -25.29
N ILE B 307 26.17 16.78 -24.95
CA ILE B 307 26.91 16.35 -23.79
C ILE B 307 28.39 16.61 -23.98
N GLN B 308 28.89 16.31 -25.18
CA GLN B 308 30.26 16.61 -25.51
C GLN B 308 30.55 18.10 -25.42
N GLU B 309 29.61 18.92 -25.86
CA GLU B 309 29.84 20.34 -25.84
C GLU B 309 29.93 20.87 -24.38
N LYS B 310 29.10 20.34 -23.47
CA LYS B 310 29.16 20.72 -22.06
C LYS B 310 30.52 20.40 -21.46
N LEU B 311 30.98 19.16 -21.67
CA LEU B 311 32.26 18.77 -21.13
C LEU B 311 33.40 19.61 -21.67
N ALA B 312 33.36 19.90 -22.97
CA ALA B 312 34.41 20.67 -23.60
C ALA B 312 34.41 22.10 -23.09
N ASN B 313 33.24 22.70 -22.84
CA ASN B 313 33.21 24.04 -22.22
C ASN B 313 33.76 23.98 -20.80
N ALA B 315 35.94 21.84 -19.55
CA ALA B 315 37.42 21.64 -19.60
C ALA B 315 38.20 22.88 -20.05
N ALA B 316 37.69 23.58 -21.04
CA ALA B 316 38.46 24.74 -21.55
C ALA B 316 38.50 25.86 -20.52
N LYS B 317 37.35 26.11 -19.88
CA LYS B 317 37.34 27.06 -18.79
C LYS B 317 38.27 26.65 -17.69
N THR B 318 38.28 25.34 -17.35
CA THR B 318 39.13 24.86 -16.27
C THR B 318 40.61 25.05 -16.63
N TYR B 319 40.99 24.81 -17.89
CA TYR B 319 42.35 25.08 -18.37
C TYR B 319 42.71 26.55 -18.18
N ALA B 320 41.81 27.46 -18.56
CA ALA B 320 42.12 28.88 -18.43
C ALA B 320 42.28 29.25 -16.96
N ALA B 321 41.42 28.68 -16.09
CA ALA B 321 41.48 28.97 -14.63
C ALA B 321 42.74 28.35 -14.04
N GLU B 322 43.01 27.10 -14.35
CA GLU B 322 44.23 26.49 -13.82
C GLU B 322 45.48 27.29 -14.27
N SER B 323 45.50 27.72 -15.54
CA SER B 323 46.66 28.44 -16.08
C SER B 323 46.84 29.80 -15.41
N SER B 324 45.75 30.55 -15.25
CA SER B 324 45.90 31.85 -14.65
C SER B 324 46.18 31.75 -13.15
N VAL B 325 45.64 30.74 -12.45
CA VAL B 325 45.88 30.65 -11.00
C VAL B 325 47.33 30.31 -10.63
N TYR B 326 47.88 29.30 -11.30
CA TYR B 326 49.28 28.95 -11.07
C TYR B 326 50.28 30.00 -11.58
N ARG B 327 49.90 30.77 -12.58
CA ARG B 327 50.65 31.95 -12.98
C ARG B 327 50.82 32.90 -11.78
N THR B 328 49.72 33.23 -11.10
CA THR B 328 49.76 34.10 -9.92
C THR B 328 50.65 33.48 -8.81
N VAL B 329 50.47 32.19 -8.55
CA VAL B 329 51.26 31.49 -7.52
C VAL B 329 52.76 31.58 -7.85
N GLY B 330 53.11 31.43 -9.13
CA GLY B 330 54.47 31.64 -9.62
C GLY B 330 54.99 33.04 -9.42
N LEU B 331 54.16 34.07 -9.63
CA LEU B 331 54.58 35.45 -9.38
C LEU B 331 54.97 35.66 -7.93
N PHE B 332 54.12 35.19 -7.02
CA PHE B 332 54.41 35.18 -5.59
C PHE B 332 55.77 34.49 -5.36
N GLU B 333 55.88 33.25 -5.82
CA GLU B 333 57.08 32.46 -5.63
C GLU B 333 58.33 33.18 -6.15
N SER B 334 58.21 33.85 -7.30
CA SER B 334 59.34 34.60 -7.87
C SER B 334 59.81 35.74 -7.00
N ARG B 335 58.88 36.53 -6.47
CA ARG B 335 59.27 37.52 -5.45
C ARG B 335 59.86 36.92 -4.17
N SER B 337 61.64 34.28 -4.04
CA SER B 337 62.99 33.87 -4.44
C SER B 337 64.08 34.83 -4.01
N THR B 338 63.74 36.12 -4.00
CA THR B 338 64.69 37.18 -3.70
C THR B 338 65.06 37.23 -2.21
N LEU B 339 64.07 37.01 -1.36
CA LEU B 339 64.22 37.28 0.07
C LEU B 339 65.27 36.42 0.78
N SER B 340 65.97 37.04 1.73
CA SER B 340 66.87 36.32 2.64
C SER B 340 66.04 35.47 3.59
N GLU B 341 66.71 34.55 4.28
CA GLU B 341 66.06 33.72 5.30
C GLU B 341 65.48 34.55 6.43
N GLU B 342 66.12 35.68 6.71
CA GLU B 342 65.71 36.62 7.76
C GLU B 342 64.47 37.43 7.37
N GLU B 343 64.39 37.82 6.10
CA GLU B 343 63.21 38.50 5.57
C GLU B 343 61.97 37.62 5.66
N VAL B 344 62.12 36.36 5.23
CA VAL B 344 61.05 35.36 5.28
C VAL B 344 60.56 35.21 6.72
N LYS B 345 61.50 35.19 7.67
CA LYS B 345 61.22 35.09 9.11
C LYS B 345 60.38 36.21 9.68
N ASP B 346 60.72 37.46 9.34
CA ASP B 346 60.00 38.65 9.85
C ASP B 346 58.59 38.78 9.28
N GLY B 347 58.32 38.13 8.14
CA GLY B 347 56.96 37.95 7.62
C GLY B 347 56.44 39.07 6.73
N LYS B 348 56.76 40.31 7.11
CA LYS B 348 56.31 41.50 6.40
C LYS B 348 56.66 41.44 4.91
N ALA B 349 57.87 40.99 4.60
CA ALA B 349 58.30 40.90 3.20
C ALA B 349 57.57 39.78 2.44
N VAL B 350 57.11 38.76 3.16
CA VAL B 350 56.31 37.69 2.53
C VAL B 350 54.92 38.25 2.15
N ALA B 351 54.29 38.97 3.08
CA ALA B 351 53.03 39.65 2.80
C ALA B 351 53.19 40.59 1.60
N ALA B 352 54.28 41.36 1.58
CA ALA B 352 54.57 42.31 0.50
C ALA B 352 54.67 41.63 -0.85
N SER B 353 55.26 40.44 -0.85
CA SER B 353 55.49 39.65 -2.05
C SER B 353 54.21 39.19 -2.73
N ILE B 354 53.15 38.99 -1.95
CA ILE B 354 51.84 38.67 -2.53
C ILE B 354 51.00 39.95 -2.77
N ALA B 355 51.10 40.91 -1.86
CA ALA B 355 50.33 42.16 -2.00
C ALA B 355 50.59 42.82 -3.33
N GLU B 356 51.81 42.63 -3.85
CA GLU B 356 52.20 43.16 -5.15
C GLU B 356 51.22 42.70 -6.21
N TYR B 357 50.75 41.47 -6.06
CA TYR B 357 49.86 40.87 -7.06
C TYR B 357 48.40 40.84 -6.63
N ALA B 358 47.99 41.87 -5.86
CA ALA B 358 46.60 42.00 -5.40
C ALA B 358 45.61 41.93 -6.55
N ILE B 359 45.92 42.55 -7.69
CA ILE B 359 45.05 42.53 -8.85
C ILE B 359 44.87 41.09 -9.30
N GLU B 360 45.97 40.39 -9.57
CA GLU B 360 45.89 39.01 -10.03
C GLU B 360 45.14 38.09 -9.05
N CYS B 361 45.34 38.29 -7.74
CA CYS B 361 44.60 37.53 -6.74
C CYS B 361 43.09 37.73 -6.87
N SER B 362 42.63 38.98 -7.02
CA SER B 362 41.18 39.21 -7.16
C SER B 362 40.67 38.65 -8.47
N LEU B 363 41.42 38.83 -9.56
CA LEU B 363 41.03 38.19 -10.81
C LEU B 363 40.87 36.69 -10.62
N ASN B 364 41.84 36.03 -10.00
CA ASN B 364 41.74 34.56 -9.79
C ASN B 364 40.56 34.14 -8.96
N LYS B 365 40.25 34.91 -7.93
CA LYS B 365 39.18 34.52 -7.03
C LYS B 365 37.81 34.58 -7.76
N VAL B 366 37.54 35.68 -8.44
CA VAL B 366 36.29 35.80 -9.22
C VAL B 366 36.25 34.81 -10.39
N PHE B 367 37.32 34.75 -11.20
CA PHE B 367 37.31 33.86 -12.33
C PHE B 367 37.24 32.37 -11.94
N GLY B 368 38.06 31.95 -11.01
CA GLY B 368 37.95 30.54 -10.46
C GLY B 368 36.57 30.21 -9.85
N SER B 369 36.04 31.10 -9.01
CA SER B 369 34.74 30.81 -8.42
C SER B 369 33.63 30.70 -9.48
N GLU B 370 33.66 31.57 -10.54
CA GLU B 370 32.67 31.49 -11.65
C GLU B 370 32.85 30.33 -12.60
N VAL B 371 34.07 29.93 -12.85
CA VAL B 371 34.31 28.72 -13.61
C VAL B 371 33.76 27.50 -12.85
N LEU B 372 34.06 27.38 -11.56
CA LEU B 372 33.50 26.29 -10.79
C LEU B 372 31.98 26.33 -10.74
N ASP B 373 31.40 27.52 -10.58
CA ASP B 373 29.94 27.66 -10.59
C ASP B 373 29.36 27.07 -11.89
N TYR B 374 29.99 27.37 -13.03
CA TYR B 374 29.57 26.79 -14.30
C TYR B 374 29.76 25.29 -14.38
N THR B 375 30.96 24.81 -14.02
N THR B 375 30.94 24.84 -13.98
CA THR B 375 31.25 23.38 -14.06
CA THR B 375 31.28 23.44 -14.04
C THR B 375 30.32 22.54 -13.18
C THR B 375 30.46 22.52 -13.14
N VAL B 376 30.06 22.97 -11.94
CA VAL B 376 29.18 22.14 -11.13
C VAL B 376 27.76 22.19 -11.70
N ASP B 377 27.36 23.30 -12.27
CA ASP B 377 26.00 23.38 -12.78
C ASP B 377 25.83 22.48 -14.02
N GLU B 378 26.82 22.47 -14.90
CA GLU B 378 26.73 21.61 -16.07
C GLU B 378 26.92 20.13 -15.66
N GLY B 379 27.75 19.87 -14.63
CA GLY B 379 27.86 18.50 -14.14
C GLY B 379 26.55 17.99 -13.59
N VAL B 380 25.80 18.85 -12.88
CA VAL B 380 24.55 18.38 -12.41
C VAL B 380 23.67 18.10 -13.63
N GLN B 381 23.71 18.98 -14.64
CA GLN B 381 22.83 18.81 -15.79
C GLN B 381 23.18 17.48 -16.50
N ILE B 382 24.44 17.17 -16.55
CA ILE B 382 24.85 15.92 -17.26
C ILE B 382 24.30 14.69 -16.54
N HIS B 383 24.15 14.80 -15.20
CA HIS B 383 23.64 13.71 -14.37
C HIS B 383 22.12 13.62 -14.46
N GLY B 384 21.46 14.68 -14.90
CA GLY B 384 20.01 14.65 -14.93
C GLY B 384 19.51 14.60 -13.49
N GLY B 385 18.44 13.82 -13.27
CA GLY B 385 17.78 13.80 -11.94
C GLY B 385 18.73 13.28 -10.85
N TYR B 386 19.73 12.49 -11.26
CA TYR B 386 20.66 11.98 -10.29
C TYR B 386 21.48 13.10 -9.73
N GLY B 387 21.62 14.19 -10.49
CA GLY B 387 22.41 15.37 -10.06
C GLY B 387 21.70 16.07 -8.91
N PHE B 388 20.44 15.74 -8.70
CA PHE B 388 19.63 16.45 -7.65
C PHE B 388 19.46 15.57 -6.39
N ALA B 390 21.06 13.51 -3.13
CA ALA B 390 22.18 13.59 -2.17
C ALA B 390 23.18 12.40 -2.23
N GLU B 391 22.70 11.29 -2.79
N GLU B 391 22.78 11.25 -2.76
CA GLU B 391 23.51 10.10 -3.10
CA GLU B 391 23.78 10.16 -2.84
C GLU B 391 24.75 10.40 -3.95
C GLU B 391 24.78 10.34 -4.01
N TYR B 392 24.66 11.43 -4.79
CA TYR B 392 25.69 11.71 -5.79
C TYR B 392 26.61 12.86 -5.40
N GLU B 393 27.90 12.64 -5.60
CA GLU B 393 28.94 13.64 -5.30
C GLU B 393 28.66 15.01 -5.95
N ILE B 394 28.16 15.03 -7.19
CA ILE B 394 27.97 16.33 -7.87
C ILE B 394 26.92 17.18 -7.17
N GLU B 395 25.98 16.52 -6.53
CA GLU B 395 24.91 17.23 -5.80
C GLU B 395 25.52 18.04 -4.66
N ARG B 396 26.45 17.42 -3.95
CA ARG B 396 27.11 18.12 -2.85
C ARG B 396 28.03 19.24 -3.36
N TYR B 398 27.61 21.02 -6.04
CA TYR B 398 26.81 22.12 -6.53
C TYR B 398 26.46 23.01 -5.37
N ARG B 399 26.04 22.41 -4.24
CA ARG B 399 25.69 23.28 -3.05
C ARG B 399 26.98 23.90 -2.43
N ASP B 400 28.08 23.14 -2.35
CA ASP B 400 29.31 23.68 -1.74
C ASP B 400 29.78 24.92 -2.48
N SER B 401 29.59 24.93 -3.82
CA SER B 401 30.24 25.92 -4.66
C SER B 401 29.68 27.30 -4.41
N ARG B 402 28.39 27.39 -4.03
CA ARG B 402 27.68 28.69 -4.15
C ARG B 402 28.33 29.78 -3.27
N ILE B 403 28.91 29.36 -2.16
CA ILE B 403 29.46 30.34 -1.21
C ILE B 403 30.80 30.94 -1.67
N ASN B 404 31.46 30.34 -2.65
CA ASN B 404 32.76 30.81 -3.07
C ASN B 404 32.64 32.16 -3.73
N ARG B 405 31.48 32.46 -4.29
CA ARG B 405 31.28 33.77 -4.93
C ARG B 405 31.04 34.90 -3.92
N ILE B 406 30.92 34.50 -2.66
CA ILE B 406 30.67 35.40 -1.58
C ILE B 406 31.87 35.55 -0.63
N PHE B 407 32.46 34.46 -0.16
N PHE B 407 32.55 34.43 -0.33
CA PHE B 407 33.59 34.71 0.74
CA PHE B 407 33.85 34.44 0.41
C PHE B 407 34.91 35.12 0.06
C PHE B 407 34.86 35.39 -0.10
N GLU B 408 35.74 35.84 0.81
CA GLU B 408 36.96 36.55 0.37
C GLU B 408 36.66 37.78 -0.46
N GLY B 409 35.68 38.55 -0.04
CA GLY B 409 35.23 39.63 -0.89
C GLY B 409 34.16 39.04 -1.83
N THR B 410 32.96 39.60 -1.85
CA THR B 410 31.96 39.12 -2.83
C THR B 410 32.58 39.37 -4.20
N ASN B 411 32.10 38.66 -5.22
CA ASN B 411 32.66 38.91 -6.54
C ASN B 411 32.40 40.35 -7.02
N GLU B 412 31.35 40.97 -6.51
CA GLU B 412 31.07 42.36 -6.86
C GLU B 412 32.19 43.26 -6.37
N ILE B 413 32.56 43.09 -5.10
CA ILE B 413 33.58 43.89 -4.51
C ILE B 413 34.95 43.65 -5.19
N ASN B 414 35.28 42.38 -5.45
CA ASN B 414 36.53 42.05 -6.13
C ASN B 414 36.61 42.65 -7.51
N ARG B 415 35.50 42.69 -8.24
CA ARG B 415 35.47 43.40 -9.52
C ARG B 415 35.59 44.92 -9.31
N LEU B 416 34.97 45.48 -8.29
CA LEU B 416 34.93 46.92 -8.13
C LEU B 416 36.30 47.51 -7.78
N ILE B 417 37.14 46.75 -7.10
CA ILE B 417 38.45 47.25 -6.70
C ILE B 417 39.54 47.13 -7.80
N VAL B 418 39.35 46.24 -8.77
CA VAL B 418 40.30 46.10 -9.88
C VAL B 418 40.66 47.41 -10.64
N PRO B 419 39.68 48.09 -11.24
CA PRO B 419 40.08 49.28 -12.02
C PRO B 419 40.82 50.35 -11.19
N GLY B 420 40.32 50.60 -9.98
CA GLY B 420 40.90 51.62 -9.08
C GLY B 420 42.28 51.25 -8.61
N THR B 421 42.52 49.95 -8.44
CA THR B 421 43.87 49.46 -8.20
C THR B 421 44.81 49.73 -9.38
N PHE B 422 44.33 49.57 -10.62
CA PHE B 422 45.16 49.91 -11.79
C PHE B 422 45.58 51.38 -11.78
N LEU B 423 44.65 52.27 -11.48
N LEU B 423 44.66 52.28 -11.46
CA LEU B 423 44.92 53.70 -11.27
CA LEU B 423 44.97 53.70 -11.27
C LEU B 423 45.99 53.99 -10.16
C LEU B 423 46.03 53.95 -10.16
N ARG B 424 45.86 53.36 -8.98
CA ARG B 424 46.84 53.54 -7.88
C ARG B 424 48.25 53.02 -8.20
N LYS B 425 48.34 51.89 -8.90
CA LYS B 425 49.64 51.39 -9.36
C LYS B 425 50.26 52.34 -10.42
N ALA B 426 49.40 53.01 -11.18
CA ALA B 426 49.82 54.01 -12.17
C ALA B 426 50.44 55.25 -11.50
N LYS B 428 51.51 55.69 -8.54
CA LYS B 428 52.65 55.25 -7.70
C LYS B 428 53.95 54.94 -8.46
N GLY B 429 53.83 54.73 -9.78
CA GLY B 429 54.98 54.54 -10.65
C GLY B 429 55.40 53.11 -10.93
N GLU B 430 54.54 52.18 -10.54
CA GLU B 430 54.74 50.77 -10.88
C GLU B 430 54.31 50.50 -12.33
N LEU B 431 53.43 51.36 -12.88
CA LEU B 431 52.87 51.19 -14.24
C LEU B 431 52.66 52.55 -14.95
N PRO B 432 52.81 52.60 -16.30
CA PRO B 432 52.58 53.80 -17.10
C PRO B 432 51.21 54.45 -16.89
N PRO B 449 44.53 42.10 -38.96
CA PRO B 449 44.12 40.68 -38.76
C PRO B 449 44.43 39.70 -39.90
N GLU B 450 44.60 40.19 -41.12
CA GLU B 450 45.06 39.33 -42.24
C GLU B 450 46.59 39.08 -42.27
N GLU B 451 47.35 39.90 -41.54
CA GLU B 451 48.82 39.71 -41.38
C GLU B 451 49.16 38.55 -40.42
N VAL B 452 48.15 38.10 -39.65
CA VAL B 452 48.35 37.18 -38.51
C VAL B 452 49.30 36.00 -38.76
N GLY B 453 48.98 35.12 -39.72
CA GLY B 453 49.94 34.10 -40.13
C GLY B 453 49.56 32.64 -39.91
N ASP B 454 50.57 31.78 -39.94
CA ASP B 454 50.39 30.33 -39.96
C ASP B 454 50.80 29.64 -38.65
N GLU B 455 51.84 30.17 -38.00
CA GLU B 455 52.39 29.64 -36.74
C GLU B 455 51.30 29.26 -35.70
N PRO B 456 51.55 28.22 -34.88
CA PRO B 456 50.54 27.86 -33.84
C PRO B 456 50.20 29.04 -32.95
N LEU B 457 48.92 29.27 -32.71
CA LEU B 457 48.46 30.31 -31.77
C LEU B 457 48.55 31.76 -32.23
N ALA B 458 48.91 31.97 -33.50
CA ALA B 458 49.09 33.31 -34.03
C ALA B 458 47.85 34.19 -33.82
N LEU B 459 46.69 33.68 -34.18
CA LEU B 459 45.44 34.42 -33.96
C LEU B 459 45.23 34.72 -32.48
N GLN B 460 45.45 33.73 -31.63
CA GLN B 460 45.21 33.92 -30.19
C GLN B 460 46.13 34.96 -29.57
N LYS B 461 47.39 35.00 -30.02
CA LYS B 461 48.33 36.06 -29.59
C LYS B 461 47.86 37.42 -30.06
N TYR B 462 47.39 37.47 -31.30
CA TYR B 462 46.79 38.67 -31.85
C TYR B 462 45.62 39.15 -30.98
N LEU B 463 44.75 38.23 -30.60
CA LEU B 463 43.53 38.59 -29.81
C LEU B 463 43.89 39.11 -28.40
N VAL B 464 44.87 38.47 -27.78
CA VAL B 464 45.38 38.90 -26.48
C VAL B 464 45.92 40.34 -26.54
N ASN B 465 46.71 40.63 -27.57
CA ASN B 465 47.25 41.99 -27.74
C ASN B 465 46.15 43.03 -27.95
N ASN B 466 45.21 42.72 -28.84
CA ASN B 466 44.12 43.66 -29.08
C ASN B 466 43.23 43.78 -27.85
N ALA B 467 43.08 42.71 -27.09
CA ALA B 467 42.30 42.76 -25.83
C ALA B 467 42.89 43.78 -24.84
N LYS B 468 44.22 43.81 -24.72
CA LYS B 468 44.93 44.81 -23.90
C LYS B 468 44.60 46.24 -24.39
N LYS B 469 44.77 46.47 -25.69
CA LYS B 469 44.37 47.76 -26.29
C LYS B 469 42.93 48.14 -25.97
N ILE B 470 42.01 47.17 -26.07
CA ILE B 470 40.59 47.45 -25.86
C ILE B 470 40.36 47.86 -24.40
N GLY B 471 41.03 47.15 -23.50
CA GLY B 471 40.91 47.39 -22.07
C GLY B 471 41.37 48.79 -21.70
N LEU B 472 42.56 49.14 -22.18
CA LEU B 472 43.16 50.46 -21.95
C LEU B 472 42.32 51.57 -22.58
N VAL B 474 39.06 51.55 -23.28
CA VAL B 474 37.82 51.69 -22.56
C VAL B 474 38.02 52.33 -21.18
N ALA B 475 39.01 51.88 -20.43
CA ALA B 475 39.27 52.47 -19.11
C ALA B 475 39.67 53.96 -19.26
N GLY B 476 40.52 54.25 -20.25
CA GLY B 476 41.00 55.61 -20.52
C GLY B 476 39.84 56.54 -20.80
N LEU B 477 38.95 56.14 -21.70
CA LEU B 477 37.75 56.94 -22.01
C LEU B 477 36.83 57.14 -20.81
N ALA B 478 36.66 56.10 -19.99
CA ALA B 478 35.83 56.20 -18.79
C ALA B 478 36.37 57.21 -17.77
N ALA B 479 37.68 57.13 -17.49
CA ALA B 479 38.37 58.04 -16.55
C ALA B 479 38.33 59.49 -16.99
N GLN B 480 38.47 59.70 -18.30
CA GLN B 480 38.35 61.02 -18.89
C GLN B 480 36.99 61.67 -18.61
N LYS B 481 35.92 60.88 -18.79
CA LYS B 481 34.56 61.39 -18.62
C LYS B 481 34.19 61.69 -17.18
N TYR B 482 34.57 60.78 -16.27
CA TYR B 482 34.08 60.82 -14.90
C TYR B 482 35.12 61.29 -13.90
N GLY B 483 36.40 61.13 -14.27
CA GLY B 483 37.52 61.52 -13.43
C GLY B 483 37.53 60.76 -12.13
N LYS B 484 37.64 61.48 -11.03
CA LYS B 484 37.61 60.87 -9.71
C LYS B 484 36.24 60.31 -9.31
N ALA B 485 35.17 60.81 -9.94
CA ALA B 485 33.81 60.33 -9.68
C ALA B 485 33.51 59.02 -10.41
N LEU B 486 34.54 58.38 -10.95
CA LEU B 486 34.38 57.09 -11.61
C LEU B 486 33.95 55.99 -10.63
N ASP B 487 34.37 56.12 -9.37
CA ASP B 487 33.98 55.18 -8.31
C ASP B 487 32.48 54.98 -8.10
N LYS B 488 31.68 55.96 -8.51
CA LYS B 488 30.22 55.83 -8.46
C LYS B 488 29.64 55.05 -9.67
N GLU B 489 30.38 54.95 -10.76
CA GLU B 489 29.90 54.32 -11.99
C GLU B 489 30.15 52.81 -11.94
N GLN B 490 29.51 52.15 -10.98
CA GLN B 490 29.75 50.72 -10.74
C GLN B 490 29.58 49.83 -11.94
N GLU B 491 28.57 50.06 -12.74
CA GLU B 491 28.38 49.17 -13.88
C GLU B 491 29.54 49.21 -14.87
N ILE B 492 30.14 50.38 -15.04
CA ILE B 492 31.22 50.56 -16.01
C ILE B 492 32.49 49.98 -15.42
N LEU B 493 32.67 50.16 -14.11
CA LEU B 493 33.84 49.59 -13.44
C LEU B 493 33.88 48.05 -13.58
N VAL B 494 32.72 47.42 -13.41
CA VAL B 494 32.62 45.95 -13.53
C VAL B 494 32.91 45.49 -14.97
N ASN B 495 32.53 46.31 -15.96
CA ASN B 495 32.80 45.99 -17.36
C ASN B 495 34.29 45.96 -17.60
N ILE B 496 34.99 46.97 -17.05
CA ILE B 496 36.44 47.07 -17.12
C ILE B 496 37.07 45.87 -16.43
N ALA B 497 36.63 45.59 -15.20
CA ALA B 497 37.15 44.44 -14.44
C ALA B 497 36.96 43.14 -15.22
N ASP B 498 35.83 43.00 -15.88
CA ASP B 498 35.55 41.76 -16.61
C ASP B 498 36.42 41.68 -17.86
N ILE B 499 36.71 42.82 -18.47
CA ILE B 499 37.61 42.78 -19.63
C ILE B 499 38.99 42.35 -19.13
N VAL B 500 39.41 42.91 -18.00
CA VAL B 500 40.73 42.61 -17.49
C VAL B 500 40.81 41.13 -17.10
N SER B 501 39.75 40.61 -16.50
CA SER B 501 39.76 39.21 -16.05
C SER B 501 39.91 38.26 -17.25
N ASN B 502 39.06 38.44 -18.23
CA ASN B 502 39.12 37.64 -19.45
C ASN B 502 40.49 37.72 -20.12
N LEU B 503 41.06 38.93 -20.15
CA LEU B 503 42.37 39.11 -20.75
C LEU B 503 43.45 38.33 -20.03
N TYR B 504 43.43 38.37 -18.70
CA TYR B 504 44.45 37.71 -17.88
C TYR B 504 44.34 36.19 -18.06
N ALA B 505 43.08 35.70 -18.12
CA ALA B 505 42.81 34.29 -18.36
C ALA B 505 43.25 33.88 -19.76
N GLU B 507 45.51 35.35 -21.81
CA GLU B 507 46.95 35.45 -21.92
C GLU B 507 47.61 34.29 -21.18
N SER B 508 47.08 33.94 -20.02
CA SER B 508 47.65 32.83 -19.25
C SER B 508 47.54 31.52 -20.01
N ALA B 509 46.38 31.27 -20.64
CA ALA B 509 46.20 30.05 -21.42
C ALA B 509 47.12 30.06 -22.64
N VAL B 510 47.23 31.22 -23.29
CA VAL B 510 48.11 31.39 -24.49
C VAL B 510 49.60 31.13 -24.16
N LEU B 511 50.10 31.77 -23.11
CA LEU B 511 51.52 31.65 -22.75
C LEU B 511 51.84 30.24 -22.28
N ARG B 512 50.95 29.66 -21.47
CA ARG B 512 51.14 28.28 -21.04
C ARG B 512 51.22 27.30 -22.22
N THR B 513 50.33 27.49 -23.20
CA THR B 513 50.29 26.65 -24.37
C THR B 513 51.53 26.94 -25.26
N GLU B 514 51.84 28.20 -25.46
CA GLU B 514 53.04 28.57 -26.21
C GLU B 514 54.29 27.96 -25.57
N LYS B 515 54.33 27.97 -24.24
CA LYS B 515 55.47 27.47 -23.49
C LYS B 515 55.63 25.96 -23.71
N ALA B 516 54.52 25.24 -23.60
CA ALA B 516 54.46 23.81 -23.82
C ALA B 516 54.90 23.40 -25.22
N ILE B 517 54.49 24.17 -26.23
CA ILE B 517 54.87 23.86 -27.61
C ILE B 517 56.38 23.99 -27.81
N LYS B 518 56.95 25.08 -27.29
CA LYS B 518 58.41 25.32 -27.28
C LYS B 518 59.18 24.25 -26.49
N THR B 519 58.52 23.64 -25.50
CA THR B 519 59.17 22.67 -24.61
C THR B 519 59.08 21.23 -25.09
N THR B 520 57.88 20.81 -25.50
CA THR B 520 57.63 19.40 -25.80
C THR B 520 56.98 19.16 -27.16
N GLY B 521 56.80 20.22 -27.95
CA GLY B 521 56.29 20.06 -29.33
C GLY B 521 54.79 20.28 -29.52
N LEU B 522 54.40 20.50 -30.77
CA LEU B 522 53.03 20.79 -31.13
C LEU B 522 52.13 19.58 -30.99
N GLU B 523 52.58 18.43 -31.50
CA GLU B 523 51.74 17.23 -31.52
C GLU B 523 51.29 16.79 -30.12
N LYS B 524 52.22 16.79 -29.17
CA LYS B 524 51.88 16.36 -27.81
C LYS B 524 50.99 17.35 -27.03
N ASN B 525 50.86 18.56 -27.55
CA ASN B 525 50.06 19.61 -26.91
C ASN B 525 48.80 20.03 -27.67
N LYS B 526 48.25 19.10 -28.46
CA LYS B 526 47.04 19.38 -29.23
C LYS B 526 45.84 19.81 -28.33
N GLN B 527 45.68 19.12 -27.20
CA GLN B 527 44.57 19.44 -26.26
C GLN B 527 44.70 20.90 -25.76
N LYS B 528 45.90 21.32 -25.36
CA LYS B 528 46.10 22.68 -24.90
C LYS B 528 45.78 23.70 -25.98
N VAL B 529 46.17 23.42 -27.22
CA VAL B 529 45.86 24.32 -28.35
C VAL B 529 44.35 24.48 -28.56
N LEU B 530 43.63 23.36 -28.53
CA LEU B 530 42.19 23.37 -28.67
C LEU B 530 41.54 24.16 -27.55
N TYR B 531 41.99 23.97 -26.30
CA TYR B 531 41.41 24.71 -25.15
C TYR B 531 41.59 26.21 -25.37
N THR B 532 42.79 26.57 -25.80
CA THR B 532 43.15 27.98 -25.92
C THR B 532 42.37 28.64 -27.06
N GLU B 533 42.27 27.95 -28.20
CA GLU B 533 41.48 28.42 -29.34
C GLU B 533 40.01 28.71 -28.96
N VAL B 534 39.35 27.74 -28.32
CA VAL B 534 37.92 27.86 -28.04
C VAL B 534 37.70 28.86 -26.91
N PHE B 535 38.52 28.80 -25.89
CA PHE B 535 38.38 29.73 -24.79
C PHE B 535 38.61 31.18 -25.28
N CYS B 536 39.66 31.39 -26.08
CA CYS B 536 40.01 32.75 -26.54
C CYS B 536 38.94 33.40 -27.41
N GLN B 537 38.32 32.61 -28.28
CA GLN B 537 37.25 33.15 -29.12
C GLN B 537 36.06 33.64 -28.27
N GLU B 538 35.60 32.78 -27.36
CA GLU B 538 34.48 33.15 -26.47
C GLU B 538 34.83 34.29 -25.53
N ALA B 539 35.99 34.24 -24.89
CA ALA B 539 36.42 35.31 -23.99
C ALA B 539 36.60 36.64 -24.72
N PHE B 540 37.16 36.61 -25.92
CA PHE B 540 37.32 37.81 -26.70
C PHE B 540 35.97 38.42 -27.12
N ASN B 541 35.01 37.56 -27.49
CA ASN B 541 33.63 38.01 -27.77
C ASN B 541 32.98 38.69 -26.58
N GLU B 542 33.18 38.15 -25.38
CA GLU B 542 32.73 38.84 -24.15
C GLU B 542 33.41 40.20 -23.96
N ILE B 543 34.71 40.25 -24.21
CA ILE B 543 35.44 41.52 -24.10
C ILE B 543 34.83 42.62 -25.01
N GLU B 544 34.54 42.23 -26.25
CA GLU B 544 33.92 43.15 -27.23
C GLU B 544 32.57 43.66 -26.72
N ALA B 545 31.75 42.75 -26.19
CA ALA B 545 30.45 43.11 -25.66
C ALA B 545 30.55 44.04 -24.44
N HIS B 546 31.47 43.76 -23.53
CA HIS B 546 31.71 44.65 -22.39
C HIS B 546 32.23 46.02 -22.83
N ALA B 547 33.13 46.04 -23.83
CA ALA B 547 33.67 47.31 -24.36
C ALA B 547 32.56 48.15 -24.99
N LYS B 548 31.73 47.52 -25.83
N LYS B 548 31.71 47.51 -25.81
CA LYS B 548 30.60 48.19 -26.47
CA LYS B 548 30.61 48.19 -26.47
C LYS B 548 29.67 48.84 -25.46
C LYS B 548 29.64 48.83 -25.48
N GLU B 549 29.24 48.08 -24.46
CA GLU B 549 28.31 48.60 -23.45
C GLU B 549 28.90 49.85 -22.78
N THR B 550 30.17 49.77 -22.40
CA THR B 550 30.93 50.87 -21.78
C THR B 550 31.08 52.11 -22.68
N LEU B 551 31.36 51.93 -23.98
CA LEU B 551 31.50 53.07 -24.88
C LEU B 551 30.15 53.78 -25.05
N ILE B 552 29.08 52.99 -25.22
CA ILE B 552 27.71 53.51 -25.34
C ILE B 552 27.25 54.29 -24.10
N ALA B 553 27.82 53.98 -22.94
CA ALA B 553 27.42 54.65 -21.71
C ALA B 553 28.21 55.93 -21.54
N VAL B 554 29.32 56.02 -22.26
CA VAL B 554 30.29 57.06 -22.01
C VAL B 554 30.20 58.15 -23.06
N GLU B 555 30.17 57.77 -24.34
CA GLU B 555 29.96 58.76 -25.38
C GLU B 555 28.61 58.72 -26.06
N ASN B 556 28.34 59.73 -26.87
CA ASN B 556 27.13 59.82 -27.66
C ASN B 556 27.38 60.63 -28.93
N GLY B 557 26.46 60.54 -29.88
CA GLY B 557 26.58 61.23 -31.17
C GLY B 557 27.72 60.67 -32.00
N ASP B 558 28.43 61.58 -32.67
CA ASP B 558 29.47 61.23 -33.64
C ASP B 558 30.77 60.76 -33.00
N LEU B 560 30.75 58.86 -30.41
CA LEU B 560 30.39 57.46 -30.13
C LEU B 560 30.59 56.60 -31.37
N ARG B 561 30.11 57.10 -32.51
CA ARG B 561 30.27 56.41 -33.79
C ARG B 561 31.74 56.15 -34.13
N LEU B 564 33.12 53.45 -31.58
CA LEU B 564 32.59 52.14 -31.94
C LEU B 564 33.30 51.64 -33.20
N SER B 565 33.63 52.57 -34.10
CA SER B 565 34.39 52.22 -35.30
C SER B 565 35.84 51.82 -34.98
N SER B 566 36.45 52.44 -33.97
CA SER B 566 37.79 52.05 -33.53
C SER B 566 37.78 50.64 -32.88
N LEU B 567 36.71 50.34 -32.15
CA LEU B 567 36.54 49.03 -31.51
C LEU B 567 36.37 47.95 -32.59
N ARG B 568 35.60 48.26 -33.64
CA ARG B 568 35.46 47.36 -34.80
C ARG B 568 36.83 46.95 -35.32
N LYS B 569 37.70 47.93 -35.50
CA LYS B 569 39.08 47.69 -35.94
C LYS B 569 39.86 46.80 -34.98
N LEU B 570 39.60 46.95 -33.68
CA LEU B 570 40.30 46.13 -32.68
C LEU B 570 39.78 44.70 -32.60
N THR B 571 38.57 44.47 -33.08
CA THR B 571 37.92 43.16 -32.92
C THR B 571 37.81 42.35 -34.21
N ARG B 572 38.05 43.01 -35.33
CA ARG B 572 37.96 42.36 -36.62
C ARG B 572 38.92 41.17 -36.66
N HIS B 573 38.43 40.01 -37.08
CA HIS B 573 39.29 38.85 -37.38
C HIS B 573 38.45 37.75 -37.97
N THR B 574 39.08 36.68 -38.46
CA THR B 574 38.33 35.59 -39.07
C THR B 574 38.03 34.55 -38.01
N PRO B 575 36.75 34.44 -37.61
CA PRO B 575 36.44 33.57 -36.49
C PRO B 575 36.64 32.08 -36.80
N LEU B 576 36.90 31.29 -35.75
CA LEU B 576 37.07 29.85 -35.85
C LEU B 576 35.72 29.17 -35.79
N ASN B 577 35.67 27.96 -36.33
CA ASN B 577 34.54 27.05 -36.13
C ASN B 577 34.79 26.18 -34.90
N VAL B 578 34.21 26.57 -33.78
CA VAL B 578 34.50 25.93 -32.48
C VAL B 578 33.77 24.58 -32.26
N ILE B 579 32.73 24.33 -33.02
CA ILE B 579 31.89 23.12 -32.85
C ILE B 579 32.67 21.81 -33.06
N PRO B 580 33.37 21.67 -34.21
CA PRO B 580 34.22 20.48 -34.33
C PRO B 580 35.37 20.46 -33.32
N LYS B 581 35.91 21.62 -32.94
CA LYS B 581 37.02 21.63 -31.96
C LYS B 581 36.52 21.19 -30.57
N LYS B 582 35.28 21.52 -30.23
CA LYS B 582 34.75 21.10 -28.91
C LYS B 582 34.51 19.60 -28.91
N ARG B 583 34.12 19.05 -30.05
CA ARG B 583 33.96 17.61 -30.18
C ARG B 583 35.28 16.88 -30.00
N GLU B 584 36.34 17.44 -30.56
CA GLU B 584 37.68 16.91 -30.36
C GLU B 584 38.16 16.99 -28.90
N ILE B 585 37.97 18.15 -28.28
CA ILE B 585 38.27 18.31 -26.85
C ILE B 585 37.57 17.18 -26.06
N ALA B 586 36.29 17.00 -26.32
CA ALA B 586 35.48 16.08 -25.53
C ALA B 586 35.92 14.62 -25.73
N ALA B 587 36.35 14.29 -26.94
CA ALA B 587 36.73 12.95 -27.23
C ALA B 587 37.93 12.55 -26.36
N LYS B 588 38.84 13.48 -26.12
CA LYS B 588 39.99 13.19 -25.28
C LYS B 588 39.60 13.16 -23.79
N ILE B 589 38.64 13.99 -23.39
CA ILE B 589 38.22 13.98 -22.00
C ILE B 589 37.54 12.65 -21.68
N LEU B 590 36.67 12.20 -22.59
CA LEU B 590 35.92 10.97 -22.39
C LEU B 590 36.81 9.75 -22.52
N GLU B 591 37.92 9.87 -23.23
CA GLU B 591 38.82 8.73 -23.34
C GLU B 591 39.62 8.55 -22.04
N ASP B 592 40.15 9.65 -21.49
CA ASP B 592 40.92 9.62 -20.25
C ASP B 592 40.02 9.60 -19.00
N GLU B 593 38.77 10.02 -19.16
CA GLU B 593 37.78 10.10 -18.06
C GLU B 593 38.26 11.03 -16.97
N ARG B 594 38.88 12.13 -17.39
CA ARG B 594 39.34 13.14 -16.48
C ARG B 594 39.76 14.35 -17.28
N TYR B 595 40.00 15.44 -16.57
CA TYR B 595 40.53 16.63 -17.19
C TYR B 595 42.01 16.32 -17.48
N THR B 596 42.43 16.52 -18.73
CA THR B 596 43.82 16.39 -19.13
C THR B 596 44.20 17.57 -19.99
N VAL B 597 45.51 17.78 -20.12
CA VAL B 597 46.08 18.89 -20.86
C VAL B 597 47.13 18.37 -21.85
N ALA C 11 -19.95 -5.58 40.62
CA ALA C 11 -18.64 -5.86 41.29
C ALA C 11 -18.52 -7.35 41.66
N VAL C 12 -18.41 -8.19 40.64
CA VAL C 12 -18.31 -9.64 40.83
C VAL C 12 -17.00 -10.08 40.18
N LYS C 13 -16.21 -10.91 40.84
CA LYS C 13 -14.95 -11.36 40.24
C LYS C 13 -15.17 -12.30 39.06
N GLY C 14 -14.26 -12.26 38.10
CA GLY C 14 -14.28 -13.12 36.94
C GLY C 14 -14.15 -14.57 37.37
N GLY C 15 -15.02 -15.45 36.85
CA GLY C 15 -15.01 -16.86 37.21
C GLY C 15 -15.74 -17.20 38.51
N SER C 16 -16.11 -16.18 39.30
CA SER C 16 -16.70 -16.42 40.63
C SER C 16 -18.08 -17.05 40.54
N PHE C 17 -18.75 -16.92 39.39
CA PHE C 17 -20.05 -17.60 39.18
C PHE C 17 -19.97 -19.12 39.41
N LEU C 18 -18.81 -19.72 39.24
CA LEU C 18 -18.70 -21.17 39.44
C LEU C 18 -18.83 -21.54 40.93
N VAL C 19 -18.40 -20.66 41.82
CA VAL C 19 -18.29 -21.03 43.24
C VAL C 19 -19.09 -20.13 44.20
N ASP C 20 -19.70 -19.07 43.71
CA ASP C 20 -20.44 -18.10 44.54
C ASP C 20 -21.90 -18.05 44.10
N GLU C 21 -22.77 -17.64 45.00
CA GLU C 21 -24.14 -17.30 44.65
C GLU C 21 -24.15 -15.99 43.88
N ILE C 22 -24.86 -15.97 42.76
CA ILE C 22 -25.05 -14.73 41.99
C ILE C 22 -26.54 -14.42 42.05
N THR C 23 -26.85 -13.17 42.36
CA THR C 23 -28.21 -12.68 42.49
C THR C 23 -28.60 -11.89 41.25
N ILE C 24 -29.90 -11.73 41.04
CA ILE C 24 -30.47 -10.89 39.96
C ILE C 24 -29.90 -9.47 39.93
N ASP C 25 -29.48 -8.97 41.10
CA ASP C 25 -28.85 -7.66 41.20
C ASP C 25 -27.42 -7.64 40.64
N GLN C 26 -26.83 -8.82 40.47
CA GLN C 26 -25.44 -8.90 40.01
C GLN C 26 -25.30 -9.25 38.52
N VAL C 27 -26.42 -9.28 37.80
CA VAL C 27 -26.36 -9.54 36.36
C VAL C 27 -26.92 -8.36 35.59
N PHE C 28 -26.28 -8.06 34.46
CA PHE C 28 -26.84 -7.14 33.50
C PHE C 28 -27.62 -7.92 32.43
N THR C 29 -28.74 -7.36 32.04
CA THR C 29 -29.75 -8.02 31.24
C THR C 29 -30.22 -7.06 30.12
N PRO C 30 -30.66 -7.61 28.97
CA PRO C 30 -31.25 -6.69 28.00
C PRO C 30 -32.45 -5.88 28.51
N GLU C 31 -33.14 -6.35 29.53
CA GLU C 31 -34.25 -5.55 30.13
C GLU C 31 -33.70 -4.32 30.85
N ASP C 32 -32.40 -4.35 31.17
CA ASP C 32 -31.72 -3.19 31.78
C ASP C 32 -31.28 -2.09 30.80
N PHE C 33 -31.38 -2.28 29.47
CA PHE C 33 -30.95 -1.29 28.48
C PHE C 33 -31.63 0.06 28.75
N SER C 34 -30.87 1.16 28.69
CA SER C 34 -31.44 2.51 28.78
C SER C 34 -32.05 2.92 27.43
N SER C 35 -32.73 4.05 27.42
CA SER C 35 -33.27 4.61 26.20
C SER C 35 -32.16 4.94 25.25
N GLU C 36 -31.02 5.39 25.77
CA GLU C 36 -29.87 5.68 24.88
C GLU C 36 -29.31 4.42 24.23
N HIS C 37 -29.36 3.30 24.95
CA HIS C 37 -28.89 2.03 24.39
C HIS C 37 -29.79 1.67 23.21
N LYS C 38 -31.09 1.80 23.44
CA LYS C 38 -32.07 1.39 22.44
C LYS C 38 -32.02 2.31 21.21
N ILE C 40 -29.43 3.93 20.04
CA ILE C 40 -28.21 3.59 19.30
C ILE C 40 -28.45 2.33 18.50
N ALA C 41 -29.15 1.36 19.11
CA ALA C 41 -29.48 0.11 18.41
C ALA C 41 -30.32 0.43 17.17
N LYS C 42 -31.34 1.29 17.34
CA LYS C 42 -32.23 1.67 16.24
C LYS C 42 -31.48 2.43 15.10
N THR C 43 -30.61 3.35 15.47
CA THR C 43 -29.77 4.07 14.52
C THR C 43 -28.91 3.14 13.67
N THR C 44 -28.34 2.15 14.32
CA THR C 44 -27.52 1.18 13.61
C THR C 44 -28.38 0.35 12.69
N GLU C 45 -29.50 -0.16 13.21
CA GLU C 45 -30.39 -1.03 12.39
C GLU C 45 -30.90 -0.29 11.15
N ASP C 46 -31.30 0.98 11.31
CA ASP C 46 -31.73 1.81 10.17
C ASP C 46 -30.62 1.95 9.14
N PHE C 47 -29.42 2.27 9.63
CA PHE C 47 -28.25 2.36 8.76
C PHE C 47 -28.06 1.07 7.97
N ILE C 48 -28.05 -0.08 8.65
CA ILE C 48 -27.79 -1.37 7.98
C ILE C 48 -28.87 -1.70 6.94
N VAL C 49 -30.13 -1.59 7.37
CA VAL C 49 -31.25 -1.91 6.51
C VAL C 49 -31.39 -0.91 5.35
N ASN C 50 -31.37 0.39 5.64
CA ASN C 50 -31.59 1.38 4.61
C ASN C 50 -30.41 1.54 3.63
N GLU C 51 -29.17 1.47 4.14
CA GLU C 51 -28.01 1.85 3.33
C GLU C 51 -27.16 0.65 2.96
N VAL C 52 -26.99 -0.28 3.89
CA VAL C 52 -26.06 -1.39 3.62
C VAL C 52 -26.68 -2.48 2.79
N LEU C 53 -27.83 -2.98 3.23
CA LEU C 53 -28.47 -4.13 2.58
C LEU C 53 -28.70 -3.98 1.06
N PRO C 54 -29.14 -2.77 0.57
CA PRO C 54 -29.28 -2.65 -0.89
C PRO C 54 -27.97 -2.93 -1.66
N GLU C 55 -26.80 -2.82 -1.00
CA GLU C 55 -25.49 -2.93 -1.69
C GLU C 55 -24.79 -4.25 -1.40
N LEU C 56 -25.37 -5.02 -0.51
CA LEU C 56 -24.72 -6.24 -0.02
C LEU C 56 -24.26 -7.19 -1.11
N GLU C 57 -25.09 -7.45 -2.10
N GLU C 57 -25.11 -7.46 -2.10
CA GLU C 57 -24.72 -8.38 -3.17
CA GLU C 57 -24.75 -8.36 -3.21
C GLU C 57 -23.57 -7.90 -4.06
C GLU C 57 -23.50 -7.91 -3.95
N TYR C 58 -23.33 -6.59 -4.08
CA TYR C 58 -22.12 -6.03 -4.70
C TYR C 58 -20.90 -6.13 -3.78
N LEU C 59 -21.07 -5.98 -2.47
CA LEU C 59 -19.95 -6.18 -1.58
C LEU C 59 -19.46 -7.64 -1.71
N GLU C 60 -20.40 -8.57 -1.92
CA GLU C 60 -20.06 -9.99 -1.95
C GLU C 60 -19.22 -10.27 -3.17
N GLN C 61 -19.30 -9.38 -4.16
CA GLN C 61 -18.49 -9.50 -5.36
C GLN C 61 -17.20 -8.69 -5.24
N HIS C 62 -16.87 -8.28 -3.99
CA HIS C 62 -15.61 -7.57 -3.71
C HIS C 62 -15.55 -6.18 -4.33
N GLU C 63 -16.68 -5.50 -4.43
CA GLU C 63 -16.63 -4.09 -4.84
C GLU C 63 -16.35 -3.26 -3.59
N PHE C 64 -15.10 -3.28 -3.17
CA PHE C 64 -14.68 -2.69 -1.88
C PHE C 64 -14.81 -1.15 -1.79
N ASP C 65 -14.85 -0.47 -2.93
CA ASP C 65 -15.17 0.95 -2.97
C ASP C 65 -16.46 1.25 -2.20
N ARG C 66 -17.44 0.37 -2.34
CA ARG C 66 -18.73 0.54 -1.66
C ARG C 66 -18.59 0.32 -0.16
N SER C 67 -17.82 -0.70 0.24
CA SER C 67 -17.56 -0.95 1.67
C SER C 67 -16.97 0.29 2.28
N VAL C 68 -15.97 0.86 1.63
CA VAL C 68 -15.24 2.02 2.17
C VAL C 68 -16.21 3.20 2.29
N ARG C 69 -16.95 3.44 1.22
CA ARG C 69 -17.96 4.53 1.29
C ARG C 69 -18.97 4.29 2.43
N LEU C 70 -19.44 3.05 2.57
CA LEU C 70 -20.41 2.74 3.60
C LEU C 70 -19.83 2.88 5.00
N LEU C 71 -18.58 2.44 5.20
CA LEU C 71 -17.91 2.62 6.48
C LEU C 71 -17.80 4.10 6.86
N LYS C 72 -17.50 4.96 5.88
CA LYS C 72 -17.47 6.40 6.14
C LYS C 72 -18.84 6.98 6.45
N GLU C 73 -19.90 6.45 5.82
CA GLU C 73 -21.25 6.90 6.15
C GLU C 73 -21.54 6.50 7.60
N ALA C 74 -21.18 5.25 7.97
CA ALA C 74 -21.31 4.79 9.37
C ALA C 74 -20.50 5.67 10.30
N GLY C 75 -19.29 5.99 9.86
CA GLY C 75 -18.42 6.95 10.57
C GLY C 75 -19.12 8.27 10.90
N GLU C 76 -19.82 8.84 9.94
CA GLU C 76 -20.59 10.09 10.17
C GLU C 76 -21.73 9.94 11.18
N LEU C 77 -22.22 8.72 11.38
CA LEU C 77 -23.28 8.47 12.36
C LEU C 77 -22.71 8.18 13.75
N GLY C 78 -21.37 8.11 13.85
CA GLY C 78 -20.73 7.83 15.13
C GLY C 78 -20.55 6.33 15.40
N LEU C 79 -20.84 5.49 14.39
CA LEU C 79 -20.80 4.03 14.60
C LEU C 79 -19.38 3.44 14.53
N LEU C 80 -18.39 4.26 14.19
CA LEU C 80 -17.03 3.75 14.20
C LEU C 80 -16.20 4.25 15.37
N GLY C 81 -16.81 5.02 16.24
CA GLY C 81 -16.06 5.70 17.29
C GLY C 81 -16.71 5.63 18.65
N ALA C 82 -17.66 4.69 18.81
CA ALA C 82 -18.34 4.46 20.11
C ALA C 82 -17.36 4.10 21.22
N ASP C 83 -16.31 3.36 20.89
CA ASP C 83 -15.33 2.94 21.90
C ASP C 83 -14.12 3.86 22.06
N VAL C 84 -14.09 4.95 21.32
CA VAL C 84 -12.96 5.85 21.38
C VAL C 84 -13.40 7.01 22.28
N PRO C 85 -12.59 7.34 23.30
CA PRO C 85 -12.92 8.46 24.20
C PRO C 85 -13.06 9.78 23.44
N GLU C 86 -13.98 10.62 23.90
CA GLU C 86 -14.23 11.92 23.27
C GLU C 86 -12.97 12.77 23.13
N GLU C 87 -12.05 12.60 24.09
N GLU C 87 -12.03 12.70 24.07
CA GLU C 87 -10.79 13.33 24.18
CA GLU C 87 -10.86 13.57 23.96
C GLU C 87 -9.76 12.97 23.09
C GLU C 87 -10.04 13.23 22.72
N TYR C 88 -10.10 11.97 22.28
CA TYR C 88 -9.31 11.55 21.12
C TYR C 88 -10.12 11.53 19.84
N GLY C 89 -11.25 12.24 19.84
CA GLY C 89 -12.07 12.38 18.65
C GLY C 89 -13.19 11.36 18.47
N GLY C 90 -13.46 10.59 19.51
CA GLY C 90 -14.53 9.60 19.49
C GLY C 90 -15.83 10.10 20.09
N ILE C 91 -16.75 9.18 20.32
CA ILE C 91 -18.06 9.51 20.89
C ILE C 91 -18.10 9.10 22.35
N GLY C 92 -17.17 8.23 22.75
CA GLY C 92 -17.07 7.82 24.14
C GLY C 92 -18.35 7.21 24.72
N LEU C 93 -18.94 6.23 24.04
CA LEU C 93 -20.13 5.56 24.57
C LEU C 93 -19.68 4.39 25.43
N ASP C 94 -20.61 3.78 26.16
CA ASP C 94 -20.28 2.66 27.05
C ASP C 94 -20.25 1.32 26.29
N LYS C 95 -19.89 0.25 26.98
CA LYS C 95 -19.63 -1.02 26.31
C LYS C 95 -20.92 -1.67 25.83
N VAL C 96 -22.03 -1.35 26.51
CA VAL C 96 -23.37 -1.82 26.11
C VAL C 96 -23.75 -1.25 24.75
N SER C 97 -23.49 0.05 24.57
CA SER C 97 -23.67 0.71 23.27
C SER C 97 -22.87 0.08 22.15
N SER C 98 -21.57 -0.17 22.37
CA SER C 98 -20.73 -0.84 21.35
C SER C 98 -21.21 -2.24 21.01
N ALA C 99 -21.73 -2.97 22.00
CA ALA C 99 -22.18 -4.38 21.79
C ALA C 99 -23.44 -4.37 20.91
N LEU C 100 -24.35 -3.48 21.23
CA LEU C 100 -25.58 -3.33 20.47
C LEU C 100 -25.27 -2.94 19.06
N ILE C 101 -24.34 -2.01 18.87
CA ILE C 101 -23.94 -1.71 17.49
C ILE C 101 -23.46 -2.97 16.77
N ALA C 102 -22.60 -3.73 17.42
CA ALA C 102 -22.09 -5.00 16.84
C ALA C 102 -23.27 -5.98 16.58
N GLU C 103 -24.21 -6.02 17.52
CA GLU C 103 -25.35 -6.93 17.37
C GLU C 103 -26.12 -6.58 16.12
N LYS C 104 -26.35 -5.29 15.88
CA LYS C 104 -27.15 -4.88 14.71
C LYS C 104 -26.35 -5.00 13.38
N PHE C 105 -25.04 -4.83 13.43
CA PHE C 105 -24.25 -5.00 12.20
C PHE C 105 -24.30 -6.41 11.64
N SER C 106 -24.55 -7.40 12.50
CA SER C 106 -24.51 -8.80 12.04
C SER C 106 -25.55 -9.03 10.96
N ARG C 107 -26.58 -8.18 10.88
CA ARG C 107 -27.58 -8.32 9.82
C ARG C 107 -26.88 -8.18 8.41
N ALA C 108 -25.68 -7.58 8.35
CA ALA C 108 -25.02 -7.33 7.05
C ALA C 108 -23.94 -8.35 6.71
N GLY C 109 -24.03 -9.56 7.27
CA GLY C 109 -23.12 -10.63 6.76
C GLY C 109 -21.64 -10.29 7.03
N GLY C 110 -20.81 -10.44 6.00
CA GLY C 110 -19.40 -10.19 6.14
C GLY C 110 -19.04 -8.75 6.44
N PHE C 111 -19.94 -7.82 6.11
CA PHE C 111 -19.71 -6.44 6.43
C PHE C 111 -19.64 -6.22 7.95
N ALA C 112 -20.29 -7.07 8.75
CA ALA C 112 -20.16 -6.97 10.21
C ALA C 112 -18.71 -7.34 10.60
N ILE C 113 -18.08 -8.24 9.85
CA ILE C 113 -16.73 -8.57 10.17
C ILE C 113 -15.82 -7.42 9.81
N THR C 114 -16.04 -6.77 8.67
CA THR C 114 -15.27 -5.57 8.26
C THR C 114 -15.34 -4.51 9.39
N HIS C 115 -16.56 -4.23 9.84
CA HIS C 115 -16.75 -3.23 10.88
C HIS C 115 -16.10 -3.66 12.22
N GLY C 116 -16.31 -4.91 12.61
CA GLY C 116 -15.76 -5.40 13.87
C GLY C 116 -14.24 -5.39 13.91
N ALA C 117 -13.63 -5.70 12.77
CA ALA C 117 -12.19 -5.68 12.68
C ALA C 117 -11.68 -4.23 12.75
N HIS C 118 -12.45 -3.27 12.27
CA HIS C 118 -11.98 -1.88 12.41
C HIS C 118 -12.15 -1.34 13.85
N VAL C 119 -13.33 -1.48 14.44
CA VAL C 119 -13.58 -0.90 15.77
C VAL C 119 -13.00 -1.72 16.91
N GLY C 120 -12.75 -3.00 16.65
CA GLY C 120 -12.35 -3.92 17.70
C GLY C 120 -10.85 -4.18 17.65
N ILE C 121 -10.49 -5.35 17.15
CA ILE C 121 -9.11 -5.74 17.19
C ILE C 121 -8.21 -4.75 16.45
N GLY C 122 -8.73 -4.03 15.46
CA GLY C 122 -7.91 -3.05 14.76
C GLY C 122 -7.58 -1.76 15.50
N SER C 123 -8.58 -1.16 16.12
CA SER C 123 -8.43 0.16 16.73
C SER C 123 -8.14 0.11 18.25
N LEU C 124 -8.79 -0.82 18.95
CA LEU C 124 -8.62 -0.97 20.39
C LEU C 124 -7.17 -1.16 20.91
N PRO C 125 -6.26 -1.76 20.11
CA PRO C 125 -4.89 -1.77 20.65
C PRO C 125 -4.31 -0.34 20.90
N ILE C 126 -4.70 0.62 20.07
CA ILE C 126 -4.25 1.99 20.24
C ILE C 126 -5.03 2.63 21.37
N VAL C 127 -6.35 2.45 21.37
CA VAL C 127 -7.20 2.96 22.47
C VAL C 127 -6.71 2.48 23.83
N LEU C 128 -6.30 1.23 23.90
CA LEU C 128 -5.99 0.62 25.17
C LEU C 128 -4.52 0.64 25.57
N PHE C 129 -3.61 0.46 24.61
CA PHE C 129 -2.17 0.44 24.90
C PHE C 129 -1.36 1.52 24.18
N GLY C 130 -2.03 2.45 23.50
CA GLY C 130 -1.30 3.51 22.81
C GLY C 130 -0.85 4.53 23.84
N ASN C 131 0.28 5.19 23.59
CA ASN C 131 0.66 6.33 24.42
C ASN C 131 -0.10 7.58 23.96
N GLU C 132 0.10 8.73 24.63
CA GLU C 132 -0.66 9.93 24.26
C GLU C 132 -0.39 10.41 22.84
N GLU C 133 0.87 10.33 22.41
CA GLU C 133 1.25 10.75 21.06
C GLU C 133 0.53 9.86 20.04
N GLN C 134 0.62 8.54 20.23
CA GLN C 134 -0.07 7.59 19.36
C GLN C 134 -1.59 7.79 19.33
N LYS C 135 -2.22 7.97 20.50
CA LYS C 135 -3.66 8.16 20.55
C LYS C 135 -4.11 9.43 19.88
N LYS C 136 -3.42 10.55 20.14
CA LYS C 136 -3.82 11.80 19.53
C LYS C 136 -3.58 11.79 18.03
N LYS C 137 -2.57 11.07 17.57
CA LYS C 137 -2.29 10.97 16.14
C LYS C 137 -3.30 10.06 15.37
N TYR C 138 -3.56 8.85 15.87
CA TYR C 138 -4.34 7.87 15.09
C TYR C 138 -5.84 7.84 15.38
N LEU C 139 -6.24 7.99 16.64
CA LEU C 139 -7.62 7.81 17.04
C LEU C 139 -8.67 8.76 16.39
N PRO C 140 -8.35 10.08 16.25
CA PRO C 140 -9.36 10.95 15.62
C PRO C 140 -9.77 10.51 14.21
N LEU C 141 -8.83 9.97 13.44
CA LEU C 141 -9.14 9.56 12.09
C LEU C 141 -9.79 8.15 12.07
N LEU C 142 -9.35 7.27 12.96
CA LEU C 142 -9.95 5.91 13.07
C LEU C 142 -11.41 6.02 13.54
N ALA C 143 -11.68 6.99 14.43
CA ALA C 143 -13.00 7.10 15.06
C ALA C 143 -14.09 7.54 14.08
N THR C 144 -13.71 8.18 12.97
CA THR C 144 -14.65 8.58 11.95
C THR C 144 -14.55 7.68 10.70
N GLY C 145 -13.53 6.84 10.64
CA GLY C 145 -13.33 5.99 9.48
C GLY C 145 -12.63 6.68 8.32
N GLU C 146 -12.12 7.90 8.56
CA GLU C 146 -11.22 8.59 7.64
C GLU C 146 -9.95 7.78 7.44
N LYS C 147 -9.47 7.16 8.53
CA LYS C 147 -8.56 6.00 8.43
C LYS C 147 -9.26 4.72 8.91
N LEU C 148 -8.93 3.60 8.26
CA LEU C 148 -9.51 2.28 8.61
C LEU C 148 -8.41 1.35 9.09
N ALA C 149 -8.73 0.52 10.07
CA ALA C 149 -7.73 -0.34 10.70
C ALA C 149 -7.91 -1.86 10.45
N ALA C 150 -6.87 -2.63 10.78
CA ALA C 150 -6.82 -4.04 10.56
C ALA C 150 -5.78 -4.53 11.58
N TYR C 151 -5.81 -5.82 11.90
CA TYR C 151 -5.01 -6.37 12.95
C TYR C 151 -4.31 -7.53 12.34
N ALA C 152 -3.00 -7.58 12.51
CA ALA C 152 -2.17 -8.55 11.80
C ALA C 152 -1.27 -9.36 12.73
N LEU C 153 -1.80 -10.50 13.15
CA LEU C 153 -1.11 -11.41 14.07
C LEU C 153 -0.73 -12.73 13.45
N THR C 154 -1.70 -13.35 12.78
CA THR C 154 -1.53 -14.67 12.21
C THR C 154 -0.54 -14.70 11.05
N GLU C 155 0.19 -15.81 10.97
CA GLU C 155 1.09 -16.11 9.84
C GLU C 155 0.84 -17.52 9.31
N PRO C 156 1.40 -17.84 8.13
CA PRO C 156 1.21 -19.19 7.61
C PRO C 156 1.63 -20.26 8.59
N GLY C 157 2.72 -20.00 9.32
CA GLY C 157 3.25 -21.03 10.24
C GLY C 157 2.73 -20.82 11.66
N SER C 158 1.93 -19.79 11.91
CA SER C 158 1.48 -19.57 13.26
C SER C 158 0.05 -19.07 13.35
N GLY C 159 -0.84 -19.96 13.77
CA GLY C 159 -2.23 -19.56 13.89
C GLY C 159 -2.64 -19.63 15.34
N SER C 160 -3.10 -20.79 15.80
CA SER C 160 -3.36 -21.00 17.23
C SER C 160 -2.12 -20.67 18.08
N ASP C 161 -0.94 -21.04 17.57
CA ASP C 161 0.33 -20.74 18.25
C ASP C 161 0.81 -19.36 17.81
N ALA C 162 0.10 -18.31 18.23
CA ALA C 162 0.33 -16.97 17.67
C ALA C 162 1.72 -16.39 18.02
N LEU C 163 2.25 -16.74 19.19
CA LEU C 163 3.58 -16.30 19.61
C LEU C 163 4.68 -16.97 18.81
N GLY C 164 4.31 -17.87 17.89
CA GLY C 164 5.29 -18.49 17.00
C GLY C 164 5.59 -17.66 15.76
N ALA C 165 5.04 -16.43 15.70
CA ALA C 165 5.29 -15.50 14.58
C ALA C 165 6.76 -15.45 14.14
N LYS C 166 7.02 -15.56 12.84
CA LYS C 166 8.39 -15.47 12.30
C LYS C 166 8.70 -14.09 11.68
N THR C 167 7.73 -13.19 11.60
CA THR C 167 8.03 -11.83 11.14
C THR C 167 9.05 -11.19 12.10
N THR C 168 10.10 -10.60 11.53
CA THR C 168 11.15 -9.97 12.36
C THR C 168 11.14 -8.48 12.23
N ALA C 169 11.73 -7.81 13.24
CA ALA C 169 11.92 -6.37 13.22
C ALA C 169 13.34 -6.06 13.77
N ARG C 170 14.14 -5.29 13.02
CA ARG C 170 15.35 -4.75 13.59
C ARG C 170 15.52 -3.25 13.39
N LEU C 171 16.10 -2.61 14.40
N LEU C 171 16.06 -2.59 14.41
CA LEU C 171 16.38 -1.16 14.35
CA LEU C 171 16.39 -1.17 14.34
C LEU C 171 17.41 -0.94 13.26
C LEU C 171 17.41 -0.96 13.22
N ASN C 172 17.22 0.09 12.44
CA ASN C 172 18.18 0.40 11.38
C ASN C 172 19.45 1.04 11.98
N ALA C 173 20.47 1.24 11.14
CA ALA C 173 21.74 1.86 11.58
C ALA C 173 21.53 3.21 12.32
N GLU C 174 20.59 4.02 11.83
CA GLU C 174 20.32 5.35 12.39
C GLU C 174 19.58 5.32 13.72
N GLY C 175 19.03 4.16 14.07
CA GLY C 175 18.23 4.03 15.29
C GLY C 175 16.87 4.72 15.23
N THR C 176 16.39 5.01 14.03
CA THR C 176 15.16 5.80 13.88
C THR C 176 13.94 4.96 13.41
N HIS C 177 14.22 3.83 12.76
CA HIS C 177 13.17 2.97 12.17
C HIS C 177 13.44 1.50 12.45
N TYR C 178 12.40 0.74 12.74
CA TYR C 178 12.47 -0.71 12.69
C TYR C 178 12.19 -1.12 11.25
N VAL C 179 12.97 -2.09 10.77
CA VAL C 179 12.81 -2.66 9.45
C VAL C 179 12.13 -4.03 9.60
N LEU C 180 10.91 -4.18 9.04
CA LEU C 180 10.12 -5.42 9.23
C LEU C 180 10.15 -6.33 8.02
N ASN C 181 10.26 -7.63 8.25
CA ASN C 181 10.25 -8.61 7.17
C ASN C 181 9.44 -9.83 7.52
N GLY C 182 8.45 -10.12 6.69
CA GLY C 182 7.62 -11.33 6.88
C GLY C 182 6.26 -11.14 6.22
N GLU C 183 5.33 -12.04 6.56
CA GLU C 183 4.02 -12.11 5.93
C GLU C 183 3.03 -12.44 7.00
N LYS C 184 1.97 -11.65 7.07
CA LYS C 184 0.89 -11.92 7.97
C LYS C 184 -0.28 -12.44 7.11
N GLN C 185 -0.94 -13.51 7.57
CA GLN C 185 -1.93 -14.20 6.75
C GLN C 185 -3.36 -13.96 7.19
N TRP C 186 -4.29 -13.85 6.22
CA TRP C 186 -5.76 -13.71 6.47
C TRP C 186 -6.14 -12.41 7.17
N ILE C 187 -5.60 -11.31 6.68
CA ILE C 187 -5.74 -10.08 7.43
C ILE C 187 -7.01 -9.39 6.95
N THR C 188 -8.01 -9.37 7.80
CA THR C 188 -9.29 -8.74 7.45
C THR C 188 -9.08 -7.25 7.21
N ASN C 189 -9.84 -6.69 6.23
CA ASN C 189 -9.82 -5.27 5.84
C ASN C 189 -8.62 -4.87 4.99
N SER C 190 -7.76 -5.82 4.67
CA SER C 190 -6.50 -5.50 3.94
C SER C 190 -6.63 -4.68 2.65
N ALA C 191 -7.71 -4.84 1.90
CA ALA C 191 -7.87 -4.14 0.60
C ALA C 191 -7.91 -2.63 0.82
N PHE C 192 -8.35 -2.19 1.99
CA PHE C 192 -8.61 -0.77 2.16
C PHE C 192 -8.12 -0.22 3.52
N ALA C 193 -7.52 -1.04 4.38
CA ALA C 193 -7.00 -0.55 5.68
C ALA C 193 -5.86 0.44 5.49
N ASP C 194 -5.87 1.49 6.29
CA ASP C 194 -4.76 2.47 6.30
C ASP C 194 -3.71 2.16 7.37
N VAL C 195 -4.13 1.45 8.44
CA VAL C 195 -3.29 1.21 9.63
C VAL C 195 -3.41 -0.28 9.98
N PHE C 196 -2.29 -0.97 10.17
CA PHE C 196 -2.31 -2.36 10.60
C PHE C 196 -1.61 -2.41 11.98
N ILE C 197 -2.18 -3.12 12.94
CA ILE C 197 -1.48 -3.44 14.14
C ILE C 197 -0.72 -4.74 13.83
N VAL C 198 0.60 -4.67 13.79
CA VAL C 198 1.43 -5.82 13.32
C VAL C 198 2.30 -6.39 14.45
N TYR C 199 2.30 -7.72 14.60
CA TYR C 199 3.17 -8.34 15.61
C TYR C 199 4.38 -8.93 14.94
N ALA C 200 5.54 -8.64 15.53
CA ALA C 200 6.80 -9.10 14.98
C ALA C 200 7.81 -9.30 16.13
N LYS C 201 8.85 -10.10 15.87
CA LYS C 201 9.89 -10.32 16.87
C LYS C 201 11.10 -9.41 16.62
N ILE C 202 11.33 -8.48 17.54
CA ILE C 202 12.54 -7.66 17.48
C ILE C 202 13.78 -8.57 17.60
N ASP C 203 14.72 -8.44 16.68
CA ASP C 203 15.90 -9.31 16.58
C ASP C 203 15.56 -10.81 16.44
N GLY C 204 14.35 -11.11 15.98
CA GLY C 204 13.93 -12.50 15.87
C GLY C 204 13.65 -13.11 17.23
N GLU C 205 13.61 -12.28 18.28
CA GLU C 205 13.48 -12.79 19.66
C GLU C 205 12.27 -12.24 20.45
N HIS C 206 12.11 -10.93 20.43
CA HIS C 206 11.22 -10.22 21.35
C HIS C 206 9.90 -9.82 20.69
N PHE C 207 8.85 -10.56 21.05
CA PHE C 207 7.52 -10.45 20.44
C PHE C 207 6.92 -9.11 20.81
N SER C 208 6.71 -8.28 19.78
CA SER C 208 6.25 -6.90 19.95
C SER C 208 5.15 -6.47 18.96
N ALA C 209 4.38 -5.44 19.32
CA ALA C 209 3.35 -4.89 18.46
C ALA C 209 3.84 -3.57 17.86
N PHE C 210 3.48 -3.31 16.60
CA PHE C 210 3.82 -2.07 15.89
C PHE C 210 2.58 -1.49 15.20
N ILE C 211 2.48 -0.17 15.19
CA ILE C 211 1.47 0.52 14.37
C ILE C 211 2.09 0.72 12.99
N VAL C 212 1.56 0.03 11.99
CA VAL C 212 2.14 0.12 10.66
C VAL C 212 1.14 0.76 9.72
N GLU C 213 1.49 1.89 9.13
CA GLU C 213 0.69 2.49 8.07
C GLU C 213 0.89 1.79 6.73
N LYS C 214 -0.20 1.61 5.99
CA LYS C 214 -0.19 1.03 4.66
C LYS C 214 0.76 1.82 3.74
N ASP C 215 0.85 3.14 3.97
CA ASP C 215 1.70 4.00 3.17
C ASP C 215 3.20 3.94 3.47
N TYR C 216 3.63 3.26 4.53
CA TYR C 216 5.06 3.13 4.78
C TYR C 216 5.73 2.37 3.64
N ALA C 217 7.02 2.66 3.43
CA ALA C 217 7.78 1.95 2.42
C ALA C 217 7.81 0.46 2.77
N GLY C 218 7.74 -0.40 1.76
CA GLY C 218 7.96 -1.85 1.91
C GLY C 218 6.74 -2.63 2.35
N VAL C 219 5.57 -1.98 2.36
CA VAL C 219 4.30 -2.59 2.71
C VAL C 219 3.38 -2.86 1.49
N SER C 220 2.92 -4.11 1.33
CA SER C 220 1.93 -4.40 0.26
C SER C 220 1.05 -5.56 0.65
N THR C 221 0.15 -5.91 -0.25
CA THR C 221 -0.73 -7.06 0.03
C THR C 221 -0.76 -8.05 -1.13
N SER C 222 -1.18 -9.29 -0.83
CA SER C 222 -1.47 -10.27 -1.86
C SER C 222 -2.87 -10.04 -2.42
N PRO C 223 -3.23 -10.79 -3.48
CA PRO C 223 -4.66 -10.80 -3.89
C PRO C 223 -5.62 -11.34 -2.80
N GLU C 224 -6.91 -11.04 -2.95
CA GLU C 224 -7.94 -11.54 -2.06
C GLU C 224 -7.90 -13.08 -2.01
N GLU C 225 -8.20 -13.63 -0.86
CA GLU C 225 -8.49 -15.06 -0.73
C GLU C 225 -9.83 -15.42 -1.34
N LYS C 226 -9.98 -16.66 -1.82
CA LYS C 226 -11.31 -17.20 -2.20
C LYS C 226 -11.86 -17.98 -1.02
N LYS C 227 -12.94 -17.49 -0.41
CA LYS C 227 -13.42 -18.07 0.87
C LYS C 227 -14.77 -18.75 0.74
N GLY C 229 -17.21 -18.37 2.78
CA GLY C 229 -18.27 -17.42 3.23
C GLY C 229 -17.70 -16.09 3.62
N ILE C 230 -18.49 -15.24 4.30
CA ILE C 230 -18.15 -13.82 4.52
C ILE C 230 -17.37 -13.26 3.34
N LYS C 231 -17.91 -13.51 2.16
CA LYS C 231 -17.22 -13.14 0.93
C LYS C 231 -16.98 -11.64 0.77
N CYS C 232 -17.89 -10.82 1.30
CA CYS C 232 -17.68 -9.39 1.24
C CYS C 232 -16.66 -8.84 2.24
N SER C 233 -16.08 -9.67 3.11
CA SER C 233 -14.98 -9.21 3.97
C SER C 233 -13.66 -9.34 3.19
N SER C 234 -12.88 -8.26 3.06
CA SER C 234 -11.59 -8.32 2.42
C SER C 234 -10.64 -9.16 3.26
N THR C 235 -9.87 -10.03 2.65
CA THR C 235 -8.97 -10.90 3.40
C THR C 235 -7.73 -11.16 2.54
N ARG C 236 -6.55 -10.67 2.94
CA ARG C 236 -5.34 -10.80 2.13
C ARG C 236 -4.13 -11.09 3.01
N THR C 237 -3.03 -11.53 2.40
CA THR C 237 -1.76 -11.56 3.12
C THR C 237 -1.14 -10.13 3.13
N LEU C 238 -0.67 -9.66 4.29
CA LEU C 238 0.13 -8.43 4.42
C LEU C 238 1.60 -8.80 4.24
N ILE C 239 2.22 -8.22 3.20
CA ILE C 239 3.61 -8.53 2.83
C ILE C 239 4.52 -7.39 3.30
N LEU C 240 5.51 -7.74 4.15
CA LEU C 240 6.44 -6.74 4.68
C LEU C 240 7.83 -7.03 4.12
N GLU C 241 8.32 -6.15 3.24
CA GLU C 241 9.63 -6.35 2.62
C GLU C 241 10.46 -5.11 2.92
N ASP C 242 11.31 -5.23 3.95
CA ASP C 242 11.95 -4.09 4.58
C ASP C 242 10.98 -2.95 4.84
N ALA C 243 9.84 -3.30 5.45
CA ALA C 243 8.88 -2.28 5.81
C ALA C 243 9.48 -1.40 6.89
N LEU C 244 9.47 -0.08 6.63
CA LEU C 244 10.01 0.92 7.53
C LEU C 244 9.00 1.48 8.48
N VAL C 245 9.19 1.23 9.75
CA VAL C 245 8.27 1.66 10.77
C VAL C 245 9.04 2.59 11.75
N PRO C 246 8.60 3.85 11.94
CA PRO C 246 9.29 4.73 12.91
C PRO C 246 9.35 4.11 14.31
N LYS C 247 10.48 4.31 14.97
CA LYS C 247 10.73 3.82 16.31
C LYS C 247 9.51 4.09 17.19
N GLU C 248 8.93 5.27 17.05
CA GLU C 248 7.87 5.70 17.94
C GLU C 248 6.49 5.00 17.69
N ASN C 249 6.43 4.15 16.68
CA ASN C 249 5.24 3.35 16.40
C ASN C 249 5.27 1.98 17.07
N LEU C 250 6.31 1.71 17.86
CA LEU C 250 6.27 0.58 18.76
C LEU C 250 5.10 0.76 19.73
N LEU C 251 4.26 -0.27 19.83
CA LEU C 251 3.05 -0.20 20.64
C LEU C 251 3.33 -1.06 21.87
N GLY C 252 3.24 -0.45 23.06
CA GLY C 252 3.61 -1.14 24.29
C GLY C 252 5.13 -1.29 24.42
N GLU C 253 5.59 -2.43 24.92
CA GLU C 253 6.96 -2.55 25.38
C GLU C 253 7.67 -3.66 24.63
N ILE C 254 8.96 -3.51 24.39
CA ILE C 254 9.68 -4.51 23.64
C ILE C 254 9.54 -5.87 24.32
N GLY C 255 9.21 -6.89 23.52
CA GLY C 255 9.05 -8.24 24.05
C GLY C 255 7.79 -8.45 24.87
N LYS C 256 6.96 -7.42 25.02
CA LYS C 256 5.68 -7.58 25.69
C LYS C 256 4.41 -7.49 24.78
N GLY C 257 4.59 -7.81 23.49
CA GLY C 257 3.44 -7.92 22.58
C GLY C 257 2.33 -8.85 23.02
N HIS C 258 2.67 -9.96 23.67
CA HIS C 258 1.68 -10.95 24.12
C HIS C 258 0.60 -10.36 25.06
N ILE C 259 0.97 -9.35 25.84
CA ILE C 259 0.00 -8.71 26.74
C ILE C 259 -1.07 -8.00 25.91
N ILE C 260 -0.64 -7.37 24.82
CA ILE C 260 -1.60 -6.70 23.94
C ILE C 260 -2.49 -7.73 23.23
N ALA C 261 -1.86 -8.74 22.65
CA ALA C 261 -2.56 -9.79 21.91
C ALA C 261 -3.58 -10.56 22.76
N PHE C 262 -3.23 -10.91 23.97
N PHE C 262 -3.18 -10.95 23.97
CA PHE C 262 -4.13 -11.71 24.78
CA PHE C 262 -4.05 -11.66 24.91
C PHE C 262 -5.26 -10.86 25.40
C PHE C 262 -5.27 -10.80 25.16
N ASN C 263 -5.01 -9.57 25.63
CA ASN C 263 -6.07 -8.67 26.09
C ASN C 263 -7.07 -8.31 24.97
N ILE C 264 -6.55 -8.08 23.76
CA ILE C 264 -7.39 -7.76 22.61
C ILE C 264 -8.26 -8.99 22.21
N LEU C 265 -7.69 -10.17 22.27
CA LEU C 265 -8.42 -11.42 22.03
C LEU C 265 -9.69 -11.54 22.91
N ASN C 266 -9.62 -11.13 24.18
CA ASN C 266 -10.83 -11.18 25.05
C ASN C 266 -11.96 -10.33 24.54
N ILE C 267 -11.63 -9.13 24.08
CA ILE C 267 -12.65 -8.24 23.58
C ILE C 267 -13.20 -8.77 22.24
N GLY C 268 -12.32 -9.23 21.37
CA GLY C 268 -12.73 -9.81 20.09
C GLY C 268 -13.65 -11.03 20.29
N ARG C 269 -13.29 -11.86 21.26
CA ARG C 269 -14.12 -12.99 21.63
C ARG C 269 -15.54 -12.59 22.06
N TYR C 270 -15.68 -11.65 22.98
CA TYR C 270 -17.07 -11.36 23.39
C TYR C 270 -17.83 -10.59 22.34
N LYS C 271 -17.14 -9.75 21.57
CA LYS C 271 -17.79 -8.98 20.47
C LYS C 271 -18.30 -9.94 19.39
N LEU C 272 -17.53 -10.96 19.09
CA LEU C 272 -17.97 -12.02 18.20
C LEU C 272 -19.17 -12.76 18.79
N GLY C 273 -19.10 -13.09 20.08
CA GLY C 273 -20.29 -13.66 20.74
C GLY C 273 -21.53 -12.79 20.55
N VAL C 274 -21.41 -11.48 20.73
CA VAL C 274 -22.56 -10.58 20.54
C VAL C 274 -23.04 -10.61 19.09
N GLY C 275 -22.10 -10.61 18.15
CA GLY C 275 -22.38 -10.72 16.73
C GLY C 275 -23.17 -11.99 16.44
N THR C 276 -22.72 -13.16 16.94
CA THR C 276 -23.45 -14.41 16.67
C THR C 276 -24.90 -14.40 17.18
N VAL C 277 -25.14 -13.71 18.29
CA VAL C 277 -26.50 -13.58 18.80
C VAL C 277 -27.38 -12.79 17.85
N GLY C 278 -26.85 -11.67 17.31
CA GLY C 278 -27.58 -10.94 16.28
C GLY C 278 -27.94 -11.83 15.10
N SER C 279 -26.97 -12.60 14.60
CA SER C 279 -27.28 -13.43 13.46
C SER C 279 -28.27 -14.54 13.84
N ALA C 280 -28.18 -15.07 15.05
CA ALA C 280 -29.09 -16.15 15.44
C ALA C 280 -30.52 -15.66 15.50
N LYS C 281 -30.70 -14.40 15.95
CA LYS C 281 -32.02 -13.77 15.95
C LYS C 281 -32.57 -13.60 14.53
N ARG C 282 -31.71 -13.21 13.61
CA ARG C 282 -32.11 -13.06 12.23
C ARG C 282 -32.49 -14.41 11.61
N ALA C 283 -31.71 -15.47 11.88
CA ALA C 283 -32.08 -16.81 11.45
C ALA C 283 -33.44 -17.26 11.95
N VAL C 284 -33.75 -16.97 13.22
CA VAL C 284 -35.04 -17.35 13.76
C VAL C 284 -36.15 -16.59 13.00
N GLU C 285 -35.94 -15.31 12.78
CA GLU C 285 -36.93 -14.46 12.12
C GLU C 285 -37.27 -14.88 10.68
N ILE C 286 -36.27 -15.02 9.83
CA ILE C 286 -36.49 -15.47 8.50
C ILE C 286 -36.97 -16.92 8.37
N SER C 287 -36.63 -17.79 9.34
CA SER C 287 -37.17 -19.15 9.32
C SER C 287 -38.67 -19.17 9.71
N ALA C 288 -39.05 -18.31 10.65
CA ALA C 288 -40.43 -18.20 11.14
C ALA C 288 -41.32 -17.63 10.06
N GLN C 289 -40.83 -16.59 9.40
CA GLN C 289 -41.52 -16.01 8.25
C GLN C 289 -41.71 -17.03 7.11
N TYR C 290 -40.66 -17.80 6.79
CA TYR C 290 -40.74 -18.78 5.70
C TYR C 290 -41.72 -19.90 6.08
N ALA C 291 -41.63 -20.40 7.31
CA ALA C 291 -42.56 -21.43 7.81
C ALA C 291 -44.06 -21.03 7.69
N ASN C 292 -44.38 -19.75 7.93
CA ASN C 292 -45.79 -19.27 7.82
C ASN C 292 -46.26 -19.14 6.38
N GLN C 293 -45.31 -18.98 5.46
N GLN C 293 -45.31 -18.95 5.47
CA GLN C 293 -45.58 -18.69 4.06
CA GLN C 293 -45.57 -18.69 4.05
C GLN C 293 -45.57 -19.97 3.21
C GLN C 293 -45.58 -19.98 3.21
N ARG C 294 -44.64 -20.88 3.49
CA ARG C 294 -44.49 -22.09 2.67
C ARG C 294 -45.58 -23.11 3.00
N GLN C 295 -46.37 -23.53 2.00
CA GLN C 295 -47.31 -24.64 2.23
C GLN C 295 -46.88 -25.96 1.59
N GLN C 296 -47.11 -27.04 2.31
CA GLN C 296 -46.99 -28.40 1.75
C GLN C 296 -48.15 -29.15 2.38
N PHE C 297 -48.69 -30.13 1.66
CA PHE C 297 -49.84 -30.91 2.14
C PHE C 297 -51.01 -29.99 2.53
N LYS C 298 -51.20 -28.93 1.76
CA LYS C 298 -52.31 -27.97 1.92
C LYS C 298 -52.32 -27.14 3.21
N GLN C 299 -51.18 -27.04 3.88
CA GLN C 299 -51.11 -26.12 5.02
C GLN C 299 -49.71 -25.48 5.17
N PRO C 300 -49.63 -24.33 5.87
CA PRO C 300 -48.30 -23.76 6.22
C PRO C 300 -47.48 -24.83 6.95
N ILE C 301 -46.20 -24.99 6.61
CA ILE C 301 -45.34 -25.98 7.29
C ILE C 301 -45.14 -25.60 8.74
N ALA C 302 -45.40 -24.34 9.06
CA ALA C 302 -45.49 -23.82 10.43
C ALA C 302 -46.42 -24.65 11.29
N ARG C 303 -47.39 -25.32 10.66
CA ARG C 303 -48.36 -26.17 11.38
C ARG C 303 -47.76 -27.53 11.75
N PHE C 304 -46.66 -27.92 11.15
CA PHE C 304 -46.06 -29.23 11.50
C PHE C 304 -45.27 -29.18 12.78
N PRO C 305 -45.55 -30.12 13.71
CA PRO C 305 -44.83 -30.04 14.98
C PRO C 305 -43.31 -30.10 14.87
N LEU C 306 -42.78 -30.74 13.82
CA LEU C 306 -41.33 -30.86 13.69
C LEU C 306 -40.74 -29.50 13.34
N ILE C 307 -41.47 -28.71 12.58
CA ILE C 307 -41.04 -27.35 12.25
C ILE C 307 -41.13 -26.46 13.48
N GLN C 308 -42.22 -26.63 14.25
CA GLN C 308 -42.36 -25.96 15.55
C GLN C 308 -41.22 -26.30 16.50
N GLU C 309 -40.86 -27.57 16.57
CA GLU C 309 -39.78 -27.98 17.45
C GLU C 309 -38.44 -27.33 17.10
N LYS C 310 -38.02 -27.38 15.82
CA LYS C 310 -36.87 -26.63 15.36
C LYS C 310 -36.86 -25.14 15.82
N LEU C 311 -37.92 -24.41 15.53
CA LEU C 311 -37.97 -23.01 15.89
C LEU C 311 -37.85 -22.84 17.38
N ALA C 312 -38.47 -23.73 18.16
CA ALA C 312 -38.44 -23.55 19.63
C ALA C 312 -37.03 -23.80 20.14
N ASN C 313 -36.33 -24.82 19.59
CA ASN C 313 -34.93 -25.08 19.94
C ASN C 313 -34.03 -23.90 19.57
N ALA C 315 -34.87 -20.74 19.17
CA ALA C 315 -35.19 -19.57 19.99
C ALA C 315 -34.72 -19.73 21.44
N ALA C 316 -34.84 -20.92 22.01
CA ALA C 316 -34.41 -21.14 23.40
C ALA C 316 -32.89 -21.03 23.55
N LYS C 317 -32.15 -21.57 22.59
CA LYS C 317 -30.70 -21.44 22.59
C LYS C 317 -30.33 -19.98 22.39
N THR C 318 -31.08 -19.27 21.53
CA THR C 318 -30.74 -17.86 21.30
C THR C 318 -30.97 -17.06 22.60
N TYR C 319 -32.06 -17.35 23.29
CA TYR C 319 -32.27 -16.69 24.61
C TYR C 319 -31.13 -16.95 25.58
N ALA C 320 -30.70 -18.20 25.70
CA ALA C 320 -29.52 -18.44 26.55
C ALA C 320 -28.25 -17.67 26.12
N ALA C 321 -27.99 -17.61 24.82
CA ALA C 321 -26.81 -16.95 24.31
C ALA C 321 -26.96 -15.45 24.49
N GLU C 322 -28.12 -14.90 24.18
CA GLU C 322 -28.31 -13.47 24.40
C GLU C 322 -28.12 -13.11 25.86
N SER C 323 -28.68 -13.93 26.75
CA SER C 323 -28.65 -13.61 28.20
C SER C 323 -27.18 -13.70 28.66
N SER C 324 -26.45 -14.74 28.24
CA SER C 324 -25.10 -14.90 28.78
C SER C 324 -24.11 -13.85 28.21
N VAL C 325 -24.25 -13.47 26.94
CA VAL C 325 -23.39 -12.45 26.35
C VAL C 325 -23.59 -11.05 26.97
N TYR C 326 -24.84 -10.61 27.10
CA TYR C 326 -25.07 -9.30 27.71
C TYR C 326 -24.69 -9.27 29.20
N ARG C 327 -24.78 -10.43 29.85
CA ARG C 327 -24.25 -10.54 31.21
C ARG C 327 -22.75 -10.21 31.23
N THR C 328 -21.99 -10.79 30.28
CA THR C 328 -20.56 -10.49 30.17
C THR C 328 -20.27 -9.02 29.88
N VAL C 329 -20.99 -8.43 28.93
CA VAL C 329 -20.86 -6.99 28.61
C VAL C 329 -21.07 -6.19 29.88
N GLY C 330 -22.13 -6.53 30.62
CA GLY C 330 -22.42 -5.85 31.88
C GLY C 330 -21.30 -5.96 32.90
N LEU C 331 -20.65 -7.14 32.99
CA LEU C 331 -19.54 -7.30 33.93
C LEU C 331 -18.44 -6.29 33.66
N PHE C 332 -18.05 -6.10 32.41
N PHE C 332 -18.11 -6.12 32.38
CA PHE C 332 -17.02 -5.11 32.12
CA PHE C 332 -17.09 -5.20 31.89
C PHE C 332 -17.41 -3.78 32.70
C PHE C 332 -17.35 -3.73 32.32
N GLU C 333 -18.62 -3.35 32.38
CA GLU C 333 -19.10 -2.05 32.83
C GLU C 333 -19.01 -1.92 34.32
N SER C 334 -19.57 -2.91 35.01
CA SER C 334 -19.50 -2.98 36.46
C SER C 334 -18.10 -2.82 37.00
N ARG C 335 -17.11 -3.41 36.31
CA ARG C 335 -15.72 -3.30 36.74
C ARG C 335 -15.20 -1.89 36.52
N SER C 337 -17.01 0.82 36.56
CA SER C 337 -17.71 1.76 37.44
C SER C 337 -16.76 2.40 38.42
N THR C 338 -15.80 1.61 38.89
CA THR C 338 -14.77 2.04 39.84
C THR C 338 -13.71 2.95 39.20
N LEU C 339 -13.34 2.63 37.96
CA LEU C 339 -12.21 3.26 37.26
C LEU C 339 -12.28 4.79 37.18
N SER C 340 -11.32 5.48 37.82
CA SER C 340 -11.26 6.94 37.82
C SER C 340 -11.07 7.44 36.39
N GLU C 341 -11.43 8.69 36.13
CA GLU C 341 -11.37 9.24 34.77
C GLU C 341 -9.94 9.40 34.23
N GLU C 342 -8.97 9.32 35.15
CA GLU C 342 -7.56 9.25 34.81
C GLU C 342 -7.19 7.83 34.38
N GLU C 343 -7.78 6.82 35.04
CA GLU C 343 -7.58 5.40 34.70
C GLU C 343 -8.15 4.99 33.33
N VAL C 344 -9.44 5.28 33.11
CA VAL C 344 -10.12 5.04 31.84
C VAL C 344 -9.38 5.70 30.64
N LYS C 345 -8.76 6.85 30.92
CA LYS C 345 -7.91 7.57 29.96
C LYS C 345 -6.64 6.77 29.62
N ASP C 346 -6.05 6.15 30.66
CA ASP C 346 -4.83 5.35 30.53
C ASP C 346 -5.04 4.12 29.64
N GLY C 347 -6.09 3.35 29.94
CA GLY C 347 -6.47 2.21 29.07
C GLY C 347 -6.01 0.85 29.56
N LYS C 348 -4.85 0.82 30.22
CA LYS C 348 -4.33 -0.41 30.83
C LYS C 348 -5.35 -0.98 31.83
N ALA C 349 -5.92 -0.11 32.66
CA ALA C 349 -6.92 -0.51 33.64
C ALA C 349 -8.24 -0.93 32.98
N VAL C 350 -8.55 -0.34 31.83
CA VAL C 350 -9.72 -0.77 31.01
C VAL C 350 -9.47 -2.20 30.53
N ALA C 351 -8.28 -2.43 29.95
CA ALA C 351 -7.82 -3.76 29.55
C ALA C 351 -7.87 -4.75 30.72
N ALA C 352 -7.18 -4.42 31.82
CA ALA C 352 -7.10 -5.35 32.98
C ALA C 352 -8.46 -5.65 33.56
N SER C 353 -9.39 -4.73 33.38
CA SER C 353 -10.74 -4.91 33.82
C SER C 353 -11.58 -5.81 32.90
N ILE C 354 -11.20 -5.93 31.63
CA ILE C 354 -11.82 -6.92 30.74
C ILE C 354 -11.14 -8.29 30.87
N ALA C 355 -9.80 -8.29 30.93
CA ALA C 355 -8.99 -9.47 31.18
C ALA C 355 -9.47 -10.26 32.41
N GLU C 356 -10.01 -9.54 33.38
CA GLU C 356 -10.59 -10.13 34.57
C GLU C 356 -11.65 -11.19 34.16
N TYR C 357 -12.34 -10.90 33.06
CA TYR C 357 -13.43 -11.73 32.57
C TYR C 357 -13.08 -12.56 31.34
N ALA C 358 -11.82 -12.91 31.18
CA ALA C 358 -11.41 -13.80 30.10
C ALA C 358 -12.18 -15.14 30.04
N ILE C 359 -12.52 -15.72 31.19
CA ILE C 359 -13.29 -16.96 31.17
C ILE C 359 -14.67 -16.72 30.50
N GLU C 360 -15.39 -15.73 31.01
CA GLU C 360 -16.71 -15.44 30.47
C GLU C 360 -16.61 -15.07 28.96
N CYS C 361 -15.56 -14.34 28.53
CA CYS C 361 -15.44 -13.99 27.07
C CYS C 361 -15.28 -15.24 26.20
N SER C 362 -14.44 -16.15 26.67
CA SER C 362 -14.22 -17.44 25.97
C SER C 362 -15.48 -18.27 25.92
N LEU C 363 -16.22 -18.33 27.03
CA LEU C 363 -17.49 -19.07 27.06
C LEU C 363 -18.45 -18.45 26.02
N ASN C 364 -18.55 -17.12 25.98
CA ASN C 364 -19.49 -16.48 25.04
C ASN C 364 -19.09 -16.79 23.60
N LYS C 365 -17.79 -16.76 23.32
CA LYS C 365 -17.33 -16.97 21.96
C LYS C 365 -17.73 -18.38 21.51
N VAL C 366 -17.39 -19.38 22.32
CA VAL C 366 -17.76 -20.75 21.98
C VAL C 366 -19.27 -20.96 21.95
N PHE C 367 -19.95 -20.57 23.01
CA PHE C 367 -21.38 -20.84 23.08
C PHE C 367 -22.15 -20.12 21.97
N GLY C 368 -21.81 -18.86 21.73
CA GLY C 368 -22.51 -18.06 20.72
C GLY C 368 -22.27 -18.61 19.31
N SER C 369 -21.04 -19.02 19.02
CA SER C 369 -20.77 -19.47 17.69
C SER C 369 -21.44 -20.85 17.46
N GLU C 370 -21.50 -21.71 18.48
CA GLU C 370 -22.21 -23.02 18.35
C GLU C 370 -23.72 -22.91 18.31
N VAL C 371 -24.27 -21.97 19.06
CA VAL C 371 -25.70 -21.70 18.90
C VAL C 371 -26.06 -21.20 17.50
N LEU C 372 -25.28 -20.27 16.98
CA LEU C 372 -25.49 -19.78 15.60
C LEU C 372 -25.32 -20.90 14.61
N ASP C 373 -24.25 -21.67 14.75
CA ASP C 373 -24.09 -22.84 13.89
C ASP C 373 -25.38 -23.74 13.85
N TYR C 374 -26.00 -23.99 14.98
CA TYR C 374 -27.19 -24.83 15.04
C TYR C 374 -28.37 -24.11 14.41
N THR C 375 -28.53 -22.82 14.71
N THR C 375 -28.51 -22.81 14.71
CA THR C 375 -29.65 -22.08 14.19
CA THR C 375 -29.61 -22.02 14.20
C THR C 375 -29.61 -21.88 12.65
C THR C 375 -29.60 -21.85 12.67
N VAL C 376 -28.44 -21.61 12.05
CA VAL C 376 -28.41 -21.52 10.58
C VAL C 376 -28.62 -22.89 9.95
N ASP C 377 -28.10 -23.95 10.58
CA ASP C 377 -28.34 -25.29 10.07
C ASP C 377 -29.84 -25.68 10.06
N GLU C 378 -30.56 -25.41 11.15
CA GLU C 378 -31.98 -25.70 11.18
C GLU C 378 -32.72 -24.71 10.27
N GLY C 379 -32.22 -23.49 10.15
CA GLY C 379 -32.89 -22.52 9.27
C GLY C 379 -32.78 -23.02 7.82
N VAL C 380 -31.64 -23.55 7.44
CA VAL C 380 -31.55 -24.14 6.12
C VAL C 380 -32.55 -25.28 5.98
N GLN C 381 -32.60 -26.15 6.98
CA GLN C 381 -33.47 -27.35 6.90
C GLN C 381 -34.96 -26.94 6.74
N ILE C 382 -35.40 -25.99 7.55
CA ILE C 382 -36.75 -25.42 7.39
C ILE C 382 -37.05 -24.95 5.94
N HIS C 383 -36.05 -24.36 5.28
CA HIS C 383 -36.22 -23.90 3.89
C HIS C 383 -36.17 -25.02 2.87
N GLY C 384 -35.69 -26.19 3.27
CA GLY C 384 -35.55 -27.29 2.32
C GLY C 384 -34.58 -26.90 1.21
N GLY C 385 -34.90 -27.32 -0.01
CA GLY C 385 -33.99 -27.06 -1.16
C GLY C 385 -33.68 -25.57 -1.36
N TYR C 386 -34.60 -24.69 -0.96
CA TYR C 386 -34.35 -23.25 -1.07
C TYR C 386 -33.21 -22.79 -0.19
N GLY C 387 -32.97 -23.50 0.92
CA GLY C 387 -31.87 -23.19 1.82
C GLY C 387 -30.51 -23.45 1.18
N PHE C 388 -30.54 -24.13 0.06
CA PHE C 388 -29.27 -24.53 -0.56
C PHE C 388 -29.07 -23.61 -1.77
N ALA C 390 -28.42 -19.91 -3.57
CA ALA C 390 -27.82 -18.59 -3.32
C ALA C 390 -28.81 -17.41 -3.26
N GLU C 391 -29.97 -17.54 -3.88
N GLU C 391 -29.99 -17.57 -3.86
CA GLU C 391 -31.00 -16.47 -3.83
CA GLU C 391 -30.98 -16.51 -3.86
C GLU C 391 -31.40 -16.17 -2.37
C GLU C 391 -31.67 -16.34 -2.49
N TYR C 392 -31.33 -17.18 -1.50
CA TYR C 392 -31.97 -17.05 -0.15
C TYR C 392 -30.95 -16.61 0.91
N GLU C 393 -31.34 -15.66 1.74
CA GLU C 393 -30.54 -15.13 2.82
C GLU C 393 -29.96 -16.26 3.70
N ILE C 394 -30.74 -17.31 3.98
CA ILE C 394 -30.23 -18.33 4.94
C ILE C 394 -29.04 -19.08 4.37
N GLU C 395 -28.97 -19.17 3.06
CA GLU C 395 -27.89 -19.85 2.41
C GLU C 395 -26.56 -19.15 2.66
N ARG C 396 -26.56 -17.82 2.58
N ARG C 396 -26.61 -17.83 2.58
CA ARG C 396 -25.37 -17.07 2.87
CA ARG C 396 -25.45 -16.99 2.85
C ARG C 396 -25.06 -17.13 4.35
C ARG C 396 -25.08 -17.04 4.33
N TYR C 398 -25.59 -19.51 6.39
CA TYR C 398 -25.00 -20.83 6.66
C TYR C 398 -23.51 -20.84 6.38
N ARG C 399 -23.10 -20.34 5.19
CA ARG C 399 -21.67 -20.30 4.85
C ARG C 399 -20.89 -19.28 5.74
N ASP C 400 -21.48 -18.12 6.04
CA ASP C 400 -20.77 -17.11 6.82
C ASP C 400 -20.49 -17.63 8.23
N SER C 401 -21.39 -18.44 8.79
CA SER C 401 -21.34 -18.81 10.20
C SER C 401 -20.09 -19.64 10.51
N ARG C 402 -19.63 -20.42 9.53
CA ARG C 402 -18.67 -21.53 9.83
C ARG C 402 -17.33 -21.06 10.36
N ILE C 403 -16.93 -19.87 9.92
CA ILE C 403 -15.67 -19.29 10.33
C ILE C 403 -15.70 -18.89 11.80
N ASN C 404 -16.89 -18.59 12.35
CA ASN C 404 -16.90 -18.10 13.70
C ASN C 404 -16.34 -19.05 14.73
N ARG C 405 -16.39 -20.34 14.43
CA ARG C 405 -15.84 -21.37 15.30
C ARG C 405 -14.33 -21.51 15.21
N ILE C 406 -13.71 -20.72 14.33
CA ILE C 406 -12.31 -20.90 14.03
C ILE C 406 -11.55 -19.63 14.31
N PHE C 407 -12.04 -18.48 13.82
CA PHE C 407 -11.25 -17.29 14.08
C PHE C 407 -11.51 -16.67 15.46
N GLU C 408 -10.71 -15.69 15.89
CA GLU C 408 -10.65 -15.30 17.32
C GLU C 408 -10.29 -16.44 18.27
N GLY C 409 -9.39 -17.32 17.85
CA GLY C 409 -9.14 -18.47 18.71
C GLY C 409 -10.09 -19.59 18.28
N THR C 410 -9.60 -20.79 17.93
CA THR C 410 -10.57 -21.84 17.52
C THR C 410 -11.34 -22.24 18.77
N ASN C 411 -12.49 -22.84 18.60
CA ASN C 411 -13.25 -23.24 19.76
C ASN C 411 -12.49 -24.27 20.59
N GLU C 412 -11.56 -25.03 19.96
CA GLU C 412 -10.77 -25.97 20.78
C GLU C 412 -9.88 -25.21 21.76
N ILE C 413 -9.13 -24.25 21.23
CA ILE C 413 -8.27 -23.43 22.06
C ILE C 413 -9.08 -22.65 23.10
N ASN C 414 -10.19 -22.06 22.69
CA ASN C 414 -11.06 -21.34 23.63
C ASN C 414 -11.63 -22.22 24.72
N ARG C 415 -11.88 -23.50 24.44
CA ARG C 415 -12.26 -24.41 25.50
C ARG C 415 -11.10 -24.75 26.39
N LEU C 416 -9.95 -25.10 25.78
CA LEU C 416 -8.80 -25.56 26.56
C LEU C 416 -8.34 -24.56 27.60
N ILE C 417 -8.49 -23.28 27.33
CA ILE C 417 -8.05 -22.27 28.27
C ILE C 417 -9.04 -21.87 29.37
N VAL C 418 -10.27 -22.39 29.33
CA VAL C 418 -11.18 -22.14 30.44
C VAL C 418 -10.62 -22.77 31.75
N PRO C 419 -10.35 -24.11 31.77
CA PRO C 419 -9.87 -24.67 33.04
C PRO C 419 -8.56 -24.05 33.50
N GLY C 420 -7.70 -23.72 32.55
CA GLY C 420 -6.37 -23.22 32.83
C GLY C 420 -6.44 -21.82 33.42
N THR C 421 -7.40 -21.02 33.00
CA THR C 421 -7.59 -19.70 33.59
C THR C 421 -8.16 -19.81 35.00
N PHE C 422 -9.02 -20.80 35.25
CA PHE C 422 -9.50 -21.04 36.62
C PHE C 422 -8.33 -21.38 37.51
N LEU C 423 -7.47 -22.30 37.05
CA LEU C 423 -6.28 -22.68 37.85
C LEU C 423 -5.34 -21.50 38.09
N ARG C 424 -5.07 -20.72 37.04
N ARG C 424 -5.08 -20.71 37.05
CA ARG C 424 -4.24 -19.51 37.18
CA ARG C 424 -4.23 -19.52 37.21
C ARG C 424 -4.81 -18.56 38.24
C ARG C 424 -4.79 -18.51 38.21
N LYS C 425 -6.11 -18.33 38.21
CA LYS C 425 -6.79 -17.49 39.19
C LYS C 425 -6.64 -18.06 40.61
N ALA C 426 -6.72 -19.39 40.72
CA ALA C 426 -6.42 -20.07 41.97
C ALA C 426 -4.98 -19.85 42.46
N LYS C 428 -3.06 -17.36 41.79
CA LYS C 428 -2.88 -15.95 42.13
C LYS C 428 -3.68 -15.55 43.37
N GLY C 429 -4.51 -16.46 43.87
CA GLY C 429 -5.39 -16.20 45.02
C GLY C 429 -6.58 -15.32 44.72
N GLU C 430 -6.93 -15.18 43.44
CA GLU C 430 -8.14 -14.46 43.03
C GLU C 430 -9.42 -15.25 43.31
N LEU C 431 -9.36 -16.57 43.19
CA LEU C 431 -10.53 -17.44 43.45
C LEU C 431 -10.14 -18.52 44.43
N PRO C 432 -10.96 -18.70 45.48
CA PRO C 432 -10.67 -19.69 46.52
C PRO C 432 -11.04 -21.12 46.10
N LEU C 433 -10.52 -21.57 44.96
CA LEU C 433 -10.95 -22.85 44.39
C LEU C 433 -10.69 -24.06 45.28
N LEU C 434 -9.54 -24.06 45.95
CA LEU C 434 -9.17 -25.22 46.76
C LEU C 434 -10.08 -25.35 47.98
N GLN C 435 -10.26 -24.24 48.70
N GLN C 435 -10.30 -24.24 48.69
CA GLN C 435 -11.18 -24.16 49.85
CA GLN C 435 -11.17 -24.21 49.86
C GLN C 435 -12.58 -24.62 49.44
C GLN C 435 -12.62 -24.56 49.49
N LYS C 436 -13.10 -24.02 48.37
CA LYS C 436 -14.44 -24.34 47.85
C LYS C 436 -14.62 -25.83 47.52
N ALA C 437 -13.64 -26.42 46.85
CA ALA C 437 -13.69 -27.83 46.50
C ALA C 437 -13.69 -28.69 47.75
N GLN C 438 -12.79 -28.37 48.68
CA GLN C 438 -12.72 -29.08 49.97
C GLN C 438 -14.06 -29.05 50.68
N LYS C 439 -14.65 -27.87 50.84
CA LYS C 439 -15.93 -27.72 51.50
C LYS C 439 -17.04 -28.50 50.81
N LEU C 440 -17.13 -28.36 49.49
CA LEU C 440 -18.11 -29.10 48.72
C LEU C 440 -18.06 -30.62 48.97
N GLN C 441 -16.86 -31.18 49.00
CA GLN C 441 -16.72 -32.61 49.15
C GLN C 441 -17.28 -33.05 50.53
N GLU C 442 -17.04 -32.22 51.55
CA GLU C 442 -17.58 -32.45 52.89
C GLU C 442 -19.11 -32.33 52.90
N GLU C 443 -19.62 -31.30 52.23
CA GLU C 443 -21.05 -31.05 52.20
C GLU C 443 -21.83 -32.16 51.51
N LEU C 444 -21.30 -32.65 50.39
CA LEU C 444 -21.96 -33.71 49.65
C LEU C 444 -22.08 -35.00 50.46
N PRO C 449 -30.93 -32.84 52.74
CA PRO C 449 -32.08 -32.96 51.84
C PRO C 449 -32.42 -31.61 51.22
N GLU C 450 -32.95 -31.61 50.01
CA GLU C 450 -33.35 -30.35 49.41
C GLU C 450 -34.74 -30.37 48.79
N GLU C 451 -35.60 -29.52 49.36
CA GLU C 451 -36.94 -29.28 48.87
C GLU C 451 -36.85 -28.28 47.72
N VAL C 452 -37.51 -28.56 46.60
CA VAL C 452 -37.45 -27.68 45.41
C VAL C 452 -38.04 -26.27 45.66
N GLY C 453 -39.28 -26.18 46.13
CA GLY C 453 -39.90 -24.86 46.34
C GLY C 453 -41.03 -24.63 45.36
N ASP C 454 -41.83 -23.59 45.60
CA ASP C 454 -43.09 -23.37 44.87
C ASP C 454 -43.01 -22.17 43.94
N GLU C 455 -42.24 -21.17 44.37
CA GLU C 455 -41.82 -20.01 43.59
C GLU C 455 -41.49 -20.31 42.11
N PRO C 456 -41.65 -19.31 41.22
CA PRO C 456 -41.36 -19.57 39.79
C PRO C 456 -39.88 -19.90 39.60
N LEU C 457 -39.58 -20.83 38.69
CA LEU C 457 -38.19 -21.18 38.39
C LEU C 457 -37.46 -22.00 39.49
N ALA C 458 -38.20 -22.46 40.50
CA ALA C 458 -37.65 -23.26 41.59
C ALA C 458 -36.80 -24.43 41.10
N LEU C 459 -37.32 -25.22 40.15
CA LEU C 459 -36.57 -26.35 39.61
C LEU C 459 -35.28 -25.88 38.90
N GLN C 460 -35.37 -24.78 38.15
CA GLN C 460 -34.23 -24.35 37.33
C GLN C 460 -33.12 -23.77 38.23
N LYS C 461 -33.52 -23.07 39.30
CA LYS C 461 -32.56 -22.63 40.33
C LYS C 461 -31.84 -23.80 40.99
N TYR C 462 -32.57 -24.86 41.27
CA TYR C 462 -32.01 -26.06 41.88
C TYR C 462 -30.97 -26.69 40.92
N LEU C 463 -31.36 -26.83 39.66
CA LEU C 463 -30.44 -27.33 38.63
C LEU C 463 -29.14 -26.51 38.46
N VAL C 464 -29.28 -25.18 38.43
CA VAL C 464 -28.11 -24.30 38.33
C VAL C 464 -27.15 -24.54 39.52
N ASN C 465 -27.71 -24.59 40.73
CA ASN C 465 -26.91 -24.84 41.93
C ASN C 465 -26.24 -26.20 41.88
N ASN C 466 -26.96 -27.22 41.45
CA ASN C 466 -26.34 -28.54 41.37
C ASN C 466 -25.30 -28.61 40.23
N ALA C 467 -25.57 -27.90 39.13
CA ALA C 467 -24.56 -27.77 38.06
C ALA C 467 -23.23 -27.19 38.57
N LYS C 468 -23.31 -26.16 39.42
CA LYS C 468 -22.11 -25.58 40.04
C LYS C 468 -21.33 -26.64 40.83
N LYS C 469 -22.05 -27.42 41.64
CA LYS C 469 -21.48 -28.50 42.43
C LYS C 469 -20.82 -29.55 41.53
N ILE C 470 -21.56 -29.99 40.49
CA ILE C 470 -21.00 -30.95 39.54
C ILE C 470 -19.74 -30.45 38.89
N GLY C 471 -19.74 -29.20 38.41
CA GLY C 471 -18.56 -28.65 37.73
C GLY C 471 -17.35 -28.64 38.64
N LEU C 472 -17.55 -28.11 39.86
CA LEU C 472 -16.50 -28.06 40.84
C LEU C 472 -16.00 -29.45 41.23
N VAL C 474 -16.11 -32.34 39.60
CA VAL C 474 -15.43 -32.96 38.48
C VAL C 474 -14.05 -32.33 38.21
N ALA C 475 -13.99 -31.00 38.21
CA ALA C 475 -12.75 -30.30 37.99
C ALA C 475 -11.75 -30.61 39.12
N GLY C 476 -12.27 -30.69 40.35
CA GLY C 476 -11.47 -31.00 41.53
C GLY C 476 -10.86 -32.38 41.45
N LEU C 477 -11.68 -33.39 41.12
CA LEU C 477 -11.23 -34.77 40.99
C LEU C 477 -10.17 -34.93 39.90
N ALA C 478 -10.38 -34.26 38.77
CA ALA C 478 -9.47 -34.37 37.66
C ALA C 478 -8.14 -33.76 38.04
N ALA C 479 -8.16 -32.55 38.59
CA ALA C 479 -6.95 -31.85 39.04
C ALA C 479 -6.20 -32.65 40.09
N GLN C 480 -6.93 -33.29 41.01
CA GLN C 480 -6.36 -34.21 41.98
C GLN C 480 -5.61 -35.36 41.32
N LYS C 481 -6.27 -36.04 40.39
CA LYS C 481 -5.73 -37.26 39.76
C LYS C 481 -4.50 -37.01 38.90
N TYR C 482 -4.44 -35.85 38.23
CA TYR C 482 -3.38 -35.60 37.25
C TYR C 482 -2.35 -34.55 37.63
N GLY C 483 -2.69 -33.70 38.61
CA GLY C 483 -1.79 -32.63 39.05
C GLY C 483 -1.45 -31.63 37.96
N LYS C 484 -0.18 -31.23 37.91
CA LYS C 484 0.29 -30.31 36.90
C LYS C 484 0.36 -30.94 35.50
N ALA C 485 0.18 -32.25 35.41
CA ALA C 485 0.15 -32.91 34.11
C ALA C 485 -1.28 -32.92 33.52
N LEU C 486 -2.24 -32.34 34.24
CA LEU C 486 -3.62 -32.20 33.74
C LEU C 486 -3.70 -31.49 32.38
N ASP C 487 -2.84 -30.47 32.18
CA ASP C 487 -2.72 -29.75 30.89
C ASP C 487 -2.62 -30.66 29.66
N LYS C 488 -2.26 -31.93 29.86
CA LYS C 488 -2.10 -32.89 28.76
C LYS C 488 -3.38 -33.63 28.47
N GLU C 489 -4.29 -33.66 29.43
CA GLU C 489 -5.50 -34.48 29.30
C GLU C 489 -6.66 -33.65 28.65
N GLN C 490 -6.55 -33.43 27.34
CA GLN C 490 -7.38 -32.42 26.66
C GLN C 490 -8.82 -32.79 26.61
N GLU C 491 -9.13 -34.09 26.49
CA GLU C 491 -10.51 -34.55 26.44
C GLU C 491 -11.24 -34.16 27.71
N ILE C 492 -10.62 -34.42 28.85
CA ILE C 492 -11.19 -34.05 30.16
C ILE C 492 -11.27 -32.54 30.31
N LEU C 493 -10.25 -31.82 29.83
CA LEU C 493 -10.27 -30.36 29.93
C LEU C 493 -11.48 -29.77 29.19
N VAL C 494 -11.77 -30.27 27.99
CA VAL C 494 -12.92 -29.77 27.22
C VAL C 494 -14.24 -30.20 27.86
N ASN C 495 -14.30 -31.37 28.50
CA ASN C 495 -15.52 -31.73 29.26
C ASN C 495 -15.80 -30.72 30.36
N ILE C 496 -14.76 -30.31 31.04
CA ILE C 496 -14.86 -29.30 32.14
C ILE C 496 -15.28 -27.95 31.54
N ALA C 497 -14.68 -27.59 30.41
CA ALA C 497 -14.99 -26.30 29.76
C ALA C 497 -16.46 -26.30 29.34
N ASP C 498 -16.93 -27.44 28.81
CA ASP C 498 -18.30 -27.59 28.36
C ASP C 498 -19.29 -27.56 29.52
N ILE C 499 -18.95 -28.20 30.64
CA ILE C 499 -19.81 -28.10 31.81
C ILE C 499 -19.95 -26.66 32.27
N VAL C 500 -18.81 -25.99 32.36
CA VAL C 500 -18.77 -24.61 32.78
C VAL C 500 -19.61 -23.73 31.84
N SER C 501 -19.45 -23.98 30.55
CA SER C 501 -20.18 -23.23 29.55
C SER C 501 -21.70 -23.41 29.67
N ASN C 502 -22.18 -24.66 29.73
CA ASN C 502 -23.61 -24.87 29.95
C ASN C 502 -24.10 -24.24 31.25
N LEU C 503 -23.29 -24.37 32.30
CA LEU C 503 -23.63 -23.71 33.59
C LEU C 503 -23.83 -22.19 33.47
N TYR C 504 -22.89 -21.50 32.82
CA TYR C 504 -22.96 -20.02 32.66
C TYR C 504 -24.19 -19.62 31.86
N ALA C 505 -24.49 -20.38 30.79
CA ALA C 505 -25.67 -20.09 29.97
C ALA C 505 -26.96 -20.36 30.76
N GLU C 507 -27.44 -20.43 34.06
CA GLU C 507 -27.52 -19.43 35.12
C GLU C 507 -27.91 -18.04 34.59
N SER C 508 -27.31 -17.64 33.47
CA SER C 508 -27.65 -16.35 32.85
C SER C 508 -29.15 -16.30 32.47
N ALA C 509 -29.65 -17.41 31.90
CA ALA C 509 -31.02 -17.55 31.46
C ALA C 509 -31.98 -17.50 32.70
N VAL C 510 -31.64 -18.27 33.74
CA VAL C 510 -32.43 -18.29 35.01
C VAL C 510 -32.50 -16.91 35.69
N LEU C 511 -31.34 -16.29 35.87
CA LEU C 511 -31.24 -14.99 36.54
C LEU C 511 -31.90 -13.90 35.73
N ARG C 512 -31.77 -13.96 34.41
CA ARG C 512 -32.47 -13.00 33.59
C ARG C 512 -33.98 -13.10 33.75
N THR C 513 -34.50 -14.32 33.72
CA THR C 513 -35.93 -14.59 33.79
C THR C 513 -36.45 -14.25 35.21
N GLU C 514 -35.70 -14.63 36.23
CA GLU C 514 -36.06 -14.28 37.63
C GLU C 514 -36.12 -12.75 37.80
N LYS C 515 -35.22 -12.03 37.11
CA LYS C 515 -35.17 -10.59 37.27
C LYS C 515 -36.40 -9.98 36.59
N ALA C 516 -36.72 -10.47 35.40
CA ALA C 516 -37.90 -10.03 34.67
C ALA C 516 -39.18 -10.22 35.51
N ILE C 517 -39.35 -11.41 36.06
CA ILE C 517 -40.52 -11.74 36.87
C ILE C 517 -40.68 -10.76 38.04
N LYS C 518 -39.58 -10.47 38.74
CA LYS C 518 -39.59 -9.51 39.86
C LYS C 518 -39.81 -8.08 39.42
N THR C 519 -39.62 -7.80 38.13
CA THR C 519 -39.73 -6.45 37.64
C THR C 519 -41.12 -6.20 37.04
N THR C 520 -41.59 -7.14 36.21
CA THR C 520 -42.82 -6.95 35.43
C THR C 520 -43.84 -8.09 35.60
N GLY C 521 -43.60 -9.00 36.54
CA GLY C 521 -44.54 -10.07 36.87
C GLY C 521 -44.41 -11.36 36.07
N LEU C 522 -45.00 -12.43 36.60
CA LEU C 522 -44.95 -13.76 35.97
C LEU C 522 -45.68 -13.83 34.62
N GLU C 523 -46.86 -13.23 34.57
CA GLU C 523 -47.74 -13.35 33.41
C GLU C 523 -47.16 -12.74 32.13
N LYS C 524 -46.51 -11.58 32.22
CA LYS C 524 -45.87 -10.96 31.04
C LYS C 524 -44.60 -11.69 30.57
N ASN C 525 -44.03 -12.52 31.43
CA ASN C 525 -42.76 -13.18 31.10
C ASN C 525 -42.86 -14.67 30.85
N LYS C 526 -44.02 -15.09 30.34
CA LYS C 526 -44.23 -16.49 30.08
C LYS C 526 -43.23 -17.08 29.07
N GLN C 527 -42.95 -16.35 28.00
CA GLN C 527 -42.00 -16.83 26.98
C GLN C 527 -40.59 -17.07 27.58
N LYS C 528 -40.15 -16.16 28.44
CA LYS C 528 -38.86 -16.32 29.10
C LYS C 528 -38.84 -17.55 29.98
N VAL C 529 -39.91 -17.77 30.75
CA VAL C 529 -40.01 -18.99 31.56
C VAL C 529 -39.94 -20.26 30.70
N LEU C 530 -40.66 -20.28 29.59
CA LEU C 530 -40.58 -21.42 28.67
C LEU C 530 -39.17 -21.66 28.14
N TYR C 531 -38.50 -20.61 27.67
CA TYR C 531 -37.11 -20.73 27.18
C TYR C 531 -36.25 -21.35 28.25
N THR C 532 -36.40 -20.82 29.47
CA THR C 532 -35.56 -21.22 30.58
C THR C 532 -35.76 -22.69 30.96
N GLU C 533 -37.03 -23.10 31.05
CA GLU C 533 -37.37 -24.49 31.39
C GLU C 533 -36.76 -25.47 30.39
N VAL C 534 -36.98 -25.17 29.11
CA VAL C 534 -36.60 -26.09 28.07
C VAL C 534 -35.08 -26.08 27.95
N PHE C 535 -34.46 -24.90 28.04
CA PHE C 535 -33.00 -24.83 27.87
C PHE C 535 -32.29 -25.55 29.01
N CYS C 536 -32.71 -25.23 30.24
CA CYS C 536 -32.08 -25.82 31.42
C CYS C 536 -32.16 -27.34 31.43
N GLN C 537 -33.30 -27.88 31.03
CA GLN C 537 -33.44 -29.33 31.08
C GLN C 537 -32.39 -29.96 30.20
N GLU C 538 -32.27 -29.50 28.94
CA GLU C 538 -31.33 -30.16 28.02
C GLU C 538 -29.86 -29.86 28.33
N ALA C 539 -29.55 -28.61 28.69
CA ALA C 539 -28.19 -28.23 29.05
C ALA C 539 -27.74 -29.03 30.28
N PHE C 540 -28.64 -29.19 31.26
CA PHE C 540 -28.36 -30.01 32.42
C PHE C 540 -28.11 -31.49 32.07
N ASN C 541 -28.93 -32.04 31.17
CA ASN C 541 -28.66 -33.41 30.67
C ASN C 541 -27.26 -33.49 30.07
N GLU C 542 -26.82 -32.43 29.37
CA GLU C 542 -25.47 -32.44 28.77
C GLU C 542 -24.36 -32.39 29.84
N ILE C 543 -24.56 -31.53 30.83
CA ILE C 543 -23.66 -31.49 31.97
C ILE C 543 -23.50 -32.88 32.59
N GLU C 544 -24.62 -33.56 32.84
CA GLU C 544 -24.54 -34.91 33.41
C GLU C 544 -23.67 -35.82 32.54
N ALA C 545 -23.96 -35.83 31.23
CA ALA C 545 -23.18 -36.68 30.29
C ALA C 545 -21.67 -36.37 30.32
N HIS C 546 -21.29 -35.09 30.28
CA HIS C 546 -19.89 -34.67 30.33
C HIS C 546 -19.23 -35.07 31.66
N ALA C 547 -19.97 -34.89 32.76
CA ALA C 547 -19.48 -35.30 34.08
C ALA C 547 -19.26 -36.80 34.18
N LYS C 548 -20.21 -37.62 33.73
CA LYS C 548 -20.02 -39.06 33.80
C LYS C 548 -18.75 -39.47 33.08
N GLU C 549 -18.58 -38.95 31.84
CA GLU C 549 -17.43 -39.34 31.00
C GLU C 549 -16.10 -38.99 31.66
N THR C 550 -16.02 -37.80 32.22
CA THR C 550 -14.86 -37.40 33.01
C THR C 550 -14.64 -38.32 34.21
N LEU C 551 -15.70 -38.63 34.95
CA LEU C 551 -15.53 -39.52 36.13
C LEU C 551 -15.04 -40.92 35.72
N ILE C 552 -15.54 -41.44 34.62
CA ILE C 552 -15.10 -42.74 34.14
C ILE C 552 -13.63 -42.72 33.70
N ALA C 553 -13.16 -41.56 33.23
CA ALA C 553 -11.78 -41.42 32.78
C ALA C 553 -10.81 -41.21 33.95
N VAL C 554 -11.33 -40.74 35.08
CA VAL C 554 -10.50 -40.31 36.22
C VAL C 554 -10.37 -41.43 37.26
N GLU C 555 -11.45 -42.19 37.50
CA GLU C 555 -11.41 -43.29 38.47
C GLU C 555 -11.90 -44.64 37.95
N ASN C 556 -11.71 -45.70 38.73
CA ASN C 556 -12.23 -47.02 38.35
C ASN C 556 -12.56 -47.90 39.55
N GLY C 557 -13.18 -49.05 39.28
CA GLY C 557 -13.57 -50.00 40.32
C GLY C 557 -14.61 -49.44 41.26
N ASP C 558 -14.35 -49.63 42.56
CA ASP C 558 -15.26 -49.22 43.66
C ASP C 558 -15.42 -47.70 43.82
N LEU C 560 -15.08 -45.45 41.55
CA LEU C 560 -15.87 -44.96 40.43
C LEU C 560 -17.37 -45.10 40.66
N ARG C 561 -17.83 -46.29 41.05
CA ARG C 561 -19.25 -46.49 41.24
C ARG C 561 -19.84 -45.66 42.40
N LEU C 564 -20.14 -42.11 40.70
CA LEU C 564 -21.32 -42.12 39.85
C LEU C 564 -22.62 -42.07 40.65
N SER C 565 -22.63 -42.71 41.82
N SER C 565 -22.63 -42.70 41.82
CA SER C 565 -23.76 -42.61 42.75
CA SER C 565 -23.78 -42.61 42.72
C SER C 565 -23.90 -41.19 43.28
C SER C 565 -23.92 -41.21 43.33
N SER C 566 -22.80 -40.58 43.70
CA SER C 566 -22.86 -39.17 44.11
C SER C 566 -23.32 -38.23 42.93
N LEU C 567 -22.87 -38.52 41.70
CA LEU C 567 -23.35 -37.77 40.54
C LEU C 567 -24.88 -37.91 40.37
N ARG C 568 -25.38 -39.14 40.48
N ARG C 568 -25.39 -39.15 40.49
CA ARG C 568 -26.82 -39.42 40.34
CA ARG C 568 -26.84 -39.42 40.34
C ARG C 568 -27.65 -38.65 41.35
C ARG C 568 -27.67 -38.65 41.35
N LYS C 569 -27.12 -38.46 42.56
CA LYS C 569 -27.80 -37.69 43.59
C LYS C 569 -27.83 -36.23 43.18
N LEU C 570 -26.75 -35.76 42.56
CA LEU C 570 -26.70 -34.36 42.09
C LEU C 570 -27.61 -34.13 40.89
N THR C 571 -27.93 -35.20 40.15
CA THR C 571 -28.70 -35.05 38.91
C THR C 571 -30.18 -35.45 38.97
N ARG C 572 -30.57 -36.22 39.99
CA ARG C 572 -31.97 -36.64 40.16
C ARG C 572 -32.91 -35.45 40.29
N HIS C 573 -34.00 -35.47 39.51
CA HIS C 573 -35.08 -34.49 39.67
C HIS C 573 -36.27 -34.98 38.86
N THR C 574 -37.44 -34.38 39.07
CA THR C 574 -38.59 -34.73 38.26
C THR C 574 -38.46 -34.05 36.90
N PRO C 575 -38.32 -34.83 35.81
CA PRO C 575 -38.13 -34.15 34.54
C PRO C 575 -39.43 -33.48 34.09
N LEU C 576 -39.30 -32.48 33.22
CA LEU C 576 -40.43 -31.81 32.60
C LEU C 576 -40.73 -32.46 31.28
N ASN C 577 -41.97 -32.29 30.87
CA ASN C 577 -42.39 -32.64 29.52
C ASN C 577 -42.17 -31.42 28.61
N VAL C 578 -41.08 -31.44 27.84
CA VAL C 578 -40.75 -30.26 27.05
C VAL C 578 -41.53 -30.12 25.72
N ILE C 579 -42.16 -31.22 25.30
CA ILE C 579 -42.80 -31.25 23.98
C ILE C 579 -43.95 -30.23 23.81
N PRO C 580 -44.91 -30.19 24.76
CA PRO C 580 -45.91 -29.09 24.70
C PRO C 580 -45.33 -27.70 24.98
N LYS C 581 -44.24 -27.63 25.75
CA LYS C 581 -43.58 -26.35 26.00
C LYS C 581 -42.95 -25.79 24.73
N LYS C 582 -42.34 -26.66 23.92
CA LYS C 582 -41.74 -26.20 22.66
C LYS C 582 -42.83 -25.74 21.72
N ARG C 583 -43.95 -26.46 21.71
CA ARG C 583 -45.07 -26.05 20.85
C ARG C 583 -45.58 -24.67 21.24
N GLU C 584 -45.70 -24.45 22.53
CA GLU C 584 -46.12 -23.14 23.05
C GLU C 584 -45.09 -22.06 22.70
N ILE C 585 -43.79 -22.37 22.83
CA ILE C 585 -42.72 -21.41 22.44
C ILE C 585 -42.91 -21.04 20.96
N ALA C 586 -43.07 -22.08 20.12
CA ALA C 586 -43.13 -21.88 18.66
C ALA C 586 -44.36 -21.09 18.26
N ALA C 587 -45.46 -21.30 18.96
CA ALA C 587 -46.69 -20.57 18.69
C ALA C 587 -46.45 -19.05 18.81
N LYS C 588 -45.77 -18.62 19.87
CA LYS C 588 -45.43 -17.20 20.03
C LYS C 588 -44.44 -16.67 18.94
N ILE C 589 -43.42 -17.45 18.62
CA ILE C 589 -42.46 -17.13 17.54
C ILE C 589 -43.16 -16.97 16.18
N LEU C 590 -44.05 -17.90 15.85
CA LEU C 590 -44.78 -17.89 14.57
C LEU C 590 -45.79 -16.73 14.50
N GLU C 591 -46.29 -16.31 15.65
CA GLU C 591 -47.23 -15.17 15.75
C GLU C 591 -46.53 -13.84 15.48
N ASP C 592 -45.42 -13.58 16.17
CA ASP C 592 -44.63 -12.37 16.00
C ASP C 592 -43.73 -12.41 14.73
N GLU C 593 -43.50 -13.62 14.23
CA GLU C 593 -42.56 -13.89 13.14
C GLU C 593 -41.15 -13.34 13.41
N ARG C 594 -40.69 -13.54 14.62
CA ARG C 594 -39.36 -13.14 15.00
C ARG C 594 -39.09 -13.71 16.37
N TYR C 595 -37.82 -13.71 16.76
CA TYR C 595 -37.43 -14.04 18.11
C TYR C 595 -38.00 -12.96 19.02
N THR C 596 -38.69 -13.37 20.08
CA THR C 596 -39.23 -12.43 21.06
C THR C 596 -39.06 -13.01 22.44
N VAL C 597 -39.35 -12.15 23.41
CA VAL C 597 -39.01 -12.43 24.76
C VAL C 597 -40.15 -11.86 25.63
N ALA D 11 -34.85 -66.26 4.47
CA ALA D 11 -34.85 -64.87 3.90
C ALA D 11 -35.27 -63.88 4.99
N VAL D 12 -34.50 -62.81 5.16
CA VAL D 12 -34.76 -61.88 6.26
C VAL D 12 -35.79 -60.82 5.83
N LYS D 13 -36.87 -60.70 6.60
CA LYS D 13 -37.90 -59.71 6.28
C LYS D 13 -37.47 -58.29 6.65
N GLY D 14 -38.00 -57.32 5.90
CA GLY D 14 -37.72 -55.89 6.17
C GLY D 14 -38.24 -55.48 7.53
N GLY D 15 -37.41 -54.82 8.33
CA GLY D 15 -37.79 -54.41 9.68
C GLY D 15 -37.75 -55.52 10.72
N SER D 16 -37.53 -56.76 10.27
CA SER D 16 -37.56 -57.89 11.21
C SER D 16 -36.42 -57.78 12.23
N PHE D 17 -35.41 -56.98 11.90
CA PHE D 17 -34.30 -56.73 12.84
C PHE D 17 -34.76 -56.15 14.21
N LEU D 18 -35.89 -55.45 14.23
CA LEU D 18 -36.38 -54.91 15.47
C LEU D 18 -36.82 -56.00 16.45
N VAL D 19 -37.27 -57.14 15.91
CA VAL D 19 -37.86 -58.17 16.77
C VAL D 19 -37.10 -59.49 16.81
N ASP D 20 -36.32 -59.79 15.79
CA ASP D 20 -35.66 -61.09 15.75
C ASP D 20 -34.18 -60.94 16.04
N GLU D 21 -33.59 -62.01 16.58
CA GLU D 21 -32.15 -62.09 16.72
C GLU D 21 -31.52 -62.42 15.38
N ILE D 22 -30.83 -61.44 14.79
CA ILE D 22 -30.14 -61.62 13.53
C ILE D 22 -28.76 -62.17 13.79
N THR D 23 -28.33 -63.12 12.97
CA THR D 23 -27.05 -63.77 13.13
C THR D 23 -26.07 -63.30 12.08
N ILE D 24 -24.78 -63.55 12.30
CA ILE D 24 -23.74 -63.14 11.38
C ILE D 24 -23.89 -63.68 9.95
N ASP D 25 -24.53 -64.83 9.80
CA ASP D 25 -24.74 -65.34 8.43
C ASP D 25 -25.99 -64.75 7.79
N GLN D 26 -26.70 -63.88 8.49
CA GLN D 26 -27.81 -63.17 7.88
C GLN D 26 -27.47 -61.68 7.51
N VAL D 27 -26.20 -61.33 7.58
CA VAL D 27 -25.77 -59.97 7.22
C VAL D 27 -24.66 -60.01 6.19
N PHE D 28 -24.73 -59.10 5.23
CA PHE D 28 -23.66 -58.92 4.28
C PHE D 28 -22.75 -57.79 4.77
N THR D 29 -21.43 -58.01 4.72
CA THR D 29 -20.44 -57.02 5.12
C THR D 29 -19.41 -56.76 4.01
N PRO D 30 -18.70 -55.61 4.05
CA PRO D 30 -17.57 -55.44 3.15
C PRO D 30 -16.58 -56.61 3.17
N GLU D 31 -16.43 -57.30 4.30
CA GLU D 31 -15.54 -58.50 4.32
C GLU D 31 -15.98 -59.62 3.36
N ASP D 32 -17.24 -59.59 2.94
CA ASP D 32 -17.83 -60.55 1.99
C ASP D 32 -17.63 -60.17 0.52
N PHE D 33 -16.99 -59.03 0.23
CA PHE D 33 -16.77 -58.61 -1.15
C PHE D 33 -15.99 -59.68 -1.91
N SER D 34 -16.48 -60.09 -3.09
CA SER D 34 -15.74 -60.95 -4.01
C SER D 34 -14.64 -60.16 -4.70
N SER D 35 -13.79 -60.89 -5.39
CA SER D 35 -12.76 -60.31 -6.25
C SER D 35 -13.30 -59.44 -7.37
N GLU D 36 -14.42 -59.85 -7.99
CA GLU D 36 -15.07 -59.03 -9.00
C GLU D 36 -15.59 -57.71 -8.39
N HIS D 37 -16.13 -57.77 -7.17
CA HIS D 37 -16.57 -56.54 -6.51
C HIS D 37 -15.43 -55.58 -6.34
N LYS D 38 -14.32 -56.09 -5.81
CA LYS D 38 -13.15 -55.28 -5.58
C LYS D 38 -12.58 -54.69 -6.87
N ILE D 40 -14.17 -53.96 -9.74
CA ILE D 40 -15.03 -52.89 -10.23
C ILE D 40 -14.84 -51.61 -9.39
N ALA D 41 -14.67 -51.77 -8.08
CA ALA D 41 -14.36 -50.66 -7.20
C ALA D 41 -13.02 -49.99 -7.61
N LYS D 42 -12.01 -50.81 -7.89
CA LYS D 42 -10.71 -50.26 -8.30
C LYS D 42 -10.77 -49.59 -9.68
N THR D 43 -11.54 -50.18 -10.58
CA THR D 43 -11.72 -49.62 -11.92
C THR D 43 -12.36 -48.24 -11.82
N THR D 44 -13.34 -48.12 -10.94
CA THR D 44 -14.05 -46.84 -10.79
C THR D 44 -13.10 -45.83 -10.20
N GLU D 45 -12.39 -46.20 -9.13
CA GLU D 45 -11.52 -45.25 -8.43
C GLU D 45 -10.40 -44.75 -9.36
N ASP D 46 -9.86 -45.63 -10.18
CA ASP D 46 -8.83 -45.24 -11.13
C ASP D 46 -9.36 -44.22 -12.14
N PHE D 47 -10.57 -44.47 -12.64
CA PHE D 47 -11.27 -43.56 -13.53
C PHE D 47 -11.43 -42.20 -12.83
N ILE D 48 -11.95 -42.21 -11.60
CA ILE D 48 -12.18 -40.94 -10.91
C ILE D 48 -10.87 -40.20 -10.71
N VAL D 49 -9.85 -40.86 -10.15
CA VAL D 49 -8.61 -40.17 -9.80
C VAL D 49 -7.85 -39.70 -11.05
N ASN D 50 -7.78 -40.55 -12.07
CA ASN D 50 -6.93 -40.28 -13.23
C ASN D 50 -7.61 -39.36 -14.27
N GLU D 51 -8.92 -39.47 -14.41
CA GLU D 51 -9.66 -38.82 -15.48
C GLU D 51 -10.52 -37.66 -14.95
N VAL D 52 -11.14 -37.84 -13.79
CA VAL D 52 -12.16 -36.85 -13.40
C VAL D 52 -11.52 -35.75 -12.58
N LEU D 53 -10.69 -36.11 -11.60
CA LEU D 53 -10.15 -35.13 -10.64
C LEU D 53 -9.38 -34.00 -11.30
N PRO D 54 -8.56 -34.31 -12.33
CA PRO D 54 -7.87 -33.24 -13.05
C PRO D 54 -8.79 -32.15 -13.65
N GLU D 55 -10.04 -32.50 -13.91
CA GLU D 55 -10.97 -31.55 -14.54
C GLU D 55 -11.97 -30.99 -13.59
N LEU D 56 -11.94 -31.46 -12.33
CA LEU D 56 -13.03 -31.18 -11.42
C LEU D 56 -13.23 -29.66 -11.26
N GLU D 57 -12.14 -28.93 -11.21
CA GLU D 57 -12.17 -27.46 -11.04
C GLU D 57 -12.95 -26.78 -12.17
N TYR D 58 -12.83 -27.33 -13.38
CA TYR D 58 -13.58 -26.79 -14.53
C TYR D 58 -15.05 -27.19 -14.49
N LEU D 59 -15.34 -28.41 -14.00
CA LEU D 59 -16.70 -28.83 -13.83
C LEU D 59 -17.40 -27.92 -12.86
N GLU D 60 -16.70 -27.51 -11.79
CA GLU D 60 -17.31 -26.64 -10.77
C GLU D 60 -17.65 -25.28 -11.38
N GLN D 61 -16.99 -24.91 -12.47
CA GLN D 61 -17.38 -23.66 -13.17
C GLN D 61 -18.36 -23.92 -14.31
N HIS D 62 -19.03 -25.07 -14.26
CA HIS D 62 -20.16 -25.38 -15.15
C HIS D 62 -19.69 -25.62 -16.58
N GLU D 63 -18.45 -26.09 -16.75
CA GLU D 63 -18.05 -26.57 -18.07
C GLU D 63 -18.58 -27.97 -18.33
N PHE D 64 -19.91 -28.02 -18.51
CA PHE D 64 -20.63 -29.25 -18.65
C PHE D 64 -20.23 -30.13 -19.84
N ASP D 65 -19.67 -29.55 -20.91
CA ASP D 65 -19.13 -30.36 -22.02
C ASP D 65 -18.15 -31.39 -21.48
N ARG D 66 -17.38 -30.99 -20.48
CA ARG D 66 -16.44 -31.91 -19.87
C ARG D 66 -17.20 -33.03 -19.15
N SER D 67 -18.30 -32.68 -18.47
CA SER D 67 -19.09 -33.71 -17.78
C SER D 67 -19.56 -34.75 -18.77
N VAL D 68 -20.02 -34.30 -19.94
CA VAL D 68 -20.59 -35.22 -20.92
C VAL D 68 -19.50 -36.19 -21.42
N ARG D 69 -18.36 -35.62 -21.79
CA ARG D 69 -17.23 -36.45 -22.24
C ARG D 69 -16.81 -37.46 -21.18
N LEU D 70 -16.72 -37.02 -19.92
CA LEU D 70 -16.30 -37.94 -18.84
C LEU D 70 -17.33 -39.03 -18.63
N LEU D 71 -18.62 -38.69 -18.74
CA LEU D 71 -19.67 -39.69 -18.58
C LEU D 71 -19.59 -40.76 -19.68
N LYS D 72 -19.40 -40.32 -20.93
CA LYS D 72 -19.17 -41.23 -22.03
C LYS D 72 -17.98 -42.13 -21.78
N GLU D 73 -16.88 -41.55 -21.30
CA GLU D 73 -15.69 -42.34 -20.98
C GLU D 73 -16.01 -43.38 -19.92
N ALA D 74 -16.73 -42.97 -18.87
CA ALA D 74 -17.18 -43.88 -17.83
C ALA D 74 -18.07 -44.98 -18.40
N GLY D 75 -18.94 -44.59 -19.34
CA GLY D 75 -19.80 -45.53 -20.05
C GLY D 75 -19.01 -46.60 -20.77
N GLU D 76 -17.90 -46.22 -21.41
CA GLU D 76 -17.08 -47.19 -22.14
C GLU D 76 -16.50 -48.25 -21.22
N LEU D 77 -16.26 -47.87 -19.95
CA LEU D 77 -15.73 -48.80 -18.94
C LEU D 77 -16.81 -49.66 -18.30
N GLY D 78 -18.07 -49.46 -18.73
CA GLY D 78 -19.21 -50.16 -18.15
C GLY D 78 -19.75 -49.56 -16.86
N LEU D 79 -19.44 -48.30 -16.58
CA LEU D 79 -19.84 -47.69 -15.30
C LEU D 79 -21.22 -47.02 -15.33
N LEU D 80 -21.81 -46.91 -16.51
CA LEU D 80 -23.17 -46.35 -16.60
C LEU D 80 -24.24 -47.43 -16.84
N GLY D 81 -23.80 -48.68 -16.98
CA GLY D 81 -24.70 -49.79 -17.34
C GLY D 81 -24.72 -50.98 -16.39
N ALA D 82 -24.22 -50.75 -15.17
CA ALA D 82 -24.09 -51.81 -14.17
C ALA D 82 -25.46 -52.34 -13.78
N ASP D 83 -26.46 -51.47 -13.74
CA ASP D 83 -27.83 -51.87 -13.37
C ASP D 83 -28.78 -52.14 -14.56
N VAL D 84 -28.26 -52.11 -15.77
CA VAL D 84 -29.07 -52.37 -16.97
C VAL D 84 -28.75 -53.79 -17.41
N PRO D 85 -29.79 -54.63 -17.59
CA PRO D 85 -29.56 -56.00 -18.10
C PRO D 85 -28.84 -56.02 -19.44
N GLU D 86 -28.03 -57.07 -19.63
CA GLU D 86 -27.24 -57.27 -20.84
C GLU D 86 -28.10 -57.26 -22.09
N GLU D 87 -29.27 -57.88 -22.02
CA GLU D 87 -30.16 -57.92 -23.18
C GLU D 87 -30.69 -56.52 -23.58
N TYR D 88 -30.55 -55.53 -22.72
CA TYR D 88 -30.95 -54.17 -23.10
C TYR D 88 -29.77 -53.21 -23.35
N GLY D 89 -28.57 -53.78 -23.45
CA GLY D 89 -27.36 -52.98 -23.69
C GLY D 89 -26.51 -52.66 -22.48
N GLY D 90 -26.95 -53.04 -21.27
CA GLY D 90 -26.15 -52.84 -20.06
C GLY D 90 -25.14 -53.93 -19.82
N ILE D 91 -24.61 -54.00 -18.61
CA ILE D 91 -23.62 -55.06 -18.32
C ILE D 91 -24.06 -55.96 -17.19
N GLY D 92 -25.23 -55.66 -16.63
CA GLY D 92 -25.91 -56.55 -15.70
C GLY D 92 -25.08 -57.04 -14.53
N LEU D 93 -24.58 -56.10 -13.71
CA LEU D 93 -23.82 -56.48 -12.53
C LEU D 93 -24.70 -56.65 -11.30
N ASP D 94 -24.08 -57.18 -10.25
CA ASP D 94 -24.59 -57.25 -8.89
C ASP D 94 -25.02 -55.90 -8.33
N LYS D 95 -25.94 -55.91 -7.37
CA LYS D 95 -26.26 -54.68 -6.61
C LYS D 95 -25.07 -54.24 -5.75
N VAL D 96 -24.26 -55.18 -5.30
CA VAL D 96 -23.03 -54.86 -4.57
C VAL D 96 -22.08 -54.07 -5.47
N SER D 97 -21.92 -54.53 -6.70
CA SER D 97 -21.08 -53.83 -7.66
C SER D 97 -21.58 -52.42 -7.91
N SER D 98 -22.88 -52.28 -8.16
CA SER D 98 -23.32 -50.92 -8.46
C SER D 98 -23.26 -50.00 -7.23
N ALA D 99 -23.30 -50.57 -6.02
CA ALA D 99 -23.13 -49.75 -4.80
C ALA D 99 -21.68 -49.31 -4.72
N LEU D 100 -20.76 -50.24 -5.02
CA LEU D 100 -19.37 -49.91 -4.96
C LEU D 100 -19.01 -48.81 -5.97
N ILE D 101 -19.59 -48.84 -7.16
CA ILE D 101 -19.37 -47.77 -8.13
C ILE D 101 -19.79 -46.41 -7.54
N ALA D 102 -20.98 -46.36 -6.98
CA ALA D 102 -21.48 -45.15 -6.30
C ALA D 102 -20.56 -44.69 -5.19
N GLU D 103 -20.06 -45.64 -4.39
CA GLU D 103 -19.16 -45.30 -3.28
C GLU D 103 -17.89 -44.63 -3.79
N LYS D 104 -17.31 -45.14 -4.87
CA LYS D 104 -16.10 -44.53 -5.43
C LYS D 104 -16.34 -43.22 -6.17
N PHE D 105 -17.49 -43.10 -6.83
CA PHE D 105 -17.84 -41.82 -7.48
C PHE D 105 -17.85 -40.62 -6.55
N SER D 106 -18.10 -40.87 -5.25
CA SER D 106 -18.25 -39.79 -4.29
C SER D 106 -16.97 -38.95 -4.16
N ARG D 107 -15.84 -39.57 -4.49
CA ARG D 107 -14.58 -38.85 -4.54
C ARG D 107 -14.67 -37.61 -5.50
N ALA D 108 -15.63 -37.59 -6.44
CA ALA D 108 -15.65 -36.52 -7.45
C ALA D 108 -16.72 -35.51 -7.13
N GLY D 109 -17.10 -35.39 -5.86
CA GLY D 109 -18.02 -34.31 -5.49
C GLY D 109 -19.34 -34.36 -6.25
N GLY D 110 -19.74 -33.21 -6.81
CA GLY D 110 -21.01 -33.11 -7.50
C GLY D 110 -21.09 -33.97 -8.75
N PHE D 111 -19.95 -34.38 -9.29
CA PHE D 111 -20.02 -35.27 -10.44
C PHE D 111 -20.59 -36.61 -10.02
N ALA D 112 -20.50 -36.98 -8.74
CA ALA D 112 -21.19 -38.18 -8.21
C ALA D 112 -22.71 -38.03 -8.29
N ILE D 113 -23.20 -36.83 -8.03
CA ILE D 113 -24.64 -36.58 -8.18
C ILE D 113 -25.05 -36.69 -9.65
N THR D 114 -24.25 -36.12 -10.55
CA THR D 114 -24.47 -36.27 -12.00
C THR D 114 -24.66 -37.73 -12.39
N HIS D 115 -23.66 -38.54 -12.06
CA HIS D 115 -23.64 -39.98 -12.34
C HIS D 115 -24.86 -40.65 -11.72
N GLY D 116 -25.05 -40.39 -10.42
CA GLY D 116 -26.12 -41.02 -9.66
C GLY D 116 -27.51 -40.70 -10.19
N ALA D 117 -27.74 -39.44 -10.60
CA ALA D 117 -29.03 -39.09 -11.17
C ALA D 117 -29.22 -39.82 -12.51
N HIS D 118 -28.15 -40.00 -13.26
CA HIS D 118 -28.29 -40.72 -14.53
C HIS D 118 -28.55 -42.21 -14.36
N VAL D 119 -27.74 -42.90 -13.55
CA VAL D 119 -27.88 -44.35 -13.41
C VAL D 119 -29.00 -44.79 -12.47
N GLY D 120 -29.42 -43.88 -11.58
CA GLY D 120 -30.39 -44.18 -10.53
C GLY D 120 -31.73 -43.61 -10.90
N ILE D 121 -32.09 -42.49 -10.30
CA ILE D 121 -33.41 -41.89 -10.56
C ILE D 121 -33.75 -41.68 -12.06
N GLY D 122 -32.75 -41.33 -12.87
CA GLY D 122 -33.00 -41.10 -14.31
C GLY D 122 -33.36 -42.33 -15.14
N SER D 123 -32.57 -43.41 -15.02
CA SER D 123 -32.65 -44.56 -15.89
C SER D 123 -33.49 -45.70 -15.30
N LEU D 124 -33.46 -45.85 -13.97
CA LEU D 124 -34.20 -46.94 -13.31
C LEU D 124 -35.73 -46.97 -13.46
N PRO D 125 -36.38 -45.80 -13.62
CA PRO D 125 -37.81 -45.97 -13.89
C PRO D 125 -38.05 -46.81 -15.16
N ILE D 126 -37.27 -46.54 -16.21
CA ILE D 126 -37.35 -47.31 -17.45
C ILE D 126 -36.88 -48.75 -17.23
N VAL D 127 -35.75 -48.95 -16.55
CA VAL D 127 -35.28 -50.33 -16.29
C VAL D 127 -36.37 -51.16 -15.58
N LEU D 128 -36.98 -50.57 -14.57
CA LEU D 128 -37.83 -51.29 -13.65
C LEU D 128 -39.28 -51.27 -14.05
N PHE D 129 -39.78 -50.15 -14.58
CA PHE D 129 -41.20 -50.03 -14.92
C PHE D 129 -41.48 -49.78 -16.41
N GLY D 130 -40.46 -50.01 -17.24
CA GLY D 130 -40.63 -49.86 -18.69
C GLY D 130 -41.16 -51.15 -19.32
N ASN D 131 -41.87 -51.00 -20.43
CA ASN D 131 -42.25 -52.16 -21.24
C ASN D 131 -41.13 -52.50 -22.22
N GLU D 132 -41.34 -53.52 -23.04
CA GLU D 132 -40.35 -53.95 -24.00
C GLU D 132 -40.00 -52.86 -24.99
N GLU D 133 -41.03 -52.24 -25.57
CA GLU D 133 -40.87 -51.16 -26.54
C GLU D 133 -40.06 -50.01 -25.93
N GLN D 134 -40.41 -49.60 -24.72
CA GLN D 134 -39.71 -48.53 -24.02
C GLN D 134 -38.27 -48.89 -23.69
N LYS D 135 -38.09 -50.11 -23.16
CA LYS D 135 -36.76 -50.58 -22.78
C LYS D 135 -35.77 -50.75 -23.94
N LYS D 136 -36.20 -51.39 -25.03
CA LYS D 136 -35.29 -51.64 -26.15
C LYS D 136 -34.97 -50.35 -26.88
N LYS D 137 -35.89 -49.40 -26.83
CA LYS D 137 -35.66 -48.09 -27.43
C LYS D 137 -34.67 -47.19 -26.61
N TYR D 138 -34.88 -47.06 -25.31
CA TYR D 138 -34.10 -46.09 -24.50
C TYR D 138 -32.82 -46.63 -23.82
N LEU D 139 -32.85 -47.86 -23.32
CA LEU D 139 -31.77 -48.36 -22.49
C LEU D 139 -30.41 -48.56 -23.15
N PRO D 140 -30.36 -48.98 -24.44
CA PRO D 140 -29.02 -49.20 -24.99
C PRO D 140 -28.17 -47.95 -24.99
N LEU D 141 -28.80 -46.80 -25.24
CA LEU D 141 -28.09 -45.52 -25.34
C LEU D 141 -27.82 -44.93 -23.94
N LEU D 142 -28.80 -45.04 -23.05
CA LEU D 142 -28.62 -44.69 -21.63
C LEU D 142 -27.52 -45.51 -20.93
N ALA D 143 -27.41 -46.80 -21.25
CA ALA D 143 -26.48 -47.71 -20.56
C ALA D 143 -25.00 -47.43 -20.90
N THR D 144 -24.75 -46.83 -22.05
CA THR D 144 -23.39 -46.42 -22.44
C THR D 144 -23.16 -44.93 -22.21
N GLY D 145 -24.22 -44.20 -21.87
CA GLY D 145 -24.15 -42.76 -21.76
C GLY D 145 -24.09 -42.01 -23.09
N GLU D 146 -24.43 -42.69 -24.19
CA GLU D 146 -24.60 -42.00 -25.48
C GLU D 146 -25.81 -41.08 -25.37
N LYS D 147 -26.77 -41.49 -24.54
CA LYS D 147 -27.85 -40.63 -24.12
C LYS D 147 -27.80 -40.57 -22.62
N LEU D 148 -28.20 -39.42 -22.08
CA LEU D 148 -28.16 -39.16 -20.61
C LEU D 148 -29.55 -38.87 -20.05
N ALA D 149 -29.82 -39.33 -18.83
CA ALA D 149 -31.15 -39.22 -18.22
C ALA D 149 -31.25 -38.24 -17.01
N ALA D 150 -32.47 -37.78 -16.74
CA ALA D 150 -32.79 -36.92 -15.61
C ALA D 150 -34.20 -37.30 -15.12
N TYR D 151 -34.47 -37.04 -13.85
CA TYR D 151 -35.72 -37.41 -13.21
C TYR D 151 -36.39 -36.13 -12.79
N ALA D 152 -37.66 -35.95 -13.18
CA ALA D 152 -38.36 -34.69 -12.93
C ALA D 152 -39.69 -34.90 -12.22
N LEU D 153 -39.65 -34.74 -10.89
CA LEU D 153 -40.80 -34.93 -10.03
C LEU D 153 -41.22 -33.64 -9.34
N THR D 154 -40.23 -33.00 -8.71
CA THR D 154 -40.40 -31.79 -7.92
C THR D 154 -40.87 -30.59 -8.73
N GLU D 155 -41.68 -29.75 -8.10
CA GLU D 155 -42.14 -28.48 -8.67
C GLU D 155 -42.01 -27.38 -7.61
N PRO D 156 -42.11 -26.11 -8.02
CA PRO D 156 -42.09 -25.06 -7.01
C PRO D 156 -43.08 -25.30 -5.87
N GLY D 157 -44.29 -25.74 -6.21
CA GLY D 157 -45.35 -25.91 -5.20
C GLY D 157 -45.34 -27.30 -4.55
N SER D 158 -44.44 -28.19 -4.97
CA SER D 158 -44.48 -29.55 -4.43
C SER D 158 -43.12 -30.23 -4.32
N GLY D 159 -42.64 -30.35 -3.08
CA GLY D 159 -41.33 -30.96 -2.81
C GLY D 159 -41.51 -32.24 -2.03
N SER D 160 -41.63 -32.10 -0.71
CA SER D 160 -41.96 -33.23 0.15
C SER D 160 -43.32 -33.83 -0.24
N ASP D 161 -44.31 -32.98 -0.51
CA ASP D 161 -45.60 -33.41 -1.04
C ASP D 161 -45.50 -33.58 -2.56
N ALA D 162 -44.82 -34.64 -2.98
CA ALA D 162 -44.52 -34.89 -4.37
C ALA D 162 -45.76 -35.21 -5.23
N LEU D 163 -46.77 -35.83 -4.62
CA LEU D 163 -48.01 -36.14 -5.33
C LEU D 163 -48.92 -34.91 -5.49
N GLY D 164 -48.46 -33.76 -5.00
CA GLY D 164 -49.18 -32.49 -5.20
C GLY D 164 -48.83 -31.77 -6.50
N ALA D 165 -48.13 -32.45 -7.41
CA ALA D 165 -47.70 -31.87 -8.68
C ALA D 165 -48.85 -31.17 -9.45
N LYS D 166 -48.55 -30.01 -10.05
CA LYS D 166 -49.55 -29.21 -10.78
C LYS D 166 -49.31 -29.22 -12.28
N THR D 167 -48.33 -30.01 -12.71
CA THR D 167 -48.09 -30.22 -14.13
C THR D 167 -49.20 -31.09 -14.71
N THR D 168 -49.78 -30.64 -15.82
CA THR D 168 -50.93 -31.31 -16.45
C THR D 168 -50.59 -32.02 -17.76
N ALA D 169 -51.30 -33.11 -18.00
CA ALA D 169 -51.23 -33.89 -19.23
C ALA D 169 -52.65 -34.22 -19.75
N ARG D 170 -52.88 -34.04 -21.04
CA ARG D 170 -54.16 -34.39 -21.67
C ARG D 170 -53.97 -34.98 -23.08
N LEU D 171 -54.72 -36.04 -23.37
CA LEU D 171 -54.75 -36.63 -24.71
C LEU D 171 -55.25 -35.59 -25.70
N ASN D 172 -54.56 -35.45 -26.82
CA ASN D 172 -55.00 -34.51 -27.85
C ASN D 172 -56.21 -35.08 -28.59
N ALA D 173 -56.96 -34.20 -29.30
CA ALA D 173 -58.20 -34.60 -30.00
C ALA D 173 -58.02 -35.94 -30.73
N GLU D 174 -56.88 -36.08 -31.43
CA GLU D 174 -56.53 -37.26 -32.21
C GLU D 174 -56.12 -38.46 -31.34
N GLY D 175 -55.71 -38.19 -30.09
CA GLY D 175 -55.24 -39.26 -29.20
C GLY D 175 -53.94 -39.94 -29.61
N THR D 176 -52.99 -39.12 -30.12
CA THR D 176 -51.68 -39.66 -30.56
C THR D 176 -50.51 -39.13 -29.68
N HIS D 177 -50.85 -38.25 -28.73
CA HIS D 177 -49.87 -37.55 -27.91
C HIS D 177 -50.55 -37.01 -26.65
N TYR D 178 -49.80 -36.89 -25.55
CA TYR D 178 -50.21 -36.04 -24.44
C TYR D 178 -49.67 -34.61 -24.59
N VAL D 179 -50.43 -33.65 -24.09
CA VAL D 179 -50.03 -32.24 -24.07
C VAL D 179 -49.74 -31.86 -22.61
N LEU D 180 -48.45 -31.68 -22.31
CA LEU D 180 -48.00 -31.44 -20.94
C LEU D 180 -47.71 -29.97 -20.72
N ASN D 181 -48.20 -29.46 -19.60
CA ASN D 181 -48.00 -28.07 -19.22
C ASN D 181 -47.66 -27.93 -17.73
N GLY D 182 -46.62 -27.14 -17.45
CA GLY D 182 -46.08 -26.94 -16.10
C GLY D 182 -44.56 -26.81 -16.06
N GLU D 183 -44.04 -26.64 -14.83
CA GLU D 183 -42.62 -26.59 -14.53
C GLU D 183 -42.22 -27.64 -13.51
N LYS D 184 -41.08 -28.27 -13.78
CA LYS D 184 -40.40 -29.15 -12.85
C LYS D 184 -39.10 -28.46 -12.37
N GLN D 185 -38.90 -28.39 -11.06
CA GLN D 185 -37.86 -27.56 -10.45
C GLN D 185 -36.65 -28.41 -9.96
N TRP D 186 -35.43 -27.88 -10.14
CA TRP D 186 -34.19 -28.42 -9.57
C TRP D 186 -33.83 -29.76 -10.20
N ILE D 187 -33.82 -29.83 -11.52
CA ILE D 187 -33.76 -31.09 -12.18
C ILE D 187 -32.29 -31.35 -12.51
N THR D 188 -31.74 -32.32 -11.80
CA THR D 188 -30.34 -32.65 -11.94
C THR D 188 -30.11 -33.11 -13.38
N ASN D 189 -28.99 -32.70 -13.97
CA ASN D 189 -28.55 -33.14 -15.32
C ASN D 189 -29.21 -32.39 -16.45
N SER D 190 -30.04 -31.42 -16.10
CA SER D 190 -30.85 -30.67 -17.09
C SER D 190 -30.08 -30.11 -18.28
N ALA D 191 -28.86 -29.63 -18.07
CA ALA D 191 -28.09 -29.06 -19.17
C ALA D 191 -27.83 -30.05 -20.31
N PHE D 192 -27.74 -31.34 -20.00
CA PHE D 192 -27.31 -32.28 -21.02
C PHE D 192 -28.18 -33.55 -21.13
N ALA D 193 -29.22 -33.65 -20.30
CA ALA D 193 -30.10 -34.81 -20.37
C ALA D 193 -30.88 -34.85 -21.72
N ASP D 194 -30.89 -36.02 -22.32
CA ASP D 194 -31.63 -36.31 -23.56
C ASP D 194 -33.02 -36.86 -23.23
N VAL D 195 -33.11 -37.56 -22.09
CA VAL D 195 -34.34 -38.21 -21.62
C VAL D 195 -34.70 -37.69 -20.21
N PHE D 196 -35.97 -37.29 -19.98
CA PHE D 196 -36.49 -36.84 -18.69
C PHE D 196 -37.69 -37.72 -18.29
N ILE D 197 -37.68 -38.28 -17.09
CA ILE D 197 -38.86 -38.98 -16.58
C ILE D 197 -39.72 -37.92 -15.90
N VAL D 198 -40.85 -37.57 -16.50
CA VAL D 198 -41.67 -36.46 -16.00
C VAL D 198 -42.96 -36.96 -15.33
N TYR D 199 -43.26 -36.40 -14.18
CA TYR D 199 -44.52 -36.71 -13.52
C TYR D 199 -45.52 -35.63 -13.76
N ALA D 200 -46.70 -36.05 -14.20
CA ALA D 200 -47.78 -35.14 -14.52
C ALA D 200 -49.15 -35.76 -14.19
N LYS D 201 -50.12 -34.89 -13.99
CA LYS D 201 -51.47 -35.35 -13.67
C LYS D 201 -52.33 -35.34 -14.96
N ILE D 202 -52.70 -36.53 -15.43
CA ILE D 202 -53.63 -36.66 -16.56
C ILE D 202 -54.92 -35.91 -16.21
N ASP D 203 -55.30 -34.94 -17.06
CA ASP D 203 -56.50 -34.10 -16.85
C ASP D 203 -56.61 -33.55 -15.42
N GLY D 204 -55.47 -33.15 -14.88
CA GLY D 204 -55.41 -32.61 -13.53
C GLY D 204 -55.77 -33.58 -12.43
N GLU D 205 -55.82 -34.89 -12.72
CA GLU D 205 -56.24 -35.85 -11.69
C GLU D 205 -55.39 -37.09 -11.47
N HIS D 206 -54.97 -37.73 -12.56
CA HIS D 206 -54.31 -39.05 -12.48
C HIS D 206 -52.78 -38.98 -12.61
N PHE D 207 -52.15 -39.09 -11.43
CA PHE D 207 -50.71 -38.96 -11.26
C PHE D 207 -49.96 -40.05 -12.01
N SER D 208 -49.25 -39.63 -13.06
CA SER D 208 -48.63 -40.55 -14.00
C SER D 208 -47.21 -40.15 -14.41
N ALA D 209 -46.40 -41.15 -14.73
CA ALA D 209 -45.03 -40.95 -15.21
C ALA D 209 -44.96 -41.04 -16.74
N PHE D 210 -44.08 -40.23 -17.33
CA PHE D 210 -43.89 -40.11 -18.78
C PHE D 210 -42.40 -40.03 -19.15
N ILE D 211 -42.01 -40.76 -20.18
CA ILE D 211 -40.70 -40.61 -20.79
C ILE D 211 -40.73 -39.43 -21.76
N VAL D 212 -40.04 -38.34 -21.42
CA VAL D 212 -39.99 -37.13 -22.25
C VAL D 212 -38.59 -36.92 -22.85
N GLU D 213 -38.53 -36.88 -24.17
CA GLU D 213 -37.28 -36.57 -24.85
C GLU D 213 -37.07 -35.06 -24.87
N LYS D 214 -35.82 -34.66 -24.67
CA LYS D 214 -35.42 -33.25 -24.65
C LYS D 214 -35.80 -32.49 -25.92
N ASP D 215 -35.87 -33.19 -27.05
CA ASP D 215 -36.17 -32.56 -28.34
C ASP D 215 -37.67 -32.49 -28.76
N TYR D 216 -38.58 -33.08 -27.97
CA TYR D 216 -40.01 -32.93 -28.23
C TYR D 216 -40.34 -31.45 -28.18
N ALA D 217 -41.29 -30.99 -28.99
CA ALA D 217 -41.66 -29.58 -29.00
C ALA D 217 -42.26 -29.24 -27.64
N GLY D 218 -42.09 -27.98 -27.22
CA GLY D 218 -42.61 -27.50 -25.95
C GLY D 218 -41.72 -27.80 -24.73
N VAL D 219 -40.57 -28.41 -24.96
CA VAL D 219 -39.60 -28.71 -23.90
C VAL D 219 -38.43 -27.73 -23.95
N SER D 220 -38.24 -27.01 -22.85
CA SER D 220 -37.03 -26.21 -22.66
C SER D 220 -36.52 -26.28 -21.18
N THR D 221 -35.40 -25.61 -20.91
CA THR D 221 -34.84 -25.52 -19.56
C THR D 221 -34.48 -24.09 -19.27
N SER D 222 -34.60 -23.71 -18.01
CA SER D 222 -34.20 -22.41 -17.54
C SER D 222 -32.67 -22.35 -17.44
N PRO D 223 -32.13 -21.16 -17.15
CA PRO D 223 -30.71 -21.13 -16.82
C PRO D 223 -30.41 -21.91 -15.50
N GLU D 224 -29.16 -22.28 -15.31
CA GLU D 224 -28.69 -22.97 -14.11
C GLU D 224 -29.02 -22.21 -12.84
N GLU D 225 -29.36 -22.96 -11.81
CA GLU D 225 -29.40 -22.43 -10.46
C GLU D 225 -27.99 -22.06 -9.94
N LYS D 226 -27.95 -21.06 -9.05
CA LYS D 226 -26.73 -20.74 -8.29
C LYS D 226 -26.86 -21.41 -6.93
N LYS D 227 -26.03 -22.41 -6.67
CA LYS D 227 -26.16 -23.27 -5.49
C LYS D 227 -25.00 -23.10 -4.47
N GLY D 229 -23.44 -25.65 -3.00
CA GLY D 229 -22.47 -26.73 -3.20
C GLY D 229 -22.90 -27.60 -4.38
N ILE D 230 -22.24 -28.75 -4.53
CA ILE D 230 -22.33 -29.53 -5.77
C ILE D 230 -22.52 -28.63 -6.99
N LYS D 231 -21.63 -27.64 -7.07
CA LYS D 231 -21.72 -26.66 -8.15
C LYS D 231 -21.49 -27.27 -9.52
N CYS D 232 -20.73 -28.36 -9.60
CA CYS D 232 -20.56 -28.97 -10.90
C CYS D 232 -21.77 -29.81 -11.38
N SER D 233 -22.75 -30.04 -10.52
CA SER D 233 -23.99 -30.72 -10.95
C SER D 233 -24.96 -29.74 -11.63
N SER D 234 -25.41 -30.06 -12.84
CA SER D 234 -26.35 -29.18 -13.54
C SER D 234 -27.75 -29.24 -12.90
N THR D 235 -28.36 -28.09 -12.66
CA THR D 235 -29.64 -28.01 -11.96
C THR D 235 -30.41 -26.87 -12.58
N ARG D 236 -31.54 -27.20 -13.19
CA ARG D 236 -32.40 -26.21 -13.87
C ARG D 236 -33.88 -26.55 -13.72
N THR D 237 -34.74 -25.57 -13.98
CA THR D 237 -36.18 -25.80 -14.14
C THR D 237 -36.43 -26.43 -15.53
N LEU D 238 -37.13 -27.57 -15.56
CA LEU D 238 -37.63 -28.13 -16.83
C LEU D 238 -38.96 -27.47 -17.15
N ILE D 239 -39.01 -26.78 -18.29
CA ILE D 239 -40.20 -26.00 -18.67
C ILE D 239 -40.98 -26.75 -19.76
N LEU D 240 -42.28 -26.91 -19.52
CA LEU D 240 -43.14 -27.58 -20.50
C LEU D 240 -44.33 -26.67 -20.88
N GLU D 241 -44.30 -26.17 -22.12
CA GLU D 241 -45.34 -25.32 -22.67
C GLU D 241 -45.89 -26.05 -23.88
N ASP D 242 -47.08 -26.64 -23.72
CA ASP D 242 -47.68 -27.52 -24.72
C ASP D 242 -46.68 -28.56 -25.23
N ALA D 243 -45.92 -29.13 -24.31
CA ALA D 243 -44.96 -30.18 -24.61
C ALA D 243 -45.68 -31.42 -25.08
N LEU D 244 -45.31 -31.87 -26.28
CA LEU D 244 -46.00 -32.97 -26.96
C LEU D 244 -45.26 -34.30 -26.81
N VAL D 245 -45.80 -35.18 -25.97
CA VAL D 245 -45.24 -36.49 -25.68
C VAL D 245 -46.12 -37.55 -26.34
N PRO D 246 -45.52 -38.54 -27.07
CA PRO D 246 -46.30 -39.62 -27.69
C PRO D 246 -47.01 -40.39 -26.61
N LYS D 247 -48.08 -41.10 -26.97
CA LYS D 247 -48.85 -41.83 -25.95
C LYS D 247 -48.16 -43.10 -25.50
N GLU D 248 -47.30 -43.67 -26.36
CA GLU D 248 -46.58 -44.88 -26.02
C GLU D 248 -45.43 -44.59 -25.02
N ASN D 249 -45.27 -43.33 -24.64
CA ASN D 249 -44.21 -42.94 -23.72
C ASN D 249 -44.71 -42.78 -22.29
N LEU D 250 -45.98 -43.12 -22.08
CA LEU D 250 -46.52 -43.24 -20.73
C LEU D 250 -45.78 -44.38 -20.08
N LEU D 251 -45.26 -44.09 -18.88
CA LEU D 251 -44.50 -45.06 -18.12
C LEU D 251 -45.40 -45.58 -17.03
N GLY D 252 -45.54 -46.91 -16.97
CA GLY D 252 -46.48 -47.56 -16.06
C GLY D 252 -47.93 -47.35 -16.48
N GLU D 253 -48.83 -47.28 -15.49
CA GLU D 253 -50.28 -47.17 -15.71
C GLU D 253 -50.85 -45.82 -15.32
N ILE D 254 -51.91 -45.40 -15.99
CA ILE D 254 -52.58 -44.14 -15.71
C ILE D 254 -52.90 -44.08 -14.22
N GLY D 255 -52.50 -42.99 -13.56
CA GLY D 255 -52.80 -42.76 -12.15
C GLY D 255 -52.02 -43.64 -11.18
N LYS D 256 -51.10 -44.45 -11.71
CA LYS D 256 -50.26 -45.30 -10.86
C LYS D 256 -48.79 -44.77 -10.79
N GLY D 257 -48.63 -43.47 -11.01
CA GLY D 257 -47.30 -42.83 -10.99
C GLY D 257 -46.62 -42.99 -9.63
N HIS D 258 -47.39 -42.82 -8.56
CA HIS D 258 -46.87 -42.94 -7.18
C HIS D 258 -46.12 -44.26 -6.97
N ILE D 259 -46.57 -45.34 -7.60
CA ILE D 259 -45.89 -46.63 -7.49
C ILE D 259 -44.42 -46.56 -8.00
N ILE D 260 -44.21 -45.84 -9.11
CA ILE D 260 -42.86 -45.65 -9.65
C ILE D 260 -42.05 -44.72 -8.73
N ALA D 261 -42.64 -43.58 -8.37
CA ALA D 261 -42.00 -42.59 -7.52
C ALA D 261 -41.53 -43.17 -6.19
N PHE D 262 -42.39 -43.94 -5.52
CA PHE D 262 -42.04 -44.46 -4.20
C PHE D 262 -40.99 -45.58 -4.26
N ASN D 263 -41.08 -46.41 -5.28
CA ASN D 263 -40.10 -47.48 -5.46
C ASN D 263 -38.72 -46.95 -5.82
N ILE D 264 -38.68 -45.93 -6.67
CA ILE D 264 -37.44 -45.32 -7.10
C ILE D 264 -36.76 -44.61 -5.90
N LEU D 265 -37.58 -44.00 -5.04
CA LEU D 265 -37.13 -43.36 -3.79
C LEU D 265 -36.30 -44.30 -2.92
N ASN D 266 -36.74 -45.56 -2.79
CA ASN D 266 -36.07 -46.52 -1.93
C ASN D 266 -34.65 -46.76 -2.38
N ILE D 267 -34.48 -46.98 -3.67
CA ILE D 267 -33.18 -47.20 -4.24
C ILE D 267 -32.35 -45.94 -4.13
N GLY D 268 -32.94 -44.79 -4.45
CA GLY D 268 -32.28 -43.49 -4.35
C GLY D 268 -31.74 -43.27 -2.94
N ARG D 269 -32.54 -43.63 -1.96
CA ARG D 269 -32.18 -43.44 -0.57
C ARG D 269 -30.96 -44.28 -0.19
N TYR D 270 -30.95 -45.59 -0.49
CA TYR D 270 -29.80 -46.38 0.00
C TYR D 270 -28.56 -46.04 -0.80
N LYS D 271 -28.72 -45.65 -2.06
CA LYS D 271 -27.56 -45.28 -2.90
C LYS D 271 -26.91 -43.99 -2.40
N LEU D 272 -27.72 -43.03 -1.99
CA LEU D 272 -27.21 -41.82 -1.37
C LEU D 272 -26.47 -42.22 -0.07
N GLY D 273 -27.06 -43.16 0.68
CA GLY D 273 -26.37 -43.72 1.88
C GLY D 273 -24.97 -44.22 1.54
N VAL D 274 -24.84 -44.97 0.44
CA VAL D 274 -23.55 -45.47 -0.01
C VAL D 274 -22.65 -44.30 -0.36
N GLY D 275 -23.16 -43.30 -1.08
CA GLY D 275 -22.32 -42.19 -1.50
C GLY D 275 -21.77 -41.44 -0.29
N THR D 276 -22.61 -41.22 0.72
CA THR D 276 -22.18 -40.50 1.90
C THR D 276 -21.11 -41.24 2.68
N VAL D 277 -21.19 -42.56 2.71
CA VAL D 277 -20.10 -43.37 3.28
C VAL D 277 -18.79 -43.14 2.56
N GLY D 278 -18.82 -43.17 1.21
CA GLY D 278 -17.62 -42.91 0.36
C GLY D 278 -17.05 -41.52 0.74
N SER D 279 -17.90 -40.50 0.82
CA SER D 279 -17.41 -39.18 1.18
C SER D 279 -16.85 -39.09 2.61
N ALA D 280 -17.47 -39.80 3.57
CA ALA D 280 -17.02 -39.74 4.95
C ALA D 280 -15.63 -40.36 5.05
N LYS D 281 -15.43 -41.44 4.33
CA LYS D 281 -14.10 -42.03 4.27
C LYS D 281 -13.06 -41.04 3.72
N ARG D 282 -13.42 -40.29 2.68
CA ARG D 282 -12.46 -39.35 2.12
C ARG D 282 -12.13 -38.23 3.11
N ALA D 283 -13.17 -37.73 3.83
CA ALA D 283 -12.93 -36.71 4.81
C ALA D 283 -11.98 -37.16 5.91
N VAL D 284 -12.12 -38.41 6.32
CA VAL D 284 -11.26 -38.96 7.34
C VAL D 284 -9.87 -38.98 6.81
N GLU D 285 -9.70 -39.49 5.59
CA GLU D 285 -8.38 -39.56 4.96
C GLU D 285 -7.62 -38.22 4.82
N ILE D 286 -8.27 -37.20 4.29
CA ILE D 286 -7.59 -35.96 4.13
C ILE D 286 -7.38 -35.25 5.47
N SER D 287 -8.30 -35.44 6.42
CA SER D 287 -8.12 -34.86 7.73
C SER D 287 -6.93 -35.48 8.45
N ALA D 288 -6.77 -36.80 8.34
CA ALA D 288 -5.64 -37.49 8.94
C ALA D 288 -4.30 -37.08 8.32
N GLN D 289 -4.25 -37.02 6.98
CA GLN D 289 -3.11 -36.51 6.27
C GLN D 289 -2.76 -35.08 6.71
N TYR D 290 -3.76 -34.22 6.78
CA TYR D 290 -3.46 -32.84 7.19
C TYR D 290 -2.94 -32.78 8.63
N ALA D 291 -3.55 -33.58 9.51
CA ALA D 291 -3.13 -33.54 10.93
C ALA D 291 -1.65 -34.04 11.11
N ASN D 292 -1.18 -34.94 10.23
CA ASN D 292 0.23 -35.39 10.28
C ASN D 292 1.20 -34.33 9.77
N GLN D 293 0.75 -33.45 8.88
N GLN D 293 0.72 -33.44 8.91
CA GLN D 293 1.67 -32.47 8.29
CA GLN D 293 1.62 -32.46 8.28
C GLN D 293 1.65 -31.09 8.96
C GLN D 293 1.66 -31.13 9.03
N ARG D 294 0.50 -30.68 9.47
CA ARG D 294 0.38 -29.36 10.03
C ARG D 294 1.02 -29.33 11.40
N GLN D 295 1.97 -28.44 11.61
CA GLN D 295 2.53 -28.28 12.93
C GLN D 295 2.11 -26.98 13.60
N GLN D 296 1.81 -27.05 14.90
CA GLN D 296 1.66 -25.87 15.76
C GLN D 296 2.29 -26.22 17.09
N PHE D 297 2.78 -25.22 17.81
CA PHE D 297 3.48 -25.41 19.11
C PHE D 297 4.58 -26.46 18.95
N LYS D 298 5.25 -26.43 17.79
CA LYS D 298 6.42 -27.29 17.48
C LYS D 298 6.15 -28.78 17.31
N GLN D 299 4.89 -29.13 17.04
CA GLN D 299 4.55 -30.52 16.80
C GLN D 299 3.38 -30.70 15.83
N PRO D 300 3.32 -31.85 15.14
CA PRO D 300 2.16 -32.16 14.32
C PRO D 300 0.92 -32.07 15.20
N ILE D 301 -0.14 -31.45 14.67
CA ILE D 301 -1.36 -31.36 15.46
C ILE D 301 -1.95 -32.76 15.68
N ALA D 302 -1.56 -33.71 14.82
CA ALA D 302 -1.85 -35.14 15.09
C ALA D 302 -1.52 -35.58 16.54
N ARG D 303 -0.60 -34.89 17.21
N ARG D 303 -0.60 -34.89 17.20
CA ARG D 303 -0.18 -35.25 18.59
CA ARG D 303 -0.18 -35.25 18.57
C ARG D 303 -1.12 -34.76 19.67
C ARG D 303 -1.11 -34.75 19.66
N PHE D 304 -2.08 -33.91 19.30
CA PHE D 304 -3.00 -33.36 20.27
C PHE D 304 -4.19 -34.30 20.46
N PRO D 305 -4.48 -34.71 21.71
CA PRO D 305 -5.61 -35.57 21.99
C PRO D 305 -6.95 -35.09 21.41
N LEU D 306 -7.21 -33.78 21.43
CA LEU D 306 -8.46 -33.26 20.86
C LEU D 306 -8.60 -33.60 19.36
N ILE D 307 -7.50 -33.54 18.63
CA ILE D 307 -7.52 -33.85 17.19
C ILE D 307 -7.69 -35.37 16.99
N GLN D 308 -6.99 -36.16 17.81
CA GLN D 308 -7.19 -37.64 17.83
C GLN D 308 -8.65 -38.00 18.13
N GLU D 309 -9.24 -37.29 19.08
CA GLU D 309 -10.60 -37.61 19.46
C GLU D 309 -11.57 -37.30 18.34
N LYS D 310 -11.36 -36.21 17.58
CA LYS D 310 -12.20 -35.92 16.44
C LYS D 310 -12.08 -37.01 15.36
N LEU D 311 -10.85 -37.38 15.02
CA LEU D 311 -10.62 -38.44 14.07
C LEU D 311 -11.24 -39.77 14.48
N ALA D 312 -11.18 -40.06 15.78
CA ALA D 312 -11.73 -41.33 16.24
C ALA D 312 -13.25 -41.31 16.12
N ASN D 313 -13.90 -40.17 16.42
CA ASN D 313 -15.35 -40.05 16.31
C ASN D 313 -15.80 -40.17 14.85
N ALA D 315 -14.16 -41.72 12.37
CA ALA D 315 -13.91 -43.13 11.93
C ALA D 315 -14.92 -44.12 12.48
N ALA D 316 -15.24 -44.01 13.76
CA ALA D 316 -16.22 -44.92 14.37
C ALA D 316 -17.64 -44.72 13.77
N LYS D 317 -18.03 -43.48 13.55
CA LYS D 317 -19.34 -43.27 12.93
C LYS D 317 -19.29 -43.79 11.51
N THR D 318 -18.18 -43.58 10.82
CA THR D 318 -18.05 -44.09 9.44
C THR D 318 -18.14 -45.62 9.43
N TYR D 319 -17.52 -46.29 10.41
CA TYR D 319 -17.64 -47.78 10.49
C TYR D 319 -19.11 -48.18 10.62
N ALA D 320 -19.82 -47.51 11.53
CA ALA D 320 -21.23 -47.87 11.78
C ALA D 320 -22.05 -47.65 10.49
N ALA D 321 -21.74 -46.57 9.75
CA ALA D 321 -22.48 -46.21 8.51
C ALA D 321 -22.16 -47.18 7.42
N GLU D 322 -20.89 -47.48 7.25
CA GLU D 322 -20.51 -48.39 6.19
C GLU D 322 -21.18 -49.76 6.47
N SER D 323 -21.16 -50.19 7.73
CA SER D 323 -21.61 -51.54 8.09
C SER D 323 -23.11 -51.62 7.85
N SER D 324 -23.83 -50.57 8.25
CA SER D 324 -25.27 -50.61 8.07
C SER D 324 -25.71 -50.43 6.60
N VAL D 325 -25.01 -49.61 5.82
CA VAL D 325 -25.43 -49.45 4.41
C VAL D 325 -25.17 -50.72 3.60
N TYR D 326 -24.01 -51.33 3.77
CA TYR D 326 -23.75 -52.55 3.00
C TYR D 326 -24.63 -53.73 3.46
N ARG D 327 -25.03 -53.73 4.72
CA ARG D 327 -26.04 -54.68 5.16
C ARG D 327 -27.34 -54.54 4.36
N THR D 328 -27.80 -53.30 4.14
CA THR D 328 -28.99 -53.09 3.32
C THR D 328 -28.75 -53.56 1.87
N VAL D 329 -27.58 -53.21 1.31
CA VAL D 329 -27.30 -53.62 -0.06
C VAL D 329 -27.38 -55.17 -0.17
N GLY D 330 -26.85 -55.85 0.85
CA GLY D 330 -26.88 -57.31 0.89
C GLY D 330 -28.29 -57.86 0.91
N LEU D 331 -29.18 -57.19 1.64
CA LEU D 331 -30.58 -57.63 1.73
C LEU D 331 -31.28 -57.57 0.36
N PHE D 332 -31.06 -56.47 -0.33
CA PHE D 332 -31.57 -56.27 -1.68
C PHE D 332 -30.99 -57.33 -2.60
N GLU D 333 -29.69 -57.56 -2.49
CA GLU D 333 -29.02 -58.54 -3.32
C GLU D 333 -29.56 -59.97 -3.06
N SER D 334 -29.76 -60.31 -1.80
CA SER D 334 -30.26 -61.64 -1.47
C SER D 334 -31.67 -61.86 -2.01
N ARG D 335 -32.54 -60.85 -1.97
CA ARG D 335 -33.82 -60.94 -2.67
C ARG D 335 -33.67 -61.05 -4.21
N SER D 337 -31.12 -62.50 -5.88
CA SER D 337 -30.62 -63.84 -6.22
C SER D 337 -31.73 -64.92 -6.34
N THR D 338 -32.84 -64.70 -5.63
CA THR D 338 -34.04 -65.54 -5.71
C THR D 338 -34.72 -65.44 -7.08
N LEU D 339 -34.52 -64.30 -7.75
CA LEU D 339 -35.21 -64.02 -9.00
C LEU D 339 -34.50 -64.66 -10.19
N SER D 340 -35.28 -65.17 -11.13
CA SER D 340 -34.78 -65.77 -12.38
C SER D 340 -34.30 -64.70 -13.36
N GLU D 341 -33.88 -65.13 -14.54
CA GLU D 341 -33.47 -64.20 -15.61
C GLU D 341 -34.59 -63.22 -16.00
N GLU D 342 -35.73 -63.75 -16.45
CA GLU D 342 -36.84 -62.90 -16.95
C GLU D 342 -37.64 -62.13 -15.88
N GLU D 343 -37.57 -62.57 -14.63
CA GLU D 343 -38.13 -61.77 -13.53
C GLU D 343 -37.35 -60.47 -13.41
N VAL D 344 -36.02 -60.60 -13.35
CA VAL D 344 -35.08 -59.48 -13.31
C VAL D 344 -35.34 -58.51 -14.48
N LYS D 345 -35.49 -59.05 -15.69
CA LYS D 345 -35.68 -58.21 -16.87
C LYS D 345 -37.04 -57.49 -16.88
N ASP D 346 -38.06 -58.12 -16.29
CA ASP D 346 -39.42 -57.54 -16.13
C ASP D 346 -39.45 -56.37 -15.12
N GLY D 347 -38.38 -56.24 -14.34
CA GLY D 347 -38.18 -55.08 -13.46
C GLY D 347 -39.12 -54.92 -12.27
N LYS D 348 -40.39 -55.31 -12.42
CA LYS D 348 -41.37 -55.14 -11.33
C LYS D 348 -40.92 -55.86 -10.04
N ALA D 349 -40.24 -57.00 -10.20
CA ALA D 349 -39.76 -57.81 -9.07
C ALA D 349 -38.45 -57.28 -8.42
N VAL D 350 -37.57 -56.66 -9.23
CA VAL D 350 -36.36 -55.96 -8.73
C VAL D 350 -36.80 -54.87 -7.74
N ALA D 351 -37.78 -54.06 -8.15
CA ALA D 351 -38.40 -53.01 -7.31
C ALA D 351 -38.98 -53.54 -5.97
N ALA D 352 -39.75 -54.64 -6.06
CA ALA D 352 -40.31 -55.30 -4.84
C ALA D 352 -39.21 -55.82 -3.93
N SER D 353 -38.13 -56.30 -4.54
CA SER D 353 -36.96 -56.73 -3.80
C SER D 353 -36.34 -55.68 -2.83
N ILE D 354 -36.32 -54.38 -3.17
CA ILE D 354 -35.85 -53.36 -2.17
C ILE D 354 -36.99 -52.68 -1.45
N ALA D 355 -38.18 -52.59 -2.07
CA ALA D 355 -39.37 -52.05 -1.42
C ALA D 355 -39.64 -52.71 -0.06
N GLU D 356 -39.38 -54.01 -0.03
CA GLU D 356 -39.43 -54.85 1.18
C GLU D 356 -38.62 -54.15 2.27
N TYR D 357 -37.53 -53.52 1.83
CA TYR D 357 -36.56 -52.89 2.74
C TYR D 357 -36.61 -51.36 2.80
N ALA D 358 -37.80 -50.82 2.61
CA ALA D 358 -38.00 -49.36 2.74
C ALA D 358 -37.54 -48.77 4.07
N ILE D 359 -37.75 -49.48 5.17
CA ILE D 359 -37.27 -48.97 6.46
C ILE D 359 -35.74 -48.84 6.46
N GLU D 360 -35.05 -49.93 6.13
CA GLU D 360 -33.62 -49.91 6.12
C GLU D 360 -33.04 -48.83 5.15
N CYS D 361 -33.68 -48.62 3.99
CA CYS D 361 -33.22 -47.59 3.05
C CYS D 361 -33.33 -46.19 3.65
N SER D 362 -34.47 -45.88 4.30
CA SER D 362 -34.63 -44.57 4.96
C SER D 362 -33.65 -44.40 6.10
N LEU D 363 -33.42 -45.46 6.86
CA LEU D 363 -32.46 -45.36 7.96
C LEU D 363 -31.07 -45.06 7.41
N ASN D 364 -30.66 -45.78 6.36
CA ASN D 364 -29.36 -45.50 5.74
C ASN D 364 -29.24 -44.06 5.22
N LYS D 365 -30.28 -43.60 4.56
CA LYS D 365 -30.25 -42.25 4.01
C LYS D 365 -29.99 -41.21 5.11
N VAL D 366 -30.74 -41.29 6.22
CA VAL D 366 -30.64 -40.32 7.30
C VAL D 366 -29.33 -40.51 8.06
N PHE D 367 -29.02 -41.76 8.41
CA PHE D 367 -27.82 -41.99 9.19
C PHE D 367 -26.56 -41.64 8.41
N GLY D 368 -26.42 -42.15 7.19
CA GLY D 368 -25.30 -41.80 6.31
C GLY D 368 -25.12 -40.30 6.09
N SER D 369 -26.21 -39.59 5.80
CA SER D 369 -26.12 -38.16 5.57
C SER D 369 -25.72 -37.40 6.82
N GLU D 370 -26.24 -37.80 7.98
CA GLU D 370 -25.84 -37.18 9.22
C GLU D 370 -24.40 -37.49 9.67
N VAL D 371 -23.94 -38.69 9.45
CA VAL D 371 -22.54 -39.00 9.70
C VAL D 371 -21.57 -38.19 8.80
N LEU D 372 -21.87 -38.11 7.50
CA LEU D 372 -21.06 -37.30 6.64
C LEU D 372 -21.10 -35.81 7.12
N ASP D 373 -22.27 -35.33 7.48
CA ASP D 373 -22.39 -33.94 7.93
C ASP D 373 -21.43 -33.71 9.12
N TYR D 374 -21.30 -34.67 10.01
CA TYR D 374 -20.46 -34.52 11.18
C TYR D 374 -18.99 -34.63 10.74
N THR D 375 -18.67 -35.60 9.88
CA THR D 375 -17.26 -35.74 9.47
C THR D 375 -16.73 -34.60 8.62
N VAL D 376 -17.52 -33.98 7.74
CA VAL D 376 -17.01 -32.80 7.02
C VAL D 376 -16.90 -31.59 7.96
N ASP D 377 -17.77 -31.50 8.95
CA ASP D 377 -17.65 -30.40 9.88
C ASP D 377 -16.38 -30.49 10.71
N GLU D 378 -16.06 -31.69 11.24
CA GLU D 378 -14.85 -31.87 12.03
C GLU D 378 -13.63 -31.78 11.12
N GLY D 379 -13.74 -32.24 9.88
CA GLY D 379 -12.59 -32.13 8.93
C GLY D 379 -12.29 -30.64 8.68
N VAL D 380 -13.31 -29.84 8.53
CA VAL D 380 -13.03 -28.41 8.42
C VAL D 380 -12.36 -27.90 9.68
N GLN D 381 -12.84 -28.35 10.85
CA GLN D 381 -12.34 -27.80 12.10
C GLN D 381 -10.84 -28.19 12.22
N ILE D 382 -10.55 -29.41 11.84
CA ILE D 382 -9.17 -29.87 11.87
C ILE D 382 -8.21 -29.03 11.01
N HIS D 383 -8.71 -28.52 9.89
CA HIS D 383 -7.90 -27.69 9.01
C HIS D 383 -7.85 -26.26 9.52
N GLY D 384 -8.60 -25.92 10.57
CA GLY D 384 -8.64 -24.52 10.96
C GLY D 384 -9.00 -23.60 9.79
N GLY D 385 -8.32 -22.45 9.71
CA GLY D 385 -8.68 -21.45 8.70
C GLY D 385 -8.59 -21.96 7.27
N TYR D 386 -7.73 -22.97 7.03
CA TYR D 386 -7.60 -23.50 5.69
C TYR D 386 -8.89 -24.23 5.28
N GLY D 387 -9.69 -24.68 6.26
CA GLY D 387 -10.95 -25.35 5.98
C GLY D 387 -12.01 -24.40 5.40
N PHE D 388 -11.74 -23.11 5.53
CA PHE D 388 -12.74 -22.12 5.06
C PHE D 388 -12.25 -21.57 3.71
N ALA D 390 -11.38 -21.84 -0.35
CA ALA D 390 -11.75 -22.63 -1.56
C ALA D 390 -10.61 -23.46 -2.13
N GLU D 391 -9.37 -23.13 -1.82
CA GLU D 391 -8.29 -23.97 -2.34
C GLU D 391 -8.19 -25.37 -1.70
N TYR D 392 -8.94 -25.61 -0.62
CA TYR D 392 -8.86 -26.90 0.07
C TYR D 392 -10.08 -27.78 -0.21
N GLU D 393 -9.84 -29.06 -0.49
CA GLU D 393 -10.86 -30.06 -0.79
C GLU D 393 -11.93 -30.13 0.34
N ILE D 394 -11.52 -30.04 1.60
CA ILE D 394 -12.52 -30.16 2.66
C ILE D 394 -13.57 -29.04 2.60
N GLU D 395 -13.17 -27.87 2.13
CA GLU D 395 -14.09 -26.74 1.98
C GLU D 395 -15.26 -27.04 1.04
N ARG D 396 -14.93 -27.64 -0.10
CA ARG D 396 -15.94 -28.06 -1.05
C ARG D 396 -16.77 -29.20 -0.52
N TYR D 398 -17.58 -29.78 2.52
CA TYR D 398 -18.44 -29.21 3.53
C TYR D 398 -19.68 -28.61 2.88
N ARG D 399 -19.50 -27.83 1.83
CA ARG D 399 -20.68 -27.26 1.11
C ARG D 399 -21.51 -28.32 0.37
N ASP D 400 -20.85 -29.29 -0.27
CA ASP D 400 -21.56 -30.36 -1.00
C ASP D 400 -22.46 -31.19 -0.07
N SER D 401 -21.95 -31.52 1.12
CA SER D 401 -22.64 -32.40 2.05
C SER D 401 -24.08 -31.90 2.38
N ARG D 402 -24.29 -30.59 2.44
CA ARG D 402 -25.49 -30.05 3.11
C ARG D 402 -26.81 -30.48 2.45
N ILE D 403 -26.80 -30.67 1.14
CA ILE D 403 -28.03 -30.98 0.42
C ILE D 403 -28.41 -32.45 0.63
N ASN D 404 -27.49 -33.32 1.08
CA ASN D 404 -27.85 -34.73 1.24
C ASN D 404 -28.93 -34.95 2.31
N ARG D 405 -29.03 -34.01 3.25
CA ARG D 405 -30.06 -34.13 4.31
C ARG D 405 -31.44 -33.65 3.81
N ILE D 406 -31.46 -33.16 2.59
CA ILE D 406 -32.68 -32.60 2.00
C ILE D 406 -33.16 -33.40 0.80
N PHE D 407 -32.28 -33.78 -0.11
CA PHE D 407 -32.87 -34.51 -1.23
C PHE D 407 -33.05 -36.02 -0.98
N GLU D 408 -33.78 -36.73 -1.87
CA GLU D 408 -34.30 -38.09 -1.56
C GLU D 408 -35.21 -38.13 -0.34
N GLY D 409 -36.01 -37.08 -0.22
CA GLY D 409 -36.83 -36.97 0.98
C GLY D 409 -36.00 -36.30 2.07
N THR D 410 -36.52 -35.23 2.67
CA THR D 410 -35.77 -34.57 3.73
C THR D 410 -35.59 -35.60 4.83
N ASN D 411 -34.58 -35.42 5.68
CA ASN D 411 -34.43 -36.31 6.80
C ASN D 411 -35.62 -36.32 7.79
N GLU D 412 -36.36 -35.20 7.90
CA GLU D 412 -37.64 -35.22 8.66
C GLU D 412 -38.63 -36.22 8.05
N ILE D 413 -38.83 -36.14 6.74
CA ILE D 413 -39.78 -37.02 6.10
C ILE D 413 -39.34 -38.48 6.23
N ASN D 414 -38.07 -38.76 5.93
CA ASN D 414 -37.53 -40.11 6.15
C ASN D 414 -37.68 -40.64 7.57
N ARG D 415 -37.51 -39.77 8.57
CA ARG D 415 -37.76 -40.20 9.93
C ARG D 415 -39.25 -40.48 10.19
N LEU D 416 -40.12 -39.59 9.72
CA LEU D 416 -41.57 -39.72 9.97
C LEU D 416 -42.17 -40.99 9.40
N ILE D 417 -41.66 -41.46 8.27
CA ILE D 417 -42.26 -42.63 7.65
C ILE D 417 -41.83 -43.98 8.23
N VAL D 418 -40.71 -44.01 8.94
CA VAL D 418 -40.24 -45.25 9.57
C VAL D 418 -41.26 -45.92 10.53
N PRO D 419 -41.75 -45.21 11.58
CA PRO D 419 -42.68 -45.89 12.48
C PRO D 419 -43.95 -46.35 11.77
N GLY D 420 -44.38 -45.55 10.80
CA GLY D 420 -45.62 -45.86 10.11
C GLY D 420 -45.46 -47.08 9.23
N THR D 421 -44.25 -47.31 8.72
CA THR D 421 -43.97 -48.47 7.89
C THR D 421 -43.93 -49.72 8.77
N PHE D 422 -43.32 -49.60 9.94
CA PHE D 422 -43.40 -50.67 10.94
C PHE D 422 -44.84 -51.05 11.24
N LEU D 423 -45.68 -50.04 11.40
CA LEU D 423 -47.09 -50.27 11.77
C LEU D 423 -47.93 -50.90 10.64
N ARG D 424 -47.71 -50.48 9.40
N ARG D 424 -47.71 -50.46 9.41
CA ARG D 424 -48.37 -51.13 8.26
CA ARG D 424 -48.29 -51.08 8.22
C ARG D 424 -47.95 -52.60 8.13
C ARG D 424 -47.94 -52.57 8.15
N LYS D 425 -46.67 -52.89 8.39
CA LYS D 425 -46.18 -54.28 8.39
C LYS D 425 -46.79 -55.12 9.52
N ALA D 426 -47.00 -54.49 10.68
CA ALA D 426 -47.67 -55.12 11.80
C ALA D 426 -49.13 -55.39 11.49
N LYS D 428 -50.59 -55.84 8.52
CA LYS D 428 -50.63 -56.95 7.56
C LYS D 428 -50.20 -58.26 8.22
N GLY D 429 -49.69 -58.17 9.45
CA GLY D 429 -49.23 -59.35 10.17
C GLY D 429 -47.91 -59.89 9.64
N GLU D 430 -47.19 -59.09 8.87
CA GLU D 430 -45.85 -59.46 8.42
C GLU D 430 -44.82 -59.33 9.57
N LEU D 431 -45.12 -58.47 10.53
CA LEU D 431 -44.28 -58.32 11.73
C LEU D 431 -45.09 -58.51 13.02
N PRO D 432 -44.63 -59.42 13.89
CA PRO D 432 -45.40 -59.75 15.09
C PRO D 432 -45.20 -58.71 16.19
N LEU D 433 -45.42 -57.43 15.87
CA LEU D 433 -45.15 -56.34 16.84
C LEU D 433 -46.08 -56.32 18.04
N LEU D 434 -47.28 -56.91 17.90
CA LEU D 434 -48.25 -56.93 19.00
C LEU D 434 -47.90 -58.02 20.00
N GLN D 435 -47.65 -59.24 19.52
CA GLN D 435 -47.24 -60.36 20.38
C GLN D 435 -45.92 -60.05 21.13
N LYS D 436 -44.94 -59.50 20.42
CA LYS D 436 -43.62 -59.21 20.99
C LYS D 436 -43.74 -58.18 22.11
N ALA D 437 -44.55 -57.14 21.87
CA ALA D 437 -44.72 -56.01 22.81
C ALA D 437 -45.45 -56.39 24.11
N GLN D 438 -46.41 -57.31 24.01
CA GLN D 438 -47.11 -57.85 25.17
C GLN D 438 -46.17 -58.75 25.98
N LYS D 439 -45.42 -59.60 25.27
CA LYS D 439 -44.48 -60.52 25.90
C LYS D 439 -43.33 -59.81 26.62
N LEU D 440 -42.98 -58.63 26.12
CA LEU D 440 -42.02 -57.78 26.80
C LEU D 440 -42.62 -57.14 28.04
N GLN D 441 -43.81 -56.57 27.92
CA GLN D 441 -44.47 -55.89 29.03
C GLN D 441 -44.73 -56.84 30.22
N GLU D 442 -44.58 -58.15 29.94
CA GLU D 442 -44.58 -59.20 30.96
C GLU D 442 -43.17 -59.58 31.45
N GLU D 443 -42.19 -59.74 30.57
CA GLU D 443 -40.81 -59.98 31.00
C GLU D 443 -40.27 -58.87 31.90
N LEU D 444 -40.83 -57.67 31.74
CA LEU D 444 -40.43 -56.48 32.50
C LEU D 444 -40.75 -56.56 33.99
N VAL D 452 -21.56 -60.16 32.68
CA VAL D 452 -22.56 -60.13 31.62
C VAL D 452 -22.26 -61.19 30.56
N GLY D 453 -20.98 -61.57 30.44
CA GLY D 453 -20.55 -62.53 29.42
C GLY D 453 -19.05 -62.45 29.25
N ASP D 454 -18.45 -63.52 28.73
CA ASP D 454 -17.00 -63.62 28.61
C ASP D 454 -16.56 -63.33 27.19
N GLU D 455 -17.45 -63.64 26.25
CA GLU D 455 -17.24 -63.39 24.83
C GLU D 455 -16.72 -61.97 24.49
N PRO D 456 -15.91 -61.87 23.44
CA PRO D 456 -15.73 -60.53 22.84
C PRO D 456 -17.11 -59.98 22.46
N LEU D 457 -17.34 -58.69 22.70
CA LEU D 457 -18.58 -58.03 22.26
C LEU D 457 -19.82 -58.35 23.08
N ALA D 458 -19.62 -59.07 24.20
CA ALA D 458 -20.72 -59.49 25.06
C ALA D 458 -21.55 -58.28 25.48
N LEU D 459 -20.88 -57.25 25.98
CA LEU D 459 -21.56 -56.03 26.39
C LEU D 459 -22.36 -55.40 25.25
N GLN D 460 -21.74 -55.32 24.07
CA GLN D 460 -22.36 -54.69 22.91
C GLN D 460 -23.59 -55.47 22.39
N LYS D 461 -23.50 -56.80 22.43
CA LYS D 461 -24.64 -57.65 22.11
C LYS D 461 -25.79 -57.45 23.10
N TYR D 462 -25.44 -57.33 24.38
CA TYR D 462 -26.40 -57.01 25.41
C TYR D 462 -27.12 -55.66 25.11
N LEU D 463 -26.34 -54.61 24.83
CA LEU D 463 -26.87 -53.29 24.50
C LEU D 463 -27.79 -53.32 23.27
N VAL D 464 -27.35 -54.03 22.23
CA VAL D 464 -28.18 -54.21 21.04
C VAL D 464 -29.52 -54.86 21.41
N ASN D 465 -29.46 -55.94 22.17
CA ASN D 465 -30.67 -56.59 22.65
C ASN D 465 -31.58 -55.71 23.47
N ASN D 466 -31.03 -54.98 24.45
CA ASN D 466 -31.85 -54.05 25.22
C ASN D 466 -32.43 -52.89 24.40
N ALA D 467 -31.68 -52.46 23.37
CA ALA D 467 -32.13 -51.38 22.49
C ALA D 467 -33.40 -51.79 21.71
N LYS D 468 -33.43 -53.04 21.25
CA LYS D 468 -34.62 -53.66 20.64
C LYS D 468 -35.83 -53.56 21.57
N LYS D 469 -35.64 -54.00 22.81
CA LYS D 469 -36.71 -53.96 23.82
C LYS D 469 -37.15 -52.50 24.08
N ILE D 470 -36.19 -51.58 24.13
CA ILE D 470 -36.50 -50.19 24.47
C ILE D 470 -37.34 -49.59 23.36
N GLY D 471 -36.92 -49.82 22.11
CA GLY D 471 -37.65 -49.39 20.93
C GLY D 471 -39.08 -49.90 20.88
N LEU D 472 -39.23 -51.21 21.01
CA LEU D 472 -40.57 -51.83 21.07
C LEU D 472 -41.44 -51.28 22.21
N VAL D 474 -41.33 -48.33 23.91
CA VAL D 474 -41.66 -46.94 23.65
C VAL D 474 -42.67 -46.80 22.50
N ALA D 475 -42.43 -47.49 21.39
CA ALA D 475 -43.37 -47.46 20.28
C ALA D 475 -44.74 -48.01 20.68
N GLY D 476 -44.73 -49.11 21.43
CA GLY D 476 -45.94 -49.73 22.00
C GLY D 476 -46.75 -48.78 22.88
N LEU D 477 -46.10 -48.11 23.83
CA LEU D 477 -46.79 -47.17 24.68
C LEU D 477 -47.37 -45.96 23.95
N ALA D 478 -46.65 -45.48 22.94
CA ALA D 478 -47.13 -44.36 22.13
C ALA D 478 -48.34 -44.71 21.24
N ALA D 479 -48.28 -45.87 20.58
CA ALA D 479 -49.41 -46.37 19.76
C ALA D 479 -50.68 -46.57 20.61
N GLN D 480 -50.48 -47.03 21.84
CA GLN D 480 -51.57 -47.34 22.75
C GLN D 480 -52.18 -46.07 23.35
N LYS D 481 -51.35 -45.08 23.63
CA LYS D 481 -51.83 -43.80 24.12
C LYS D 481 -52.58 -43.07 23.03
N TYR D 482 -52.03 -43.04 21.83
CA TYR D 482 -52.51 -42.14 20.80
C TYR D 482 -53.39 -42.77 19.71
N GLY D 483 -53.18 -44.06 19.45
CA GLY D 483 -53.98 -44.80 18.46
C GLY D 483 -53.76 -44.31 17.05
N LYS D 484 -54.83 -44.23 16.27
CA LYS D 484 -54.77 -43.75 14.88
C LYS D 484 -54.14 -42.36 14.75
N ALA D 485 -54.38 -41.50 15.74
CA ALA D 485 -53.94 -40.11 15.69
C ALA D 485 -52.45 -39.92 16.07
N LEU D 486 -51.71 -41.02 16.17
CA LEU D 486 -50.28 -41.00 16.46
C LEU D 486 -49.49 -40.26 15.36
N ASP D 487 -49.96 -40.36 14.11
CA ASP D 487 -49.35 -39.66 12.98
C ASP D 487 -49.22 -38.14 13.16
N LYS D 488 -50.02 -37.54 14.05
CA LYS D 488 -49.90 -36.12 14.37
C LYS D 488 -48.81 -35.81 15.39
N GLU D 489 -48.39 -36.83 16.15
CA GLU D 489 -47.42 -36.63 17.22
C GLU D 489 -45.99 -36.76 16.69
N GLN D 490 -45.60 -35.79 15.87
CA GLN D 490 -44.35 -35.87 15.11
C GLN D 490 -43.09 -36.02 15.96
N GLU D 491 -43.03 -35.32 17.08
CA GLU D 491 -41.84 -35.34 17.94
C GLU D 491 -41.56 -36.73 18.47
N ILE D 492 -42.61 -37.41 18.90
CA ILE D 492 -42.51 -38.79 19.36
C ILE D 492 -42.15 -39.75 18.22
N LEU D 493 -42.77 -39.55 17.07
CA LEU D 493 -42.46 -40.40 15.89
C LEU D 493 -40.97 -40.36 15.54
N VAL D 494 -40.40 -39.15 15.55
CA VAL D 494 -38.99 -38.95 15.25
C VAL D 494 -38.08 -39.58 16.31
N ASN D 495 -38.48 -39.49 17.58
CA ASN D 495 -37.76 -40.16 18.67
C ASN D 495 -37.71 -41.68 18.43
N ILE D 496 -38.86 -42.23 18.03
CA ILE D 496 -38.93 -43.68 17.76
C ILE D 496 -38.02 -44.02 16.58
N ALA D 497 -38.08 -43.19 15.54
CA ALA D 497 -37.28 -43.41 14.33
C ALA D 497 -35.78 -43.35 14.63
N ASP D 498 -35.40 -42.43 15.53
CA ASP D 498 -34.02 -42.24 15.94
C ASP D 498 -33.55 -43.42 16.81
N ILE D 499 -34.44 -43.96 17.65
CA ILE D 499 -34.09 -45.20 18.33
C ILE D 499 -33.79 -46.33 17.35
N VAL D 500 -34.66 -46.49 16.37
CA VAL D 500 -34.53 -47.59 15.42
C VAL D 500 -33.27 -47.40 14.57
N SER D 501 -32.93 -46.14 14.25
CA SER D 501 -31.76 -45.87 13.42
C SER D 501 -30.49 -46.26 14.18
N ASN D 502 -30.39 -45.80 15.42
CA ASN D 502 -29.22 -46.14 16.25
C ASN D 502 -29.11 -47.65 16.49
N LEU D 503 -30.25 -48.30 16.72
CA LEU D 503 -30.26 -49.73 16.94
C LEU D 503 -29.74 -50.44 15.68
N TYR D 504 -30.22 -50.02 14.52
CA TYR D 504 -29.81 -50.64 13.25
C TYR D 504 -28.31 -50.49 13.02
N ALA D 505 -27.80 -49.28 13.24
CA ALA D 505 -26.38 -49.03 13.09
C ALA D 505 -25.53 -49.82 14.08
N GLU D 507 -26.31 -52.68 15.74
CA GLU D 507 -26.37 -54.10 15.43
C GLU D 507 -25.54 -54.44 14.18
N SER D 508 -25.56 -53.54 13.19
CA SER D 508 -24.77 -53.75 11.97
C SER D 508 -23.27 -53.77 12.29
N ALA D 509 -22.82 -52.81 13.10
CA ALA D 509 -21.44 -52.77 13.56
C ALA D 509 -21.09 -54.05 14.36
N VAL D 510 -21.97 -54.42 15.31
CA VAL D 510 -21.76 -55.58 16.18
C VAL D 510 -21.67 -56.88 15.34
N LEU D 511 -22.66 -57.13 14.49
CA LEU D 511 -22.66 -58.35 13.68
C LEU D 511 -21.52 -58.39 12.68
N ARG D 512 -21.12 -57.22 12.15
CA ARG D 512 -19.99 -57.21 11.22
C ARG D 512 -18.68 -57.58 11.95
N THR D 513 -18.54 -57.03 13.15
CA THR D 513 -17.35 -57.25 13.95
C THR D 513 -17.28 -58.73 14.45
N GLU D 514 -18.42 -59.24 14.91
CA GLU D 514 -18.55 -60.66 15.32
C GLU D 514 -18.17 -61.59 14.18
N LYS D 515 -18.71 -61.27 13.01
CA LYS D 515 -18.42 -62.01 11.78
C LYS D 515 -16.93 -62.05 11.48
N ALA D 516 -16.30 -60.88 11.53
CA ALA D 516 -14.86 -60.73 11.32
C ALA D 516 -14.03 -61.55 12.33
N ILE D 517 -14.36 -61.42 13.62
CA ILE D 517 -13.68 -62.15 14.71
C ILE D 517 -13.74 -63.66 14.46
N LYS D 518 -14.94 -64.11 14.07
CA LYS D 518 -15.20 -65.51 13.73
C LYS D 518 -14.43 -66.04 12.48
N THR D 519 -14.09 -65.12 11.57
CA THR D 519 -13.45 -65.48 10.31
C THR D 519 -11.93 -65.36 10.36
N THR D 520 -11.44 -64.32 11.02
CA THR D 520 -10.01 -63.98 10.99
C THR D 520 -9.38 -63.80 12.38
N GLY D 521 -10.16 -64.01 13.43
CA GLY D 521 -9.66 -63.94 14.80
C GLY D 521 -9.76 -62.58 15.46
N LEU D 522 -9.74 -62.59 16.80
CA LEU D 522 -9.86 -61.38 17.60
C LEU D 522 -8.72 -60.41 17.29
N GLU D 523 -7.53 -60.97 17.19
CA GLU D 523 -6.26 -60.23 17.07
C GLU D 523 -6.17 -59.38 15.81
N LYS D 524 -6.74 -59.85 14.70
CA LYS D 524 -6.69 -59.07 13.47
C LYS D 524 -7.81 -58.02 13.40
N ASN D 525 -8.73 -58.07 14.35
CA ASN D 525 -9.91 -57.21 14.27
C ASN D 525 -10.07 -56.20 15.40
N LYS D 526 -8.95 -55.85 16.03
CA LYS D 526 -9.01 -54.93 17.14
C LYS D 526 -9.61 -53.56 16.75
N GLN D 527 -9.30 -53.08 15.54
CA GLN D 527 -9.80 -51.73 15.16
C GLN D 527 -11.34 -51.79 15.13
N LYS D 528 -11.87 -52.86 14.54
CA LYS D 528 -13.30 -53.10 14.51
C LYS D 528 -13.89 -53.17 15.90
N VAL D 529 -13.22 -53.84 16.82
CA VAL D 529 -13.76 -53.95 18.15
C VAL D 529 -13.80 -52.54 18.78
N LEU D 530 -12.76 -51.74 18.56
CA LEU D 530 -12.69 -50.41 19.19
C LEU D 530 -13.80 -49.51 18.67
N TYR D 531 -14.05 -49.57 17.37
CA TYR D 531 -15.13 -48.80 16.74
C TYR D 531 -16.48 -49.14 17.35
N THR D 532 -16.71 -50.44 17.45
CA THR D 532 -17.97 -50.99 17.91
C THR D 532 -18.23 -50.62 19.37
N GLU D 533 -17.23 -50.81 20.22
CA GLU D 533 -17.35 -50.41 21.64
C GLU D 533 -17.70 -48.94 21.79
N VAL D 534 -16.95 -48.08 21.09
CA VAL D 534 -17.11 -46.63 21.22
C VAL D 534 -18.44 -46.20 20.63
N PHE D 535 -18.77 -46.68 19.43
CA PHE D 535 -20.03 -46.33 18.81
C PHE D 535 -21.24 -46.80 19.63
N CYS D 536 -21.23 -48.08 20.05
CA CYS D 536 -22.37 -48.62 20.82
C CYS D 536 -22.65 -47.87 22.10
N GLN D 537 -21.61 -47.47 22.81
CA GLN D 537 -21.85 -46.78 24.07
C GLN D 537 -22.58 -45.44 23.87
N GLU D 538 -22.07 -44.64 22.93
CA GLU D 538 -22.63 -43.33 22.64
C GLU D 538 -23.99 -43.45 22.00
N ALA D 539 -24.16 -44.41 21.07
CA ALA D 539 -25.46 -44.63 20.42
C ALA D 539 -26.51 -45.08 21.44
N PHE D 540 -26.11 -45.97 22.33
CA PHE D 540 -27.03 -46.47 23.36
C PHE D 540 -27.45 -45.38 24.34
N ASN D 541 -26.52 -44.50 24.74
CA ASN D 541 -26.86 -43.30 25.47
C ASN D 541 -27.90 -42.39 24.77
N GLU D 542 -27.77 -42.21 23.46
CA GLU D 542 -28.80 -41.49 22.68
C GLU D 542 -30.17 -42.18 22.74
N ILE D 543 -30.16 -43.49 22.53
CA ILE D 543 -31.36 -44.29 22.68
C ILE D 543 -32.05 -44.06 24.04
N GLU D 544 -31.30 -44.13 25.12
CA GLU D 544 -31.87 -43.85 26.44
C GLU D 544 -32.56 -42.48 26.52
N ALA D 545 -31.86 -41.43 26.05
CA ALA D 545 -32.41 -40.09 26.09
C ALA D 545 -33.69 -39.98 25.24
N HIS D 546 -33.68 -40.55 24.03
CA HIS D 546 -34.86 -40.49 23.16
C HIS D 546 -36.01 -41.22 23.85
N ALA D 547 -35.69 -42.35 24.49
CA ALA D 547 -36.71 -43.13 25.19
C ALA D 547 -37.32 -42.36 26.37
N LYS D 548 -36.48 -41.71 27.19
N LYS D 548 -36.47 -41.70 27.17
CA LYS D 548 -36.98 -40.95 28.35
CA LYS D 548 -36.91 -40.95 28.34
C LYS D 548 -37.93 -39.84 27.92
C LYS D 548 -37.88 -39.83 27.95
N GLU D 549 -37.54 -39.07 26.90
CA GLU D 549 -38.36 -37.97 26.43
C GLU D 549 -39.73 -38.48 25.92
N THR D 550 -39.70 -39.62 25.21
CA THR D 550 -40.94 -40.21 24.72
C THR D 550 -41.87 -40.63 25.88
N LEU D 551 -41.31 -41.30 26.89
CA LEU D 551 -42.10 -41.78 28.03
C LEU D 551 -42.72 -40.60 28.76
N ILE D 552 -41.91 -39.56 28.99
CA ILE D 552 -42.37 -38.35 29.68
C ILE D 552 -43.54 -37.69 28.94
N ALA D 553 -43.56 -37.82 27.62
CA ALA D 553 -44.61 -37.22 26.82
C ALA D 553 -45.85 -38.13 26.74
N VAL D 554 -45.66 -39.43 26.96
CA VAL D 554 -46.73 -40.39 26.75
C VAL D 554 -47.52 -40.63 28.05
N GLU D 555 -46.86 -40.51 29.19
CA GLU D 555 -47.45 -40.89 30.45
C GLU D 555 -47.20 -39.87 31.55
N ASN D 556 -47.79 -40.13 32.72
CA ASN D 556 -47.66 -39.20 33.83
C ASN D 556 -47.90 -39.89 35.18
N GLY D 557 -47.60 -39.17 36.26
CA GLY D 557 -47.85 -39.64 37.62
C GLY D 557 -46.96 -40.80 38.03
N ASP D 558 -47.58 -41.77 38.70
N ASP D 558 -47.55 -41.80 38.67
CA ASP D 558 -46.89 -42.93 39.27
CA ASP D 558 -46.76 -42.91 39.24
C ASP D 558 -46.48 -43.93 38.19
C ASP D 558 -46.58 -44.09 38.28
N LEU D 560 -45.68 -43.23 35.21
CA LEU D 560 -44.50 -42.67 34.53
C LEU D 560 -43.23 -43.00 35.31
N ARG D 561 -43.25 -42.78 36.63
CA ARG D 561 -42.16 -43.17 37.54
C ARG D 561 -41.82 -44.65 37.31
N LEU D 564 -40.29 -45.36 33.66
CA LEU D 564 -38.93 -44.89 33.89
C LEU D 564 -38.05 -45.85 34.70
N SER D 565 -38.64 -46.58 35.66
CA SER D 565 -37.90 -47.62 36.40
C SER D 565 -37.57 -48.77 35.48
N SER D 566 -38.56 -49.16 34.68
CA SER D 566 -38.40 -50.19 33.67
C SER D 566 -37.32 -49.81 32.65
N LEU D 567 -37.29 -48.55 32.23
CA LEU D 567 -36.27 -48.10 31.27
C LEU D 567 -34.87 -48.18 31.91
N ARG D 568 -34.78 -47.70 33.16
CA ARG D 568 -33.56 -47.77 33.96
C ARG D 568 -33.04 -49.20 34.04
N LYS D 569 -33.93 -50.17 34.17
CA LYS D 569 -33.55 -51.59 34.17
C LYS D 569 -32.97 -52.05 32.83
N LEU D 570 -33.57 -51.58 31.74
CA LEU D 570 -33.07 -51.92 30.40
C LEU D 570 -31.76 -51.20 30.03
N THR D 571 -31.43 -50.12 30.75
CA THR D 571 -30.25 -49.32 30.39
C THR D 571 -29.03 -49.46 31.31
N ARG D 572 -29.21 -50.09 32.48
CA ARG D 572 -28.11 -50.30 33.42
C ARG D 572 -27.05 -51.22 32.83
N HIS D 573 -25.79 -50.79 32.90
CA HIS D 573 -24.63 -51.64 32.58
C HIS D 573 -23.37 -50.94 33.06
N THR D 574 -22.24 -51.61 32.94
CA THR D 574 -21.00 -50.97 33.34
C THR D 574 -20.43 -50.23 32.13
N PRO D 575 -20.32 -48.90 32.24
CA PRO D 575 -19.84 -48.11 31.10
C PRO D 575 -18.35 -48.34 30.88
N LEU D 576 -17.91 -48.21 29.64
CA LEU D 576 -16.52 -48.28 29.21
C LEU D 576 -15.86 -46.89 29.31
N ASN D 577 -14.55 -46.88 29.52
CA ASN D 577 -13.73 -45.69 29.37
C ASN D 577 -13.33 -45.49 27.90
N VAL D 578 -14.06 -44.63 27.18
CA VAL D 578 -13.84 -44.48 25.74
C VAL D 578 -12.61 -43.62 25.38
N ILE D 579 -12.18 -42.77 26.30
CA ILE D 579 -11.09 -41.81 26.01
C ILE D 579 -9.83 -42.53 25.49
N PRO D 580 -9.36 -43.55 26.26
CA PRO D 580 -8.22 -44.32 25.79
C PRO D 580 -8.53 -45.10 24.51
N LYS D 581 -9.76 -45.60 24.37
CA LYS D 581 -10.11 -46.37 23.17
C LYS D 581 -10.01 -45.47 21.92
N LYS D 582 -10.47 -44.24 22.06
CA LYS D 582 -10.41 -43.27 20.95
C LYS D 582 -8.97 -42.91 20.60
N ARG D 583 -8.09 -42.76 21.61
CA ARG D 583 -6.66 -42.52 21.30
C ARG D 583 -6.07 -43.65 20.45
N GLU D 584 -6.38 -44.89 20.85
CA GLU D 584 -5.96 -46.08 20.12
C GLU D 584 -6.55 -46.09 18.72
N ILE D 585 -7.83 -45.77 18.59
CA ILE D 585 -8.44 -45.68 17.24
C ILE D 585 -7.63 -44.70 16.37
N ALA D 586 -7.37 -43.52 16.94
CA ALA D 586 -6.71 -42.45 16.22
C ALA D 586 -5.29 -42.79 15.81
N ALA D 587 -4.60 -43.57 16.64
CA ALA D 587 -3.21 -43.90 16.38
C ALA D 587 -3.13 -44.72 15.10
N LYS D 588 -4.06 -45.65 14.93
CA LYS D 588 -4.12 -46.45 13.71
C LYS D 588 -4.55 -45.60 12.49
N ILE D 589 -5.56 -44.74 12.67
CA ILE D 589 -5.96 -43.86 11.57
C ILE D 589 -4.77 -43.00 11.11
N LEU D 590 -4.04 -42.44 12.06
CA LEU D 590 -2.92 -41.54 11.73
C LEU D 590 -1.71 -42.27 11.16
N GLU D 591 -1.53 -43.52 11.60
CA GLU D 591 -0.52 -44.40 11.03
C GLU D 591 -0.79 -44.69 9.55
N ASP D 592 -1.98 -45.17 9.22
CA ASP D 592 -2.34 -45.45 7.82
C ASP D 592 -2.70 -44.19 7.00
N GLU D 593 -3.01 -43.09 7.68
CA GLU D 593 -3.54 -41.86 7.04
C GLU D 593 -4.77 -42.12 6.18
N ARG D 594 -5.67 -42.95 6.70
CA ARG D 594 -6.92 -43.23 6.02
C ARG D 594 -7.78 -44.03 6.96
N TYR D 595 -9.09 -44.07 6.67
CA TYR D 595 -10.01 -44.91 7.36
C TYR D 595 -9.57 -46.35 7.05
N THR D 596 -9.44 -47.15 8.10
CA THR D 596 -9.18 -48.58 7.97
C THR D 596 -10.04 -49.34 8.97
N VAL D 597 -10.08 -50.66 8.78
CA VAL D 597 -10.99 -51.54 9.46
C VAL D 597 -10.27 -52.84 9.81
#